data_3RNJ
# 
_entry.id   3RNJ 
# 
_audit_conform.dict_name       mmcif_pdbx.dic 
_audit_conform.dict_version    5.379 
_audit_conform.dict_location   http://mmcif.pdb.org/dictionaries/ascii/mmcif_pdbx.dic 
# 
loop_
_database_2.database_id 
_database_2.database_code 
_database_2.pdbx_database_accession 
_database_2.pdbx_DOI 
PDB   3RNJ         pdb_00003rnj 10.2210/pdb3rnj/pdb 
RCSB  RCSB065150   ?            ?                   
WWPDB D_1000065150 ?            ?                   
# 
_pdbx_database_status.status_code                     REL 
_pdbx_database_status.entry_id                        3RNJ 
_pdbx_database_status.recvd_initial_deposition_date   2011-04-22 
_pdbx_database_status.deposit_site                    RCSB 
_pdbx_database_status.process_site                    RCSB 
_pdbx_database_status.status_code_sf                  REL 
_pdbx_database_status.status_code_mr                  ? 
_pdbx_database_status.SG_entry                        Y 
_pdbx_database_status.status_code_cs                  ? 
_pdbx_database_status.methods_development_category    ? 
_pdbx_database_status.pdb_format_compatible           Y 
_pdbx_database_status.status_code_nmr_data            ? 
# 
loop_
_audit_author.name 
_audit_author.pdbx_ordinal 
'Simister, P.C.'                       1  
'Barilari, M.'                         2  
'Muniz, J.R.C.'                        3  
'Dente, L.'                            4  
'Knapp, S.'                            5  
'von Delft, F.'                        6  
'Filippakopoulos, P.'                  7  
'Vollmar, M.'                          8  
'Chaikuad, A.'                         9  
'Raynor, J.'                           10 
'Tregubova, A.'                        11 
'Arrowsmith, C.H.'                     12 
'Edwards, A.M.'                        13 
'Weigelt, J.'                          14 
'Bountra, C.'                          15 
'Feller, S.M.'                         16 
'Structural Genomics Consortium (SGC)' 17 
# 
_citation.id                        primary 
_citation.title                     'Crystal structure of the SH3 domain from IRSp53 (BAIAP2)' 
_citation.journal_abbrev            'To be Published' 
_citation.journal_volume            ? 
_citation.page_first                ? 
_citation.page_last                 ? 
_citation.year                      ? 
_citation.journal_id_ASTM           ? 
_citation.country                   ? 
_citation.journal_id_ISSN           ? 
_citation.journal_id_CSD            0353 
_citation.book_publisher            ? 
_citation.pdbx_database_id_PubMed   ? 
_citation.pdbx_database_id_DOI      ? 
# 
loop_
_citation_author.citation_id 
_citation_author.name 
_citation_author.ordinal 
_citation_author.identifier_ORCID 
primary 'Simister, P.C.'                       1  ? 
primary 'Barilari, M.'                         2  ? 
primary 'Muniz, J.R.C.'                        3  ? 
primary 'Dente, L.'                            4  ? 
primary 'Knapp, S.'                            5  ? 
primary 'von Delft, F.'                        6  ? 
primary 'Filippakopoulos, P.'                  7  ? 
primary 'Vollmar, M.'                          8  ? 
primary 'Chaikuad, A.'                         9  ? 
primary 'Raynor, J.'                           10 ? 
primary 'Tregubova, A.'                        11 ? 
primary 'Arrowsmith, C.H.'                     12 ? 
primary 'M Edwards, A.'                        13 ? 
primary 'Weigelt, J.'                          14 ? 
primary 'Bountra, C.'                          15 ? 
primary 'Feller, S.M.'                         16 ? 
primary 'Structural Genomics Consortium (SGC)' 17 ? 
# 
_cell.entry_id           3RNJ 
_cell.length_a           29.960 
_cell.length_b           36.640 
_cell.length_c           58.110 
_cell.angle_alpha        90.00 
_cell.angle_beta         90.00 
_cell.angle_gamma        90.00 
_cell.Z_PDB              4 
_cell.pdbx_unique_axis   ? 
_cell.length_a_esd       ? 
_cell.length_b_esd       ? 
_cell.length_c_esd       ? 
_cell.angle_alpha_esd    ? 
_cell.angle_beta_esd     ? 
_cell.angle_gamma_esd    ? 
# 
_symmetry.entry_id                         3RNJ 
_symmetry.space_group_name_H-M             'P 21 21 21' 
_symmetry.pdbx_full_space_group_name_H-M   ? 
_symmetry.cell_setting                     ? 
_symmetry.Int_Tables_number                19 
_symmetry.space_group_name_Hall            ? 
# 
loop_
_entity.id 
_entity.type 
_entity.src_method 
_entity.pdbx_description 
_entity.formula_weight 
_entity.pdbx_number_of_molecules 
_entity.pdbx_ec 
_entity.pdbx_mutation 
_entity.pdbx_fragment 
_entity.details 
1 polymer     man 'Brain-specific angiogenesis inhibitor 1-associated protein 2'         7512.523 1  ? ? 
'SH3 domain, UNP residues 375-436' ? 
2 non-polymer syn '{[-(BIS-CARBOXYMETHYL-AMINO)-ETHYL]-CARBOXYMETHYL-AMINO}-ACETIC ACID' 292.243  1  ? ? ? ? 
3 non-polymer syn 1,2-ETHANEDIOL                                                         62.068   3  ? ? ? ? 
4 non-polymer syn 'ISOPROPYL ALCOHOL'                                                    60.095   1  ? ? ? ? 
5 water       nat water                                                                  18.015   86 ? ? ? ? 
# 
_entity_name_com.entity_id   1 
_entity_name_com.name        
;BAI-associated protein 2, BAI1-associated protein 2, Protein BAP2, Fas ligand-associated factor 3, FLAF3, Insulin receptor substrate p53/p58, IRS-58, IRSp53/58, Insulin receptor substrate protein of 53 kDa, IRSp53, Insulin receptor substrate p53
;
# 
_entity_poly.entity_id                      1 
_entity_poly.type                           'polypeptide(L)' 
_entity_poly.nstd_linkage                   no 
_entity_poly.nstd_monomer                   no 
_entity_poly.pdbx_seq_one_letter_code       GPLGSGRMRVKAIFSHAAGDNSTLLSFKEGDLITLLVPEARDGWHYGESEKTKMRGWFPFSYTRVLD 
_entity_poly.pdbx_seq_one_letter_code_can   GPLGSGRMRVKAIFSHAAGDNSTLLSFKEGDLITLLVPEARDGWHYGESEKTKMRGWFPFSYTRVLD 
_entity_poly.pdbx_strand_id                 A 
_entity_poly.pdbx_target_identifier         ? 
# 
loop_
_entity_poly_seq.entity_id 
_entity_poly_seq.num 
_entity_poly_seq.mon_id 
_entity_poly_seq.hetero 
1 1  GLY n 
1 2  PRO n 
1 3  LEU n 
1 4  GLY n 
1 5  SER n 
1 6  GLY n 
1 7  ARG n 
1 8  MET n 
1 9  ARG n 
1 10 VAL n 
1 11 LYS n 
1 12 ALA n 
1 13 ILE n 
1 14 PHE n 
1 15 SER n 
1 16 HIS n 
1 17 ALA n 
1 18 ALA n 
1 19 GLY n 
1 20 ASP n 
1 21 ASN n 
1 22 SER n 
1 23 THR n 
1 24 LEU n 
1 25 LEU n 
1 26 SER n 
1 27 PHE n 
1 28 LYS n 
1 29 GLU n 
1 30 GLY n 
1 31 ASP n 
1 32 LEU n 
1 33 ILE n 
1 34 THR n 
1 35 LEU n 
1 36 LEU n 
1 37 VAL n 
1 38 PRO n 
1 39 GLU n 
1 40 ALA n 
1 41 ARG n 
1 42 ASP n 
1 43 GLY n 
1 44 TRP n 
1 45 HIS n 
1 46 TYR n 
1 47 GLY n 
1 48 GLU n 
1 49 SER n 
1 50 GLU n 
1 51 LYS n 
1 52 THR n 
1 53 LYS n 
1 54 MET n 
1 55 ARG n 
1 56 GLY n 
1 57 TRP n 
1 58 PHE n 
1 59 PRO n 
1 60 PHE n 
1 61 SER n 
1 62 TYR n 
1 63 THR n 
1 64 ARG n 
1 65 VAL n 
1 66 LEU n 
1 67 ASP n 
# 
_entity_src_gen.entity_id                          1 
_entity_src_gen.pdbx_src_id                        1 
_entity_src_gen.pdbx_alt_source_flag               sample 
_entity_src_gen.pdbx_seq_type                      ? 
_entity_src_gen.pdbx_beg_seq_num                   ? 
_entity_src_gen.pdbx_end_seq_num                   ? 
_entity_src_gen.gene_src_common_name               human 
_entity_src_gen.gene_src_genus                     ? 
_entity_src_gen.pdbx_gene_src_gene                 BAIAP2 
_entity_src_gen.gene_src_species                   ? 
_entity_src_gen.gene_src_strain                    ? 
_entity_src_gen.gene_src_tissue                    ? 
_entity_src_gen.gene_src_tissue_fraction           ? 
_entity_src_gen.gene_src_details                   ? 
_entity_src_gen.pdbx_gene_src_fragment             ? 
_entity_src_gen.pdbx_gene_src_scientific_name      'Homo sapiens' 
_entity_src_gen.pdbx_gene_src_ncbi_taxonomy_id     9606 
_entity_src_gen.pdbx_gene_src_variant              ? 
_entity_src_gen.pdbx_gene_src_cell_line            ? 
_entity_src_gen.pdbx_gene_src_atcc                 ? 
_entity_src_gen.pdbx_gene_src_organ                ? 
_entity_src_gen.pdbx_gene_src_organelle            ? 
_entity_src_gen.pdbx_gene_src_cell                 ? 
_entity_src_gen.pdbx_gene_src_cellular_location    ? 
_entity_src_gen.host_org_common_name               ? 
_entity_src_gen.pdbx_host_org_scientific_name      'Escherichia coli' 
_entity_src_gen.pdbx_host_org_ncbi_taxonomy_id     562 
_entity_src_gen.host_org_genus                     ? 
_entity_src_gen.pdbx_host_org_gene                 ? 
_entity_src_gen.pdbx_host_org_organ                ? 
_entity_src_gen.host_org_species                   ? 
_entity_src_gen.pdbx_host_org_tissue               ? 
_entity_src_gen.pdbx_host_org_tissue_fraction      ? 
_entity_src_gen.pdbx_host_org_strain               'BL21 (DE3)' 
_entity_src_gen.pdbx_host_org_variant              ? 
_entity_src_gen.pdbx_host_org_cell_line            ? 
_entity_src_gen.pdbx_host_org_atcc                 ? 
_entity_src_gen.pdbx_host_org_culture_collection   ? 
_entity_src_gen.pdbx_host_org_cell                 ? 
_entity_src_gen.pdbx_host_org_organelle            ? 
_entity_src_gen.pdbx_host_org_cellular_location    ? 
_entity_src_gen.pdbx_host_org_vector_type          Plasmid 
_entity_src_gen.pdbx_host_org_vector               ? 
_entity_src_gen.host_org_details                   ? 
_entity_src_gen.expression_system_id               ? 
_entity_src_gen.plasmid_name                       pGEX-6P1 
_entity_src_gen.plasmid_details                    ? 
_entity_src_gen.pdbx_description                   ? 
# 
_struct_ref.id                         1 
_struct_ref.db_name                    UNP 
_struct_ref.db_code                    BAIP2_HUMAN 
_struct_ref.pdbx_db_accession          Q9UQB8 
_struct_ref.entity_id                  1 
_struct_ref.pdbx_seq_one_letter_code   GRMRVKAIFSHAAGDNSTLLSFKEGDLITLLVPEARDGWHYGESEKTKMRGWFPFSYTRVLD 
_struct_ref.pdbx_align_begin           375 
_struct_ref.pdbx_db_isoform            ? 
# 
_struct_ref_seq.align_id                      1 
_struct_ref_seq.ref_id                        1 
_struct_ref_seq.pdbx_PDB_id_code              3RNJ 
_struct_ref_seq.pdbx_strand_id                A 
_struct_ref_seq.seq_align_beg                 6 
_struct_ref_seq.pdbx_seq_align_beg_ins_code   ? 
_struct_ref_seq.seq_align_end                 67 
_struct_ref_seq.pdbx_seq_align_end_ins_code   ? 
_struct_ref_seq.pdbx_db_accession             Q9UQB8 
_struct_ref_seq.db_align_beg                  375 
_struct_ref_seq.pdbx_db_align_beg_ins_code    ? 
_struct_ref_seq.db_align_end                  436 
_struct_ref_seq.pdbx_db_align_end_ins_code    ? 
_struct_ref_seq.pdbx_auth_seq_align_beg       375 
_struct_ref_seq.pdbx_auth_seq_align_end       436 
# 
loop_
_struct_ref_seq_dif.align_id 
_struct_ref_seq_dif.pdbx_pdb_id_code 
_struct_ref_seq_dif.mon_id 
_struct_ref_seq_dif.pdbx_pdb_strand_id 
_struct_ref_seq_dif.seq_num 
_struct_ref_seq_dif.pdbx_pdb_ins_code 
_struct_ref_seq_dif.pdbx_seq_db_name 
_struct_ref_seq_dif.pdbx_seq_db_accession_code 
_struct_ref_seq_dif.db_mon_id 
_struct_ref_seq_dif.pdbx_seq_db_seq_num 
_struct_ref_seq_dif.details 
_struct_ref_seq_dif.pdbx_auth_seq_num 
_struct_ref_seq_dif.pdbx_ordinal 
1 3RNJ GLY A 1 ? UNP Q9UQB8 ? ? 'expression tag' 370 1 
1 3RNJ PRO A 2 ? UNP Q9UQB8 ? ? 'expression tag' 371 2 
1 3RNJ LEU A 3 ? UNP Q9UQB8 ? ? 'expression tag' 372 3 
1 3RNJ GLY A 4 ? UNP Q9UQB8 ? ? 'expression tag' 373 4 
1 3RNJ SER A 5 ? UNP Q9UQB8 ? ? 'expression tag' 374 5 
# 
loop_
_chem_comp.id 
_chem_comp.type 
_chem_comp.mon_nstd_flag 
_chem_comp.name 
_chem_comp.pdbx_synonyms 
_chem_comp.formula 
_chem_comp.formula_weight 
ALA 'L-peptide linking' y ALANINE                                                                ?                 'C3 H7 N O2' 
89.093  
ARG 'L-peptide linking' y ARGININE                                                               ?                 
'C6 H15 N4 O2 1' 175.209 
ASN 'L-peptide linking' y ASPARAGINE                                                             ?                 'C4 H8 N2 O3' 
132.118 
ASP 'L-peptide linking' y 'ASPARTIC ACID'                                                        ?                 'C4 H7 N O4' 
133.103 
EDO non-polymer         . 1,2-ETHANEDIOL                                                         'ETHYLENE GLYCOL' 'C2 H6 O2' 
62.068  
EDT non-polymer         . '{[-(BIS-CARBOXYMETHYL-AMINO)-ETHYL]-CARBOXYMETHYL-AMINO}-ACETIC ACID' ?                 'C10 H16 N2 O8' 
292.243 
GLU 'L-peptide linking' y 'GLUTAMIC ACID'                                                        ?                 'C5 H9 N O4' 
147.129 
GLY 'peptide linking'   y GLYCINE                                                                ?                 'C2 H5 N O2' 
75.067  
HIS 'L-peptide linking' y HISTIDINE                                                              ?                 
'C6 H10 N3 O2 1' 156.162 
HOH non-polymer         . WATER                                                                  ?                 'H2 O' 18.015  
ILE 'L-peptide linking' y ISOLEUCINE                                                             ?                 'C6 H13 N O2' 
131.173 
IPA non-polymer         . 'ISOPROPYL ALCOHOL'                                                    2-PROPANOL        'C3 H8 O' 
60.095  
LEU 'L-peptide linking' y LEUCINE                                                                ?                 'C6 H13 N O2' 
131.173 
LYS 'L-peptide linking' y LYSINE                                                                 ?                 
'C6 H15 N2 O2 1' 147.195 
MET 'L-peptide linking' y METHIONINE                                                             ?                 'C5 H11 N O2 S' 
149.211 
PHE 'L-peptide linking' y PHENYLALANINE                                                          ?                 'C9 H11 N O2' 
165.189 
PRO 'L-peptide linking' y PROLINE                                                                ?                 'C5 H9 N O2' 
115.130 
SER 'L-peptide linking' y SERINE                                                                 ?                 'C3 H7 N O3' 
105.093 
THR 'L-peptide linking' y THREONINE                                                              ?                 'C4 H9 N O3' 
119.119 
TRP 'L-peptide linking' y TRYPTOPHAN                                                             ?                 'C11 H12 N2 O2' 
204.225 
TYR 'L-peptide linking' y TYROSINE                                                               ?                 'C9 H11 N O3' 
181.189 
VAL 'L-peptide linking' y VALINE                                                                 ?                 'C5 H11 N O2' 
117.146 
# 
_exptl.entry_id          3RNJ 
_exptl.method            'X-RAY DIFFRACTION' 
_exptl.crystals_number   1 
# 
_exptl_crystal.id                    1 
_exptl_crystal.density_meas          ? 
_exptl_crystal.density_Matthews      2.12 
_exptl_crystal.density_percent_sol   42.06 
_exptl_crystal.description           ? 
_exptl_crystal.F_000                 ? 
_exptl_crystal.preparation           ? 
# 
_exptl_crystal_grow.crystal_id      1 
_exptl_crystal_grow.method          'VAPOR DIFFUSION, SITTING DROP' 
_exptl_crystal_grow.temp            298 
_exptl_crystal_grow.temp_details    ? 
_exptl_crystal_grow.pH              8.5 
_exptl_crystal_grow.pdbx_details    
'0.2M ammonium acetate, 0.1M Tris-HCl pH 8.5, 30% isopropanol, VAPOR DIFFUSION, SITTING DROP, temperature 298K' 
_exptl_crystal_grow.pdbx_pH_range   ? 
# 
_diffrn.id                     1 
_diffrn.ambient_temp           100.0 
_diffrn.ambient_temp_details   ? 
_diffrn.crystal_id             1 
# 
_diffrn_detector.diffrn_id              1 
_diffrn_detector.detector               CCD 
_diffrn_detector.type                   'ADSC QUANTUM 315' 
_diffrn_detector.pdbx_collection_date   2010-10-27 
_diffrn_detector.details                ? 
# 
_diffrn_radiation.diffrn_id                        1 
_diffrn_radiation.wavelength_id                    1 
_diffrn_radiation.pdbx_monochromatic_or_laue_m_l   M 
_diffrn_radiation.monochromator                    'Double crystal' 
_diffrn_radiation.pdbx_diffrn_protocol             'SINGLE WAVELENGTH' 
_diffrn_radiation.pdbx_scattering_type             x-ray 
# 
_diffrn_radiation_wavelength.id           1 
_diffrn_radiation_wavelength.wavelength   0.9795 
_diffrn_radiation_wavelength.wt           1.0 
# 
_diffrn_source.diffrn_id                   1 
_diffrn_source.source                      SYNCHROTRON 
_diffrn_source.type                        'DIAMOND BEAMLINE I02' 
_diffrn_source.pdbx_synchrotron_site       Diamond 
_diffrn_source.pdbx_synchrotron_beamline   I02 
_diffrn_source.pdbx_wavelength             ? 
_diffrn_source.pdbx_wavelength_list        0.9795 
# 
_reflns.entry_id                     3RNJ 
_reflns.observed_criterion_sigma_I   -3.0 
_reflns.observed_criterion_sigma_F   -3.0 
_reflns.d_resolution_low             31 
_reflns.d_resolution_high            1.5 
_reflns.number_obs                   10716 
_reflns.number_all                   10736 
_reflns.percent_possible_obs         99.8 
_reflns.pdbx_Rmerge_I_obs            ? 
_reflns.pdbx_Rsym_value              ? 
_reflns.pdbx_netI_over_sigmaI        9.7 
_reflns.B_iso_Wilson_estimate        17.6 
_reflns.pdbx_redundancy              4.6 
_reflns.R_free_details               ? 
_reflns.limit_h_max                  ? 
_reflns.limit_h_min                  ? 
_reflns.limit_k_max                  ? 
_reflns.limit_k_min                  ? 
_reflns.limit_l_max                  ? 
_reflns.limit_l_min                  ? 
_reflns.observed_criterion_F_max     ? 
_reflns.observed_criterion_F_min     ? 
_reflns.pdbx_chi_squared             ? 
_reflns.pdbx_scaling_rejects         ? 
_reflns.pdbx_ordinal                 1 
_reflns.pdbx_diffrn_id               1 
# 
_reflns_shell.d_res_high             1.50 
_reflns_shell.d_res_low              1.52 
_reflns_shell.percent_possible_all   100 
_reflns_shell.Rmerge_I_obs           ? 
_reflns_shell.pdbx_Rsym_value        ? 
_reflns_shell.meanI_over_sigI_obs    2.43 
_reflns_shell.pdbx_redundancy        4.5 
_reflns_shell.percent_possible_obs   ? 
_reflns_shell.number_unique_all      408 
_reflns_shell.number_measured_all    ? 
_reflns_shell.number_measured_obs    ? 
_reflns_shell.number_unique_obs      ? 
_reflns_shell.pdbx_chi_squared       ? 
_reflns_shell.pdbx_ordinal           1 
_reflns_shell.pdbx_diffrn_id         1 
# 
_refine.entry_id                                 3RNJ 
_refine.ls_number_reflns_obs                     10700 
_refine.ls_number_reflns_all                     10716 
_refine.pdbx_ls_sigma_I                          ? 
_refine.pdbx_ls_sigma_F                          0 
_refine.pdbx_data_cutoff_high_absF               ? 
_refine.pdbx_data_cutoff_low_absF                ? 
_refine.pdbx_data_cutoff_high_rms_absF           ? 
_refine.ls_d_res_low                             23.2 
_refine.ls_d_res_high                            1.500 
_refine.ls_percent_reflns_obs                    99.7 
_refine.ls_R_factor_obs                          0.198 
_refine.ls_R_factor_all                          0.198 
_refine.ls_R_factor_R_work                       0.197 
_refine.ls_R_factor_R_free                       0.219 
_refine.ls_R_factor_R_free_error                 ? 
_refine.ls_R_factor_R_free_error_details         ? 
_refine.ls_percent_reflns_R_free                 5.01 
_refine.ls_number_reflns_R_free                  536 
_refine.ls_number_parameters                     ? 
_refine.ls_number_restraints                     ? 
_refine.occupancy_min                            ? 
_refine.occupancy_max                            ? 
_refine.correlation_coeff_Fo_to_Fc               ? 
_refine.correlation_coeff_Fo_to_Fc_free          ? 
_refine.B_iso_mean                               ? 
_refine.aniso_B[1][1]                            -4.1656 
_refine.aniso_B[2][2]                            -7.8872 
_refine.aniso_B[3][3]                            12.0528 
_refine.aniso_B[1][2]                            -0.0000 
_refine.aniso_B[1][3]                            0.0000 
_refine.aniso_B[2][3]                            -0.0000 
_refine.solvent_model_details                    'FLAT BULK SOLVENT MODEL' 
_refine.solvent_model_param_ksol                 0.399 
_refine.solvent_model_param_bsol                 40.011 
_refine.pdbx_solvent_vdw_probe_radii             0.80 
_refine.pdbx_solvent_ion_probe_radii             ? 
_refine.pdbx_solvent_shrinkage_radii             0.65 
_refine.pdbx_ls_cross_valid_method               THROUGHOUT 
_refine.details                                  ? 
_refine.pdbx_starting_model                      '1BG5, 1Y6E, 1GNE, 1DUG and 3QMZ' 
_refine.pdbx_method_to_determine_struct          'MOLECULAR REPLACEMENT' 
_refine.pdbx_isotropic_thermal_model             ? 
_refine.pdbx_stereochemistry_target_values       ML 
_refine.pdbx_stereochem_target_val_spec_case     ? 
_refine.pdbx_R_Free_selection_details            Random 
_refine.pdbx_overall_ESU_R_Free                  ? 
_refine.overall_SU_ML                            0.23 
_refine.pdbx_overall_phase_error                 25.13 
_refine.overall_SU_B                             ? 
_refine.overall_SU_R_Cruickshank_DPI             ? 
_refine.ls_redundancy_reflns_obs                 ? 
_refine.B_iso_min                                ? 
_refine.B_iso_max                                ? 
_refine.overall_SU_R_free                        ? 
_refine.ls_wR_factor_R_free                      ? 
_refine.ls_wR_factor_R_work                      ? 
_refine.overall_FOM_free_R_set                   ? 
_refine.overall_FOM_work_R_set                   ? 
_refine.pdbx_refine_id                           'X-RAY DIFFRACTION' 
_refine.pdbx_overall_ESU_R                       ? 
_refine.pdbx_diffrn_id                           1 
_refine.pdbx_TLS_residual_ADP_flag               ? 
_refine.pdbx_overall_SU_R_free_Cruickshank_DPI   ? 
_refine.pdbx_overall_SU_R_Blow_DPI               ? 
_refine.pdbx_overall_SU_R_free_Blow_DPI          ? 
# 
_refine_hist.pdbx_refine_id                   'X-RAY DIFFRACTION' 
_refine_hist.cycle_id                         LAST 
_refine_hist.pdbx_number_atoms_protein        530 
_refine_hist.pdbx_number_atoms_nucleic_acid   0 
_refine_hist.pdbx_number_atoms_ligand         36 
_refine_hist.number_atoms_solvent             86 
_refine_hist.number_atoms_total               652 
_refine_hist.d_res_high                       1.500 
_refine_hist.d_res_low                        23.2 
# 
loop_
_refine_ls_restr.type 
_refine_ls_restr.dev_ideal 
_refine_ls_restr.dev_ideal_target 
_refine_ls_restr.weight 
_refine_ls_restr.number 
_refine_ls_restr.pdbx_restraint_function 
_refine_ls_restr.pdbx_refine_id 
f_bond_d           0.004  ? ? 604 ? 'X-RAY DIFFRACTION' 
f_angle_d          0.944  ? ? 813 ? 'X-RAY DIFFRACTION' 
f_dihedral_angle_d 18.548 ? ? 243 ? 'X-RAY DIFFRACTION' 
f_chiral_restr     0.054  ? ? 80  ? 'X-RAY DIFFRACTION' 
f_plane_restr      0.004  ? ? 106 ? 'X-RAY DIFFRACTION' 
# 
loop_
_refine_ls_shell.pdbx_total_number_of_bins_used 
_refine_ls_shell.d_res_high 
_refine_ls_shell.d_res_low 
_refine_ls_shell.number_reflns_R_work 
_refine_ls_shell.R_factor_R_work 
_refine_ls_shell.percent_reflns_obs 
_refine_ls_shell.R_factor_R_free 
_refine_ls_shell.R_factor_R_free_error 
_refine_ls_shell.percent_reflns_R_free 
_refine_ls_shell.number_reflns_R_free 
_refine_ls_shell.number_reflns_all 
_refine_ls_shell.R_factor_all 
_refine_ls_shell.number_reflns_obs 
_refine_ls_shell.redundancy_reflns_obs 
_refine_ls_shell.pdbx_refine_id 
. 1.5000 1.6510  2472 0.3311 100.00 0.3854 . . 131 . . . . 'X-RAY DIFFRACTION' 
. 1.6510 1.8898  2506 0.2246 100.00 0.2424 . . 132 . . . . 'X-RAY DIFFRACTION' 
. 1.8898 2.3805  2528 0.1813 100.00 0.2141 . . 133 . . . . 'X-RAY DIFFRACTION' 
. 2.3805 23.1962 2658 0.1652 100.00 0.1745 . . 140 . . . . 'X-RAY DIFFRACTION' 
# 
_struct.entry_id                  3RNJ 
_struct.title                     'Crystal structure of the SH3 domain from IRSp53 (BAIAP2)' 
_struct.pdbx_model_details        ? 
_struct.pdbx_CASP_flag            ? 
_struct.pdbx_model_type_details   ? 
# 
_struct_keywords.entry_id        3RNJ 
_struct_keywords.pdbx_keywords   'PROTEIN BINDING' 
_struct_keywords.text            
;Structural Genomics, Structural Genomics Consortium, SGC, Beta barrel, Protein interaction domain, Proline-rich motifs, PROTEIN BINDING
;
# 
loop_
_struct_asym.id 
_struct_asym.pdbx_blank_PDB_chainid_flag 
_struct_asym.pdbx_modified 
_struct_asym.entity_id 
_struct_asym.details 
A N N 1 ? 
B N N 2 ? 
C N N 3 ? 
D N N 3 ? 
E N N 3 ? 
F N N 4 ? 
G N N 5 ? 
# 
_struct_biol.id        1 
_struct_biol.details   ? 
# 
_struct_sheet.id               A 
_struct_sheet.type             ? 
_struct_sheet.number_strands   5 
_struct_sheet.details          ? 
# 
loop_
_struct_sheet_order.sheet_id 
_struct_sheet_order.range_id_1 
_struct_sheet_order.range_id_2 
_struct_sheet_order.offset 
_struct_sheet_order.sense 
A 1 2 ? anti-parallel 
A 2 3 ? anti-parallel 
A 3 4 ? anti-parallel 
A 4 5 ? anti-parallel 
# 
loop_
_struct_sheet_range.sheet_id 
_struct_sheet_range.id 
_struct_sheet_range.beg_label_comp_id 
_struct_sheet_range.beg_label_asym_id 
_struct_sheet_range.beg_label_seq_id 
_struct_sheet_range.pdbx_beg_PDB_ins_code 
_struct_sheet_range.end_label_comp_id 
_struct_sheet_range.end_label_asym_id 
_struct_sheet_range.end_label_seq_id 
_struct_sheet_range.pdbx_end_PDB_ins_code 
_struct_sheet_range.beg_auth_comp_id 
_struct_sheet_range.beg_auth_asym_id 
_struct_sheet_range.beg_auth_seq_id 
_struct_sheet_range.end_auth_comp_id 
_struct_sheet_range.end_auth_asym_id 
_struct_sheet_range.end_auth_seq_id 
A 1 ARG A 55 ? PRO A 59 ? ARG A 424 PRO A 428 
A 2 TRP A 44 ? SER A 49 ? TRP A 413 SER A 418 
A 3 LEU A 32 ? LEU A 35 ? LEU A 401 LEU A 404 
A 4 ARG A 9  ? ALA A 12 ? ARG A 378 ALA A 381 
A 5 THR A 63 ? VAL A 65 ? THR A 432 VAL A 434 
# 
loop_
_pdbx_struct_sheet_hbond.sheet_id 
_pdbx_struct_sheet_hbond.range_id_1 
_pdbx_struct_sheet_hbond.range_id_2 
_pdbx_struct_sheet_hbond.range_1_label_atom_id 
_pdbx_struct_sheet_hbond.range_1_label_comp_id 
_pdbx_struct_sheet_hbond.range_1_label_asym_id 
_pdbx_struct_sheet_hbond.range_1_label_seq_id 
_pdbx_struct_sheet_hbond.range_1_PDB_ins_code 
_pdbx_struct_sheet_hbond.range_1_auth_atom_id 
_pdbx_struct_sheet_hbond.range_1_auth_comp_id 
_pdbx_struct_sheet_hbond.range_1_auth_asym_id 
_pdbx_struct_sheet_hbond.range_1_auth_seq_id 
_pdbx_struct_sheet_hbond.range_2_label_atom_id 
_pdbx_struct_sheet_hbond.range_2_label_comp_id 
_pdbx_struct_sheet_hbond.range_2_label_asym_id 
_pdbx_struct_sheet_hbond.range_2_label_seq_id 
_pdbx_struct_sheet_hbond.range_2_PDB_ins_code 
_pdbx_struct_sheet_hbond.range_2_auth_atom_id 
_pdbx_struct_sheet_hbond.range_2_auth_comp_id 
_pdbx_struct_sheet_hbond.range_2_auth_asym_id 
_pdbx_struct_sheet_hbond.range_2_auth_seq_id 
A 1 2 O PHE A 58 ? O PHE A 427 N HIS A 45 ? N HIS A 414 
A 2 3 O GLU A 48 ? O GLU A 417 N THR A 34 ? N THR A 403 
A 3 4 O ILE A 33 ? O ILE A 402 N VAL A 10 ? N VAL A 379 
A 4 5 N LYS A 11 ? N LYS A 380 O ARG A 64 ? O ARG A 433 
# 
loop_
_struct_site.id 
_struct_site.pdbx_evidence_code 
_struct_site.pdbx_auth_asym_id 
_struct_site.pdbx_auth_comp_id 
_struct_site.pdbx_auth_seq_id 
_struct_site.pdbx_auth_ins_code 
_struct_site.pdbx_num_residues 
_struct_site.details 
AC1 Software A EDT 1   ? 17 'BINDING SITE FOR RESIDUE EDT A 1'   
AC2 Software A EDO 437 ? 6  'BINDING SITE FOR RESIDUE EDO A 437' 
AC3 Software A EDO 2   ? 3  'BINDING SITE FOR RESIDUE EDO A 2'   
AC4 Software A EDO 3   ? 4  'BINDING SITE FOR RESIDUE EDO A 3'   
AC5 Software A IPA 438 ? 3  'BINDING SITE FOR RESIDUE IPA A 438' 
# 
loop_
_struct_site_gen.id 
_struct_site_gen.site_id 
_struct_site_gen.pdbx_num_res 
_struct_site_gen.label_comp_id 
_struct_site_gen.label_asym_id 
_struct_site_gen.label_seq_id 
_struct_site_gen.pdbx_auth_ins_code 
_struct_site_gen.auth_comp_id 
_struct_site_gen.auth_asym_id 
_struct_site_gen.auth_seq_id 
_struct_site_gen.label_atom_id 
_struct_site_gen.label_alt_id 
_struct_site_gen.symmetry 
_struct_site_gen.details 
1  AC1 17 EDO E .  ? EDO A 3   . ? 1_555 ? 
2  AC1 17 HOH G .  ? HOH A 25  . ? 1_555 ? 
3  AC1 17 HOH G .  ? HOH A 26  . ? 4_445 ? 
4  AC1 17 HOH G .  ? HOH A 34  . ? 1_555 ? 
5  AC1 17 HOH G .  ? HOH A 35  . ? 1_555 ? 
6  AC1 17 HOH G .  ? HOH A 63  . ? 1_555 ? 
7  AC1 17 HOH G .  ? HOH A 74  . ? 1_555 ? 
8  AC1 17 LYS A 11 ? LYS A 380 . ? 1_555 ? 
9  AC1 17 PHE A 14 ? PHE A 383 . ? 4_545 ? 
10 AC1 17 LYS A 51 ? LYS A 420 . ? 4_445 ? 
11 AC1 17 LYS A 53 ? LYS A 422 . ? 4_445 ? 
12 AC1 17 SER A 61 ? SER A 430 . ? 4_545 ? 
13 AC1 17 TYR A 62 ? TYR A 431 . ? 4_545 ? 
14 AC1 17 ARG A 64 ? ARG A 433 . ? 1_555 ? 
15 AC1 17 LEU A 66 ? LEU A 435 . ? 1_555 ? 
16 AC1 17 ASP A 67 ? ASP A 436 . ? 1_555 ? 
17 AC1 17 EDO C .  ? EDO A 437 . ? 1_555 ? 
18 AC2 6  EDT B .  ? EDT A 1   . ? 1_555 ? 
19 AC2 6  HOH G .  ? HOH A 25  . ? 1_555 ? 
20 AC2 6  HOH G .  ? HOH A 74  . ? 1_555 ? 
21 AC2 6  SER A 22 ? SER A 391 . ? 1_545 ? 
22 AC2 6  THR A 23 ? THR A 392 . ? 1_545 ? 
23 AC2 6  TYR A 62 ? TYR A 431 . ? 4_545 ? 
24 AC3 3  HOH G .  ? HOH A 13  . ? 1_555 ? 
25 AC3 3  PHE A 60 ? PHE A 429 . ? 1_555 ? 
26 AC3 3  THR A 63 ? THR A 432 . ? 1_555 ? 
27 AC4 4  EDT B .  ? EDT A 1   . ? 1_555 ? 
28 AC4 4  GLY A 30 ? GLY A 399 . ? 1_555 ? 
29 AC4 4  LEU A 32 ? LEU A 401 . ? 1_555 ? 
30 AC4 4  SER A 61 ? SER A 430 . ? 4_545 ? 
31 AC5 3  HOH G .  ? HOH A 29  . ? 3_655 ? 
32 AC5 3  HOH G .  ? HOH A 49  . ? 3_655 ? 
33 AC5 3  TRP A 57 ? TRP A 426 . ? 1_555 ? 
# 
_atom_sites.entry_id                    3RNJ 
_atom_sites.fract_transf_matrix[1][1]   -0.01393710 
_atom_sites.fract_transf_matrix[1][2]   0.02727025 
_atom_sites.fract_transf_matrix[1][3]   0.01327335 
_atom_sites.fract_transf_matrix[2][1]   -0.00972304 
_atom_sites.fract_transf_matrix[2][2]   -0.01500578 
_atom_sites.fract_transf_matrix[2][3]   0.02062030 
_atom_sites.fract_transf_matrix[3][1]   0.01438509 
_atom_sites.fract_transf_matrix[3][2]   0.00299093 
_atom_sites.fract_transf_matrix[3][3]   0.00895953 
_atom_sites.fract_transf_vector[1]      0.412266 
_atom_sites.fract_transf_vector[2]      0.010477 
_atom_sites.fract_transf_vector[3]      0.056866 
# 
loop_
_atom_type.symbol 
C 
N 
O 
S 
# 
loop_
_atom_site.group_PDB 
_atom_site.id 
_atom_site.type_symbol 
_atom_site.label_atom_id 
_atom_site.label_alt_id 
_atom_site.label_comp_id 
_atom_site.label_asym_id 
_atom_site.label_entity_id 
_atom_site.label_seq_id 
_atom_site.pdbx_PDB_ins_code 
_atom_site.Cartn_x 
_atom_site.Cartn_y 
_atom_site.Cartn_z 
_atom_site.occupancy 
_atom_site.B_iso_or_equiv 
_atom_site.pdbx_formal_charge 
_atom_site.auth_seq_id 
_atom_site.auth_comp_id 
_atom_site.auth_asym_id 
_atom_site.auth_atom_id 
_atom_site.pdbx_PDB_model_num 
ATOM   1   N N   . GLY A 1 1  ? 15.150  12.965  11.181  1.00 9.85  ? 370 GLY A N   1 
ATOM   2   C CA  . GLY A 1 1  ? 14.806  13.951  10.173  1.00 11.86 ? 370 GLY A CA  1 
ATOM   3   C C   . GLY A 1 1  ? 13.610  14.779  10.593  1.00 11.26 ? 370 GLY A C   1 
ATOM   4   O O   . GLY A 1 1  ? 12.927  14.437  11.559  1.00 11.46 ? 370 GLY A O   1 
ATOM   5   N N   . PRO A 1 2  ? 13.343  15.873  9.866   1.00 12.66 ? 371 PRO A N   1 
ATOM   6   C CA  . PRO A 1 2  ? 12.206  16.734  10.209  1.00 17.36 ? 371 PRO A CA  1 
ATOM   7   C C   . PRO A 1 2  ? 10.922  15.924  10.288  1.00 19.20 ? 371 PRO A C   1 
ATOM   8   O O   . PRO A 1 2  ? 10.743  14.996  9.502   1.00 17.70 ? 371 PRO A O   1 
ATOM   9   C CB  . PRO A 1 2  ? 12.155  17.721  9.043   1.00 18.00 ? 371 PRO A CB  1 
ATOM   10  C CG  . PRO A 1 2  ? 13.556  17.755  8.527   1.00 14.62 ? 371 PRO A CG  1 
ATOM   11  C CD  . PRO A 1 2  ? 14.046  16.346  8.662   1.00 11.59 ? 371 PRO A CD  1 
ATOM   12  N N   . LEU A 1 3  ? 10.050  16.260  11.230  1.00 20.11 ? 372 LEU A N   1 
ATOM   13  C CA  . LEU A 1 3  ? 8.828   15.499  11.421  1.00 23.29 ? 372 LEU A CA  1 
ATOM   14  C C   . LEU A 1 3  ? 8.058   15.424  10.113  1.00 22.55 ? 372 LEU A C   1 
ATOM   15  O O   . LEU A 1 3  ? 7.831   16.441  9.460   1.00 22.61 ? 372 LEU A O   1 
ATOM   16  C CB  . LEU A 1 3  ? 7.956   16.137  12.499  1.00 30.77 ? 372 LEU A CB  1 
ATOM   17  C CG  . LEU A 1 3  ? 6.769   15.255  12.884  1.00 41.02 ? 372 LEU A CG  1 
ATOM   18  C CD1 . LEU A 1 3  ? 7.225   14.233  13.907  1.00 43.20 ? 372 LEU A CD1 1 
ATOM   19  C CD2 . LEU A 1 3  ? 5.609   16.074  13.417  1.00 47.00 ? 372 LEU A CD2 1 
ATOM   20  N N   . GLY A 1 4  ? 7.664   14.216  9.727   1.00 26.12 ? 373 GLY A N   1 
ATOM   21  C CA  . GLY A 1 4  ? 6.915   14.029  8.500   1.00 27.96 ? 373 GLY A CA  1 
ATOM   22  C C   . GLY A 1 4  ? 7.770   13.575  7.332   1.00 25.15 ? 373 GLY A C   1 
ATOM   23  O O   . GLY A 1 4  ? 7.245   13.240  6.272   1.00 27.88 ? 373 GLY A O   1 
ATOM   24  N N   . SER A 1 5  ? 9.087   13.567  7.516   1.00 20.99 ? 374 SER A N   1 
ATOM   25  C CA  . SER A 1 5  ? 9.991   13.099  6.470   1.00 15.54 ? 374 SER A CA  1 
ATOM   26  C C   . SER A 1 5  ? 10.095  11.578  6.516   1.00 16.50 ? 374 SER A C   1 
ATOM   27  O O   . SER A 1 5  ? 9.621   10.937  7.454   1.00 21.56 ? 374 SER A O   1 
ATOM   28  C CB  . SER A 1 5  ? 11.386  13.718  6.620   1.00 15.81 ? 374 SER A CB  1 
ATOM   29  O OG  . SER A 1 5  ? 12.002  13.318  7.828   1.00 17.66 ? 374 SER A OG  1 
ATOM   30  N N   . GLY A 1 6  ? 10.716  11.007  5.492   1.00 15.62 ? 375 GLY A N   1 
ATOM   31  C CA  . GLY A 1 6  ? 10.970  9.580   5.439   1.00 21.06 ? 375 GLY A CA  1 
ATOM   32  C C   . GLY A 1 6  ? 9.836   8.794   4.820   1.00 22.08 ? 375 GLY A C   1 
ATOM   33  O O   . GLY A 1 6  ? 9.881   7.565   4.774   1.00 20.80 ? 375 GLY A O   1 
ATOM   34  N N   . ARG A 1 7  ? 8.816   9.493   4.335   1.00 20.59 ? 376 ARG A N   1 
ATOM   35  C CA  . ARG A 1 7  ? 7.690   8.813   3.709   1.00 15.93 ? 376 ARG A CA  1 
ATOM   36  C C   . ARG A 1 7  ? 8.131   8.028   2.485   1.00 13.65 ? 376 ARG A C   1 
ATOM   37  O O   . ARG A 1 7  ? 8.916   8.507   1.669   1.00 16.33 ? 376 ARG A O   1 
ATOM   38  C CB  . ARG A 1 7  ? 6.595   9.792   3.283   1.00 14.22 ? 376 ARG A CB  1 
ATOM   39  C CG  . ARG A 1 7  ? 5.350   9.089   2.731   1.00 16.82 ? 376 ARG A CG  1 
ATOM   40  C CD  . ARG A 1 7  ? 4.343   10.068  2.163   1.00 15.68 ? 376 ARG A CD  1 
ATOM   41  N NE  . ARG A 1 7  ? 4.889   10.782  1.018   1.00 17.72 ? 376 ARG A NE  1 
ATOM   42  C CZ  . ARG A 1 7  ? 4.188   11.611  0.253   1.00 19.25 ? 376 ARG A CZ  1 
ATOM   43  N NH1 . ARG A 1 7  ? 2.907   11.823  0.508   1.00 16.77 ? 376 ARG A NH1 1 
ATOM   44  N NH2 . ARG A 1 7  ? 4.765   12.220  -0.774  1.00 22.93 ? 376 ARG A NH2 1 
ATOM   45  N N   . MET A 1 8  ? 7.608   6.814   2.377   1.00 13.33 ? 377 MET A N   1 
ATOM   46  C CA  A MET A 1 8  ? 7.809   5.990   1.193   0.49 14.78 ? 377 MET A CA  1 
ATOM   47  C CA  B MET A 1 8  ? 7.813   5.985   1.202   0.51 14.79 ? 377 MET A CA  1 
ATOM   48  C C   . MET A 1 8  ? 6.456   5.576   0.638   1.00 11.53 ? 377 MET A C   1 
ATOM   49  O O   . MET A 1 8  ? 5.605   5.075   1.364   1.00 15.24 ? 377 MET A O   1 
ATOM   50  C CB  A MET A 1 8  ? 8.620   4.736   1.518   0.49 21.35 ? 377 MET A CB  1 
ATOM   51  C CB  B MET A 1 8  ? 8.648   4.750   1.554   0.51 24.22 ? 377 MET A CB  1 
ATOM   52  C CG  A MET A 1 8  ? 10.118  4.968   1.694   0.49 32.55 ? 377 MET A CG  1 
ATOM   53  C CG  B MET A 1 8  ? 10.045  5.097   2.042   0.51 35.75 ? 377 MET A CG  1 
ATOM   54  S SD  A MET A 1 8  ? 11.099  3.451   1.645   0.49 96.01 ? 377 MET A SD  1 
ATOM   55  S SD  B MET A 1 8  ? 11.004  5.929   0.760   0.51 95.98 ? 377 MET A SD  1 
ATOM   56  C CE  A MET A 1 8  ? 10.431  2.647   0.188   0.49 65.46 ? 377 MET A CE  1 
ATOM   57  C CE  B MET A 1 8  ? 12.549  6.230   1.616   0.51 66.62 ? 377 MET A CE  1 
ATOM   58  N N   . ARG A 1 9  ? 6.255   5.806   -0.653  1.00 9.11  ? 378 ARG A N   1 
ATOM   59  C CA  . ARG A 1 9  ? 5.007   5.436   -1.302  1.00 9.48  ? 378 ARG A CA  1 
ATOM   60  C C   . ARG A 1 9  ? 5.270   4.456   -2.435  1.00 10.75 ? 378 ARG A C   1 
ATOM   61  O O   . ARG A 1 9  ? 6.354   4.427   -3.013  1.00 12.51 ? 378 ARG A O   1 
ATOM   62  C CB  . ARG A 1 9  ? 4.292   6.663   -1.868  1.00 12.32 ? 378 ARG A CB  1 
ATOM   63  C CG  . ARG A 1 9  ? 3.965   7.736   -0.854  1.00 11.80 ? 378 ARG A CG  1 
ATOM   64  C CD  . ARG A 1 9  ? 3.039   8.782   -1.464  1.00 12.34 ? 378 ARG A CD  1 
ATOM   65  N NE  . ARG A 1 9  ? 3.685   9.530   -2.538  1.00 10.18 ? 378 ARG A NE  1 
ATOM   66  C CZ  . ARG A 1 9  ? 3.115   10.525  -3.209  1.00 10.79 ? 378 ARG A CZ  1 
ATOM   67  N NH1 . ARG A 1 9  ? 3.781   11.146  -4.172  1.00 11.69 ? 378 ARG A NH1 1 
ATOM   68  N NH2 . ARG A 1 9  ? 1.878   10.900  -2.925  1.00 9.28  ? 378 ARG A NH2 1 
ATOM   69  N N   . VAL A 1 10 ? 4.262   3.654   -2.749  1.00 9.86  ? 379 VAL A N   1 
ATOM   70  C CA  . VAL A 1 10 ? 4.312   2.798   -3.912  1.00 10.89 ? 379 VAL A CA  1 
ATOM   71  C C   . VAL A 1 10 ? 3.084   3.068   -4.766  1.00 7.71  ? 379 VAL A C   1 
ATOM   72  O O   . VAL A 1 10 ? 2.074   3.568   -4.281  1.00 9.42  ? 379 VAL A O   1 
ATOM   73  C CB  . VAL A 1 10 ? 4.371   1.306   -3.523  1.00 11.64 ? 379 VAL A CB  1 
ATOM   74  C CG1 . VAL A 1 10 ? 5.630   1.026   -2.711  1.00 11.40 ? 379 VAL A CG1 1 
ATOM   75  C CG2 . VAL A 1 10 ? 3.124   0.892   -2.745  1.00 15.65 ? 379 VAL A CG2 1 
ATOM   76  N N   . LYS A 1 11 ? 3.189   2.764   -6.049  1.00 10.25 ? 380 LYS A N   1 
ATOM   77  C CA  . LYS A 1 11 ? 2.062   2.878   -6.951  1.00 7.11  ? 380 LYS A CA  1 
ATOM   78  C C   . LYS A 1 11 ? 1.537   1.487   -7.265  1.00 7.81  ? 380 LYS A C   1 
ATOM   79  O O   . LYS A 1 11 ? 2.307   0.583   -7.580  1.00 11.02 ? 380 LYS A O   1 
ATOM   80  C CB  . LYS A 1 11 ? 2.488   3.564   -8.242  1.00 8.95  ? 380 LYS A CB  1 
ATOM   81  C CG  . LYS A 1 11 ? 1.423   3.527   -9.304  1.00 7.90  ? 380 LYS A CG  1 
ATOM   82  C CD  . LYS A 1 11 ? 1.918   4.133   -10.593 1.00 10.01 ? 380 LYS A CD  1 
ATOM   83  C CE  . LYS A 1 11 ? 0.936   3.874   -11.717 1.00 11.96 ? 380 LYS A CE  1 
ATOM   84  N NZ  . LYS A 1 11 ? 1.375   4.525   -12.973 1.00 11.53 ? 380 LYS A NZ  1 
ATOM   85  N N   . ALA A 1 12 ? 0.225   1.315   -7.172  1.00 8.32  ? 381 ALA A N   1 
ATOM   86  C CA  . ALA A 1 12 ? -0.400  0.062   -7.558  1.00 9.44  ? 381 ALA A CA  1 
ATOM   87  C C   . ALA A 1 12 ? -0.344  -0.060  -9.074  1.00 12.37 ? 381 ALA A C   1 
ATOM   88  O O   . ALA A 1 12 ? -0.792  0.835   -9.788  1.00 12.66 ? 381 ALA A O   1 
ATOM   89  C CB  . ALA A 1 12 ? -1.838  0.026   -7.077  1.00 10.98 ? 381 ALA A CB  1 
ATOM   90  N N   . ILE A 1 13 ? 0.228   -1.149  -9.566  1.00 10.89 ? 382 ILE A N   1 
ATOM   91  C CA  . ILE A 1 13 ? 0.257   -1.400  -11.003 1.00 14.47 ? 382 ILE A CA  1 
ATOM   92  C C   . ILE A 1 13 ? -0.595  -2.618  -11.353 1.00 12.62 ? 382 ILE A C   1 
ATOM   93  O O   . ILE A 1 13 ? -0.732  -2.978  -12.516 1.00 15.18 ? 382 ILE A O   1 
ATOM   94  C CB  . ILE A 1 13 ? 1.695   -1.546  -11.513 1.00 11.53 ? 382 ILE A CB  1 
ATOM   95  C CG1 . ILE A 1 13 ? 2.443   -2.609  -10.707 1.00 12.69 ? 382 ILE A CG1 1 
ATOM   96  C CG2 . ILE A 1 13 ? 2.404   -0.205  -11.407 1.00 11.00 ? 382 ILE A CG2 1 
ATOM   97  C CD1 . ILE A 1 13 ? 3.811   -2.949  -11.260 1.00 18.42 ? 382 ILE A CD1 1 
ATOM   98  N N   . PHE A 1 14 ? -1.166  -3.239  -10.327 1.00 9.54  ? 383 PHE A N   1 
ATOM   99  C CA  . PHE A 1 14 ? -2.275  -4.171  -10.489 1.00 9.03  ? 383 PHE A CA  1 
ATOM   100 C C   . PHE A 1 14 ? -3.275  -3.842  -9.400  1.00 8.97  ? 383 PHE A C   1 
ATOM   101 O O   . PHE A 1 14 ? -2.895  -3.316  -8.362  1.00 15.46 ? 383 PHE A O   1 
ATOM   102 C CB  . PHE A 1 14 ? -1.836  -5.626  -10.294 1.00 10.39 ? 383 PHE A CB  1 
ATOM   103 C CG  . PHE A 1 14 ? -0.756  -6.077  -11.226 1.00 10.35 ? 383 PHE A CG  1 
ATOM   104 C CD1 . PHE A 1 14 ? -1.066  -6.719  -12.413 1.00 10.57 ? 383 PHE A CD1 1 
ATOM   105 C CD2 . PHE A 1 14 ? 0.570   -5.886  -10.899 1.00 13.30 ? 383 PHE A CD2 1 
ATOM   106 C CE1 . PHE A 1 14 ? -0.067  -7.138  -13.266 1.00 9.00  ? 383 PHE A CE1 1 
ATOM   107 C CE2 . PHE A 1 14 ? 1.574   -6.303  -11.744 1.00 10.93 ? 383 PHE A CE2 1 
ATOM   108 C CZ  . PHE A 1 14 ? 1.256   -6.933  -12.930 1.00 10.76 ? 383 PHE A CZ  1 
ATOM   109 N N   . SER A 1 15 ? -4.548  -4.146  -9.623  1.00 12.05 ? 384 SER A N   1 
ATOM   110 C CA  A SER A 1 15 ? -5.539  -3.967  -8.568  0.43 10.76 ? 384 SER A CA  1 
ATOM   111 C CA  B SER A 1 15 ? -5.560  -3.979  -8.590  0.57 10.73 ? 384 SER A CA  1 
ATOM   112 C C   . SER A 1 15 ? -5.561  -5.184  -7.655  1.00 13.21 ? 384 SER A C   1 
ATOM   113 O O   . SER A 1 15 ? -5.231  -6.298  -8.060  1.00 10.06 ? 384 SER A O   1 
ATOM   114 C CB  A SER A 1 15 ? -6.938  -3.702  -9.131  0.43 12.80 ? 384 SER A CB  1 
ATOM   115 C CB  B SER A 1 15 ? -6.943  -3.810  -9.217  0.57 13.03 ? 384 SER A CB  1 
ATOM   116 O OG  A SER A 1 15 ? -7.341  -4.719  -10.027 0.43 15.09 ? 384 SER A OG  1 
ATOM   117 O OG  B SER A 1 15 ? -6.987  -2.669  -10.053 0.57 12.34 ? 384 SER A OG  1 
ATOM   118 N N   . HIS A 1 16 ? -5.938  -4.950  -6.407  1.00 9.61  ? 385 HIS A N   1 
ATOM   119 C CA  . HIS A 1 16 ? -5.986  -5.993  -5.400  1.00 8.85  ? 385 HIS A CA  1 
ATOM   120 C C   . HIS A 1 16 ? -7.300  -5.877  -4.645  1.00 11.20 ? 385 HIS A C   1 
ATOM   121 O O   . HIS A 1 16 ? -7.658  -4.799  -4.180  1.00 10.86 ? 385 HIS A O   1 
ATOM   122 C CB  . HIS A 1 16 ? -4.807  -5.841  -4.442  1.00 10.99 ? 385 HIS A CB  1 
ATOM   123 C CG  . HIS A 1 16 ? -4.761  -6.887  -3.376  1.00 10.60 ? 385 HIS A CG  1 
ATOM   124 N ND1 . HIS A 1 16 ? -4.929  -6.594  -2.042  1.00 11.32 ? 385 HIS A ND1 1 
ATOM   125 C CD2 . HIS A 1 16 ? -4.571  -8.226  -3.448  1.00 13.49 ? 385 HIS A CD2 1 
ATOM   126 C CE1 . HIS A 1 16 ? -4.841  -7.707  -1.334  1.00 11.80 ? 385 HIS A CE1 1 
ATOM   127 N NE2 . HIS A 1 16 ? -4.626  -8.709  -2.163  1.00 11.33 ? 385 HIS A NE2 1 
ATOM   128 N N   . ALA A 1 17 ? -8.017  -6.988  -4.527  1.00 12.98 ? 386 ALA A N   1 
ATOM   129 C CA  . ALA A 1 17 ? -9.316  -6.991  -3.865  1.00 14.24 ? 386 ALA A CA  1 
ATOM   130 C C   . ALA A 1 17 ? -9.250  -7.792  -2.571  1.00 15.24 ? 386 ALA A C   1 
ATOM   131 O O   . ALA A 1 17 ? -8.926  -8.980  -2.576  1.00 14.85 ? 386 ALA A O   1 
ATOM   132 C CB  . ALA A 1 17 ? -10.381 -7.553  -4.794  1.00 17.17 ? 386 ALA A CB  1 
ATOM   133 N N   . ALA A 1 18 ? -9.555  -7.122  -1.465  1.00 11.29 ? 387 ALA A N   1 
ATOM   134 C CA  . ALA A 1 18 ? -9.467  -7.709  -0.135  1.00 13.36 ? 387 ALA A CA  1 
ATOM   135 C C   . ALA A 1 18 ? -10.587 -8.708  0.109   1.00 14.85 ? 387 ALA A C   1 
ATOM   136 O O   . ALA A 1 18 ? -10.424 -9.661  0.866   1.00 13.63 ? 387 ALA A O   1 
ATOM   137 C CB  . ALA A 1 18 ? -9.525  -6.607  0.915   1.00 16.30 ? 387 ALA A CB  1 
ATOM   138 N N   . GLY A 1 19 ? -11.724 -8.484  -0.537  1.00 15.59 ? 388 GLY A N   1 
ATOM   139 C CA  . GLY A 1 19 ? -12.928 -9.223  -0.214  1.00 18.51 ? 388 GLY A CA  1 
ATOM   140 C C   . GLY A 1 19 ? -13.377 -8.836  1.179   1.00 17.46 ? 388 GLY A C   1 
ATOM   141 O O   . GLY A 1 19 ? -13.138 -7.719  1.635   1.00 20.15 ? 388 GLY A O   1 
ATOM   142 N N   . ASP A 1 20 ? -14.030 -9.769  1.853   1.00 16.88 ? 389 ASP A N   1 
ATOM   143 C CA  A ASP A 1 20 ? -14.510 -9.577  3.212   0.58 17.41 ? 389 ASP A CA  1 
ATOM   144 C CA  B ASP A 1 20 ? -14.488 -9.529  3.212   0.42 17.03 ? 389 ASP A CA  1 
ATOM   145 C C   . ASP A 1 20 ? -13.399 -9.879  4.217   1.00 17.80 ? 389 ASP A C   1 
ATOM   146 O O   . ASP A 1 20 ? -13.456 -10.892 4.923   1.00 21.33 ? 389 ASP A O   1 
ATOM   147 C CB  A ASP A 1 20 ? -15.703 -10.509 3.432   0.58 18.84 ? 389 ASP A CB  1 
ATOM   148 C CB  B ASP A 1 20 ? -15.787 -10.282 3.475   0.42 19.86 ? 389 ASP A CB  1 
ATOM   149 C CG  A ASP A 1 20 ? -16.271 -10.415 4.826   0.58 18.74 ? 389 ASP A CG  1 
ATOM   150 C CG  B ASP A 1 20 ? -16.910 -9.809  2.574   0.42 26.84 ? 389 ASP A CG  1 
ATOM   151 O OD1 A ASP A 1 20 ? -16.080 -9.365  5.462   0.58 18.36 ? 389 ASP A OD1 1 
ATOM   152 O OD1 B ASP A 1 20 ? -16.909 -8.614  2.208   0.42 23.34 ? 389 ASP A OD1 1 
ATOM   153 O OD2 A ASP A 1 20 ? -16.912 -11.390 5.279   0.58 22.03 ? 389 ASP A OD2 1 
ATOM   154 O OD2 B ASP A 1 20 ? -17.780 -10.628 2.218   0.42 33.93 ? 389 ASP A OD2 1 
ATOM   155 N N   . ASN A 1 21 ? -12.400 -9.004  4.273   1.00 13.08 ? 390 ASN A N   1 
ATOM   156 C CA  . ASN A 1 21 ? -11.202 -9.215  5.075   1.00 10.79 ? 390 ASN A CA  1 
ATOM   157 C C   . ASN A 1 21 ? -10.516 -7.879  5.339   1.00 9.25  ? 390 ASN A C   1 
ATOM   158 O O   . ASN A 1 21 ? -9.860  -7.322  4.457   1.00 9.62  ? 390 ASN A O   1 
ATOM   159 C CB  . ASN A 1 21 ? -10.252 -10.149 4.327   1.00 10.23 ? 390 ASN A CB  1 
ATOM   160 C CG  . ASN A 1 21 ? -9.023  -10.506 5.131   1.00 9.27  ? 390 ASN A CG  1 
ATOM   161 O OD1 . ASN A 1 21 ? -8.623  -9.779  6.032   1.00 10.37 ? 390 ASN A OD1 1 
ATOM   162 N ND2 . ASN A 1 21 ? -8.413  -11.635 4.801   1.00 10.27 ? 390 ASN A ND2 1 
ATOM   163 N N   . SER A 1 22 ? -10.665 -7.374  6.558   1.00 9.33  ? 391 SER A N   1 
ATOM   164 C CA  . SER A 1 22 ? -10.177 -6.045  6.916   1.00 8.33  ? 391 SER A CA  1 
ATOM   165 C C   . SER A 1 22 ? -8.673  -6.021  7.165   1.00 10.09 ? 391 SER A C   1 
ATOM   166 O O   . SER A 1 22 ? -8.093  -4.959  7.385   1.00 8.91  ? 391 SER A O   1 
ATOM   167 C CB  . SER A 1 22 ? -10.914 -5.541  8.156   1.00 6.31  ? 391 SER A CB  1 
ATOM   168 O OG  . SER A 1 22 ? -10.865 -6.508  9.192   1.00 8.72  ? 391 SER A OG  1 
ATOM   169 N N   . THR A 1 23 ? -8.049  -7.193  7.135   1.00 9.27  ? 392 THR A N   1 
ATOM   170 C CA  . THR A 1 23 ? -6.605  -7.304  7.316   1.00 6.39  ? 392 THR A CA  1 
ATOM   171 C C   . THR A 1 23 ? -5.884  -6.943  6.026   1.00 6.33  ? 392 THR A C   1 
ATOM   172 O O   . THR A 1 23 ? -4.730  -6.527  6.046   1.00 8.39  ? 392 THR A O   1 
ATOM   173 C CB  . THR A 1 23 ? -6.204  -8.730  7.741   1.00 10.41 ? 392 THR A CB  1 
ATOM   174 O OG1 . THR A 1 23 ? -6.753  -9.003  9.033   1.00 10.42 ? 392 THR A OG1 1 
ATOM   175 C CG2 . THR A 1 23 ? -4.686  -8.890  7.791   1.00 8.82  ? 392 THR A CG2 1 
ATOM   176 N N   . LEU A 1 24 ? -6.580  -7.110  4.906   1.00 7.13  ? 393 LEU A N   1 
ATOM   177 C CA  . LEU A 1 24 ? -6.005  -6.837  3.596   1.00 7.95  ? 393 LEU A CA  1 
ATOM   178 C C   . LEU A 1 24 ? -6.510  -5.502  3.063   1.00 7.84  ? 393 LEU A C   1 
ATOM   179 O O   . LEU A 1 24 ? -7.621  -5.075  3.377   1.00 9.59  ? 393 LEU A O   1 
ATOM   180 C CB  . LEU A 1 24 ? -6.361  -7.956  2.617   1.00 9.03  ? 393 LEU A CB  1 
ATOM   181 C CG  . LEU A 1 24 ? -6.054  -9.376  3.098   1.00 10.78 ? 393 LEU A CG  1 
ATOM   182 C CD1 . LEU A 1 24 ? -6.402  -10.394 2.023   1.00 10.34 ? 393 LEU A CD1 1 
ATOM   183 C CD2 . LEU A 1 24 ? -4.592  -9.498  3.505   1.00 13.36 ? 393 LEU A CD2 1 
ATOM   184 N N   . LEU A 1 25 ? -5.684  -4.850  2.252   1.00 7.67  ? 394 LEU A N   1 
ATOM   185 C CA  . LEU A 1 25 ? -6.012  -3.555  1.681   1.00 8.04  ? 394 LEU A CA  1 
ATOM   186 C C   . LEU A 1 25 ? -6.427  -3.701  0.219   1.00 7.44  ? 394 LEU A C   1 
ATOM   187 O O   . LEU A 1 25 ? -5.707  -4.300  -0.575  1.00 9.35  ? 394 LEU A O   1 
ATOM   188 C CB  . LEU A 1 25 ? -4.797  -2.634  1.771   1.00 8.90  ? 394 LEU A CB  1 
ATOM   189 C CG  . LEU A 1 25 ? -4.935  -1.253  1.132   1.00 10.23 ? 394 LEU A CG  1 
ATOM   190 C CD1 . LEU A 1 25 ? -5.914  -0.389  1.906   1.00 10.62 ? 394 LEU A CD1 1 
ATOM   191 C CD2 . LEU A 1 25 ? -3.568  -0.607  1.070   1.00 9.59  ? 394 LEU A CD2 1 
ATOM   192 N N   . SER A 1 26 ? -7.586  -3.156  -0.132  1.00 10.15 ? 395 SER A N   1 
ATOM   193 C CA  . SER A 1 26 ? -8.026  -3.124  -1.523  1.00 9.76  ? 395 SER A CA  1 
ATOM   194 C C   . SER A 1 26 ? -7.520  -1.860  -2.197  1.00 11.32 ? 395 SER A C   1 
ATOM   195 O O   . SER A 1 26 ? -7.433  -0.806  -1.576  1.00 13.82 ? 395 SER A O   1 
ATOM   196 C CB  . SER A 1 26 ? -9.550  -3.151  -1.619  1.00 12.08 ? 395 SER A CB  1 
ATOM   197 O OG  . SER A 1 26 ? -10.078 -4.343  -1.086  1.00 12.26 ? 395 SER A OG  1 
ATOM   198 N N   . PHE A 1 27 ? -7.182  -1.976  -3.473  1.00 8.06  ? 396 PHE A N   1 
ATOM   199 C CA  . PHE A 1 27 ? -6.885  -0.807  -4.282  1.00 11.24 ? 396 PHE A CA  1 
ATOM   200 C C   . PHE A 1 27 ? -7.015  -1.111  -5.765  1.00 12.27 ? 396 PHE A C   1 
ATOM   201 O O   . PHE A 1 27 ? -6.940  -2.260  -6.189  1.00 13.08 ? 396 PHE A O   1 
ATOM   202 C CB  . PHE A 1 27 ? -5.481  -0.270  -3.980  1.00 14.15 ? 396 PHE A CB  1 
ATOM   203 C CG  . PHE A 1 27 ? -4.402  -1.319  -3.999  1.00 8.20  ? 396 PHE A CG  1 
ATOM   204 C CD1 . PHE A 1 27 ? -3.964  -1.866  -5.190  1.00 7.83  ? 396 PHE A CD1 1 
ATOM   205 C CD2 . PHE A 1 27 ? -3.811  -1.737  -2.821  1.00 11.34 ? 396 PHE A CD2 1 
ATOM   206 C CE1 . PHE A 1 27 ? -2.963  -2.822  -5.205  1.00 8.36  ? 396 PHE A CE1 1 
ATOM   207 C CE2 . PHE A 1 27 ? -2.812  -2.696  -2.826  1.00 10.28 ? 396 PHE A CE2 1 
ATOM   208 C CZ  . PHE A 1 27 ? -2.385  -3.236  -4.022  1.00 11.53 ? 396 PHE A CZ  1 
ATOM   209 N N   . LYS A 1 28 ? -7.222  -0.060  -6.545  1.00 14.14 ? 397 LYS A N   1 
ATOM   210 C CA  . LYS A 1 28 ? -7.245  -0.165  -7.990  1.00 17.13 ? 397 LYS A CA  1 
ATOM   211 C C   . LYS A 1 28 ? -5.890  0.256   -8.522  1.00 10.42 ? 397 LYS A C   1 
ATOM   212 O O   . LYS A 1 28 ? -5.177  1.023   -7.878  1.00 12.46 ? 397 LYS A O   1 
ATOM   213 C CB  . LYS A 1 28 ? -8.315  0.753   -8.572  1.00 21.78 ? 397 LYS A CB  1 
ATOM   214 C CG  . LYS A 1 28 ? -9.718  0.462   -8.085  1.00 28.18 ? 397 LYS A CG  1 
ATOM   215 C CD  . LYS A 1 28 ? -10.281 -0.798  -8.717  1.00 31.96 ? 397 LYS A CD  1 
ATOM   216 C CE  . LYS A 1 28 ? -11.798 -0.771  -8.717  1.00 39.25 ? 397 LYS A CE  1 
ATOM   217 N NZ  . LYS A 1 28 ? -12.392 -1.953  -8.037  1.00 43.19 ? 397 LYS A NZ  1 
ATOM   218 N N   . GLU A 1 29 ? -5.533  -0.252  -9.693  1.00 12.13 ? 398 GLU A N   1 
ATOM   219 C CA  . GLU A 1 29 ? -4.339  0.198   -10.380 1.00 11.39 ? 398 GLU A CA  1 
ATOM   220 C C   . GLU A 1 29 ? -4.325  1.719   -10.464 1.00 10.87 ? 398 GLU A C   1 
ATOM   221 O O   . GLU A 1 29 ? -5.330  2.333   -10.821 1.00 12.55 ? 398 GLU A O   1 
ATOM   222 C CB  . GLU A 1 29 ? -4.300  -0.385  -11.784 1.00 11.64 ? 398 GLU A CB  1 
ATOM   223 C CG  . GLU A 1 29 ? -3.134  0.108   -12.595 1.00 15.67 ? 398 GLU A CG  1 
ATOM   224 C CD  . GLU A 1 29 ? -3.023  -0.595  -13.925 1.00 21.34 ? 398 GLU A CD  1 
ATOM   225 O OE1 . GLU A 1 29 ? -3.795  -1.548  -14.158 1.00 18.68 ? 398 GLU A OE1 1 
ATOM   226 O OE2 . GLU A 1 29 ? -2.169  -0.190  -14.731 1.00 23.66 ? 398 GLU A OE2 1 
ATOM   227 N N   . GLY A 1 30 ? -3.188  2.320   -10.136 1.00 9.42  ? 399 GLY A N   1 
ATOM   228 C CA  . GLY A 1 30 ? -3.037  3.760   -10.196 1.00 10.41 ? 399 GLY A CA  1 
ATOM   229 C C   . GLY A 1 30 ? -3.121  4.413   -8.830  1.00 9.84  ? 399 GLY A C   1 
ATOM   230 O O   . GLY A 1 30 ? -2.690  5.551   -8.656  1.00 13.73 ? 399 GLY A O   1 
ATOM   231 N N   . ASP A 1 31 ? -3.677  3.700   -7.856  1.00 9.63  ? 400 ASP A N   1 
ATOM   232 C CA  A ASP A 1 31 ? -3.758  4.198   -6.488  0.43 9.17  ? 400 ASP A CA  1 
ATOM   233 C CA  B ASP A 1 31 ? -3.761  4.232   -6.507  0.57 9.14  ? 400 ASP A CA  1 
ATOM   234 C C   . ASP A 1 31 ? -2.366  4.260   -5.893  1.00 10.57 ? 400 ASP A C   1 
ATOM   235 O O   . ASP A 1 31 ? -1.520  3.426   -6.211  1.00 9.92  ? 400 ASP A O   1 
ATOM   236 C CB  A ASP A 1 31 ? -4.636  3.286   -5.633  0.43 7.89  ? 400 ASP A CB  1 
ATOM   237 C CB  B ASP A 1 31 ? -4.712  3.405   -5.640  0.57 9.37  ? 400 ASP A CB  1 
ATOM   238 C CG  A ASP A 1 31 ? -6.088  3.333   -6.040  0.43 10.59 ? 400 ASP A CG  1 
ATOM   239 C CG  B ASP A 1 31 ? -4.984  4.057   -4.298  0.57 13.13 ? 400 ASP A CG  1 
ATOM   240 O OD1 A ASP A 1 31 ? -6.424  4.121   -6.949  0.43 13.26 ? 400 ASP A OD1 1 
ATOM   241 O OD1 B ASP A 1 31 ? -4.708  5.267   -4.145  0.57 9.31  ? 400 ASP A OD1 1 
ATOM   242 O OD2 A ASP A 1 31 ? -6.901  2.600   -5.438  0.43 12.31 ? 400 ASP A OD2 1 
ATOM   243 O OD2 B ASP A 1 31 ? -5.480  3.361   -3.396  0.57 11.92 ? 400 ASP A OD2 1 
ATOM   244 N N   . LEU A 1 32 ? -2.122  5.233   -5.027  1.00 10.16 ? 401 LEU A N   1 
ATOM   245 C CA  . LEU A 1 32 ? -0.841  5.309   -4.347  1.00 7.17  ? 401 LEU A CA  1 
ATOM   246 C C   . LEU A 1 32 ? -1.015  4.802   -2.924  1.00 8.74  ? 401 LEU A C   1 
ATOM   247 O O   . LEU A 1 32 ? -2.065  4.985   -2.321  1.00 13.90 ? 401 LEU A O   1 
ATOM   248 C CB  . LEU A 1 32 ? -0.301  6.737   -4.334  1.00 12.42 ? 401 LEU A CB  1 
ATOM   249 C CG  . LEU A 1 32 ? -0.089  7.429   -5.681  1.00 10.11 ? 401 LEU A CG  1 
ATOM   250 C CD1 . LEU A 1 32 ? 0.761   8.669   -5.468  1.00 9.33  ? 401 LEU A CD1 1 
ATOM   251 C CD2 . LEU A 1 32 ? 0.561   6.506   -6.704  1.00 11.53 ? 401 LEU A CD2 1 
ATOM   252 N N   . ILE A 1 33 ? 0.013   4.154   -2.395  1.00 8.81  ? 402 ILE A N   1 
ATOM   253 C CA  . ILE A 1 33 ? -0.043  3.618   -1.046  1.00 9.80  ? 402 ILE A CA  1 
ATOM   254 C C   . ILE A 1 33 ? 1.176   4.066   -0.260  1.00 12.69 ? 402 ILE A C   1 
ATOM   255 O O   . ILE A 1 33 ? 2.304   3.912   -0.709  1.00 10.71 ? 402 ILE A O   1 
ATOM   256 C CB  . ILE A 1 33 ? -0.101  2.083   -1.066  1.00 10.73 ? 402 ILE A CB  1 
ATOM   257 C CG1 . ILE A 1 33 ? -1.343  1.614   -1.824  1.00 12.04 ? 402 ILE A CG1 1 
ATOM   258 C CG2 . ILE A 1 33 ? -0.121  1.522   0.351   1.00 10.71 ? 402 ILE A CG2 1 
ATOM   259 C CD1 . ILE A 1 33 ? -1.275  0.168   -2.258  1.00 22.48 ? 402 ILE A CD1 1 
ATOM   260 N N   . THR A 1 34 ? 0.940   4.639   0.914   1.00 10.71 ? 403 THR A N   1 
ATOM   261 C CA  . THR A 1 34 ? 2.027   5.040   1.792   1.00 10.18 ? 403 THR A CA  1 
ATOM   262 C C   . THR A 1 34 ? 2.362   3.876   2.705   1.00 11.22 ? 403 THR A C   1 
ATOM   263 O O   . THR A 1 34 ? 1.510   3.398   3.442   1.00 9.72  ? 403 THR A O   1 
ATOM   264 C CB  . THR A 1 34 ? 1.643   6.254   2.650   1.00 11.55 ? 403 THR A CB  1 
ATOM   265 O OG1 . THR A 1 34 ? 1.407   7.386   1.802   1.00 13.35 ? 403 THR A OG1 1 
ATOM   266 C CG2 . THR A 1 34 ? 2.755   6.588   3.625   1.00 11.84 ? 403 THR A CG2 1 
ATOM   267 N N   . LEU A 1 35 ? 3.605   3.416   2.650   1.00 11.53 ? 404 LEU A N   1 
ATOM   268 C CA  . LEU A 1 35 ? 4.030   2.295   3.473   1.00 12.64 ? 404 LEU A CA  1 
ATOM   269 C C   . LEU A 1 35 ? 4.107   2.712   4.933   1.00 10.91 ? 404 LEU A C   1 
ATOM   270 O O   . LEU A 1 35 ? 4.585   3.796   5.254   1.00 11.56 ? 404 LEU A O   1 
ATOM   271 C CB  . LEU A 1 35 ? 5.381   1.780   2.991   1.00 13.25 ? 404 LEU A CB  1 
ATOM   272 C CG  . LEU A 1 35 ? 5.423   1.385   1.514   1.00 12.86 ? 404 LEU A CG  1 
ATOM   273 C CD1 . LEU A 1 35 ? 6.822   0.928   1.154   1.00 12.34 ? 404 LEU A CD1 1 
ATOM   274 C CD2 . LEU A 1 35 ? 4.396   0.305   1.204   1.00 10.27 ? 404 LEU A CD2 1 
ATOM   275 N N   . LEU A 1 36 ? 3.626   1.839   5.814   1.00 10.41 ? 405 LEU A N   1 
ATOM   276 C CA  . LEU A 1 36 ? 3.544   2.140   7.235   1.00 15.17 ? 405 LEU A CA  1 
ATOM   277 C C   . LEU A 1 36 ? 4.371   1.176   8.078   1.00 14.88 ? 405 LEU A C   1 
ATOM   278 O O   . LEU A 1 36 ? 4.418   1.304   9.301   1.00 14.46 ? 405 LEU A O   1 
ATOM   279 C CB  . LEU A 1 36 ? 2.076   2.150   7.670   1.00 12.60 ? 405 LEU A CB  1 
ATOM   280 C CG  . LEU A 1 36 ? 1.332   3.354   7.086   1.00 14.99 ? 405 LEU A CG  1 
ATOM   281 C CD1 . LEU A 1 36 ? -0.158  3.279   7.357   1.00 17.14 ? 405 LEU A CD1 1 
ATOM   282 C CD2 . LEU A 1 36 ? 1.921   4.638   7.642   1.00 20.04 ? 405 LEU A CD2 1 
ATOM   283 N N   . VAL A 1 37 ? 5.028   0.221   7.422   1.00 14.10 ? 406 VAL A N   1 
ATOM   284 C CA  . VAL A 1 37 ? 6.042   -0.596  8.078   1.00 16.28 ? 406 VAL A CA  1 
ATOM   285 C C   . VAL A 1 37 ? 7.333   -0.557  7.259   1.00 16.95 ? 406 VAL A C   1 
ATOM   286 O O   . VAL A 1 37 ? 7.315   -0.197  6.085   1.00 17.30 ? 406 VAL A O   1 
ATOM   287 C CB  . VAL A 1 37 ? 5.583   -2.054  8.264   1.00 19.01 ? 406 VAL A CB  1 
ATOM   288 C CG1 . VAL A 1 37 ? 4.304   -2.109  9.092   1.00 19.74 ? 406 VAL A CG1 1 
ATOM   289 C CG2 . VAL A 1 37 ? 5.395   -2.734  6.914   1.00 17.73 ? 406 VAL A CG2 1 
ATOM   290 N N   . PRO A 1 38 ? 8.464   -0.918  7.881   1.00 19.47 ? 407 PRO A N   1 
ATOM   291 C CA  . PRO A 1 38 ? 9.760   -0.753  7.209   1.00 25.54 ? 407 PRO A CA  1 
ATOM   292 C C   . PRO A 1 38 ? 10.084  -1.778  6.110   1.00 21.71 ? 407 PRO A C   1 
ATOM   293 O O   . PRO A 1 38 ? 10.847  -1.442  5.204   1.00 21.62 ? 407 PRO A O   1 
ATOM   294 C CB  . PRO A 1 38 ? 10.769  -0.843  8.360   1.00 28.34 ? 407 PRO A CB  1 
ATOM   295 C CG  . PRO A 1 38 ? 10.061  -1.579  9.452   1.00 32.71 ? 407 PRO A CG  1 
ATOM   296 C CD  . PRO A 1 38 ? 8.604   -1.265  9.306   1.00 28.46 ? 407 PRO A CD  1 
ATOM   297 N N   . GLU A 1 39 ? 9.535   -2.987  6.182   1.00 21.70 ? 408 GLU A N   1 
ATOM   298 C CA  . GLU A 1 39 ? 9.771   -3.992  5.142   1.00 22.22 ? 408 GLU A CA  1 
ATOM   299 C C   . GLU A 1 39 ? 8.544   -4.853  4.893   1.00 20.73 ? 408 GLU A C   1 
ATOM   300 O O   . GLU A 1 39 ? 7.667   -4.971  5.745   1.00 20.41 ? 408 GLU A O   1 
ATOM   301 C CB  . GLU A 1 39 ? 10.915  -4.934  5.527   1.00 26.99 ? 408 GLU A CB  1 
ATOM   302 C CG  . GLU A 1 39 ? 12.219  -4.272  5.916   1.00 38.18 ? 408 GLU A CG  1 
ATOM   303 C CD  . GLU A 1 39 ? 12.779  -4.841  7.202   1.00 50.29 ? 408 GLU A CD  1 
ATOM   304 O OE1 . GLU A 1 39 ? 12.108  -5.690  7.821   1.00 56.37 ? 408 GLU A OE1 1 
ATOM   305 O OE2 . GLU A 1 39 ? 13.892  -4.442  7.592   1.00 56.29 ? 408 GLU A OE2 1 
ATOM   306 N N   . ALA A 1 40 ? 8.511   -5.471  3.719   1.00 16.72 ? 409 ALA A N   1 
ATOM   307 C CA  . ALA A 1 40 ? 7.538   -6.510  3.430   1.00 14.15 ? 409 ALA A CA  1 
ATOM   308 C C   . ALA A 1 40 ? 7.851   -7.732  4.288   1.00 14.91 ? 409 ALA A C   1 
ATOM   309 O O   . ALA A 1 40 ? 9.000   -7.960  4.665   1.00 17.80 ? 409 ALA A O   1 
ATOM   310 C CB  . ALA A 1 40 ? 7.582   -6.871  1.954   1.00 16.39 ? 409 ALA A CB  1 
ATOM   311 N N   . ARG A 1 41 ? 6.817   -8.499  4.611   1.00 10.98 ? 410 ARG A N   1 
ATOM   312 C CA  . ARG A 1 41 ? 6.970   -9.777  5.295   1.00 10.28 ? 410 ARG A CA  1 
ATOM   313 C C   . ARG A 1 41 ? 6.339   -10.878 4.469   1.00 11.30 ? 410 ARG A C   1 
ATOM   314 O O   . ARG A 1 41 ? 5.149   -10.827 4.166   1.00 11.51 ? 410 ARG A O   1 
ATOM   315 C CB  . ARG A 1 41 ? 6.295   -9.741  6.662   1.00 17.24 ? 410 ARG A CB  1 
ATOM   316 C CG  . ARG A 1 41 ? 7.066   -8.963  7.694   1.00 28.08 ? 410 ARG A CG  1 
ATOM   317 C CD  . ARG A 1 41 ? 6.480   -9.124  9.076   1.00 39.33 ? 410 ARG A CD  1 
ATOM   318 N NE  . ARG A 1 41 ? 7.126   -8.198  9.996   1.00 47.60 ? 410 ARG A NE  1 
ATOM   319 C CZ  . ARG A 1 41 ? 8.187   -8.490  10.741  1.00 50.56 ? 410 ARG A CZ  1 
ATOM   320 N NH1 . ARG A 1 41 ? 8.726   -9.703  10.703  1.00 46.20 ? 410 ARG A NH1 1 
ATOM   321 N NH2 . ARG A 1 41 ? 8.704   -7.565  11.539  1.00 57.84 ? 410 ARG A NH2 1 
ATOM   322 N N   . ASP A 1 42 ? 7.131   -11.883 4.116   1.00 14.78 ? 411 ASP A N   1 
ATOM   323 C CA  . ASP A 1 42 ? 6.648   -12.966 3.271   1.00 15.01 ? 411 ASP A CA  1 
ATOM   324 C C   . ASP A 1 42 ? 6.013   -12.433 1.992   1.00 12.21 ? 411 ASP A C   1 
ATOM   325 O O   . ASP A 1 42 ? 5.078   -13.029 1.460   1.00 11.04 ? 411 ASP A O   1 
ATOM   326 C CB  . ASP A 1 42 ? 5.642   -13.822 4.039   1.00 19.07 ? 411 ASP A CB  1 
ATOM   327 C CG  . ASP A 1 42 ? 6.301   -14.697 5.087   1.00 26.95 ? 411 ASP A CG  1 
ATOM   328 O OD1 . ASP A 1 42 ? 5.591   -15.499 5.728   1.00 23.54 ? 411 ASP A OD1 1 
ATOM   329 O OD2 . ASP A 1 42 ? 7.533   -14.592 5.260   1.00 29.81 ? 411 ASP A OD2 1 
ATOM   330 N N   . GLY A 1 43 ? 6.522   -11.305 1.509   1.00 11.69 ? 412 GLY A N   1 
ATOM   331 C CA  . GLY A 1 43 ? 6.086   -10.751 0.242   1.00 11.00 ? 412 GLY A CA  1 
ATOM   332 C C   . GLY A 1 43 ? 4.930   -9.776  0.371   1.00 12.31 ? 412 GLY A C   1 
ATOM   333 O O   . GLY A 1 43 ? 4.477   -9.212  -0.622  1.00 10.70 ? 412 GLY A O   1 
ATOM   334 N N   . TRP A 1 44 ? 4.454   -9.577  1.596   1.00 11.09 ? 413 TRP A N   1 
ATOM   335 C CA  . TRP A 1 44 ? 3.331   -8.683  1.858   1.00 10.78 ? 413 TRP A CA  1 
ATOM   336 C C   . TRP A 1 44 ? 3.819   -7.382  2.484   1.00 10.54 ? 413 TRP A C   1 
ATOM   337 O O   . TRP A 1 44 ? 4.599   -7.403  3.428   1.00 14.59 ? 413 TRP A O   1 
ATOM   338 C CB  . TRP A 1 44 ? 2.340   -9.351  2.812   1.00 10.38 ? 413 TRP A CB  1 
ATOM   339 C CG  . TRP A 1 44 ? 1.661   -10.557 2.241   1.00 6.08  ? 413 TRP A CG  1 
ATOM   340 C CD1 . TRP A 1 44 ? 2.136   -11.834 2.223   1.00 7.68  ? 413 TRP A CD1 1 
ATOM   341 C CD2 . TRP A 1 44 ? 0.375   -10.602 1.604   1.00 6.67  ? 413 TRP A CD2 1 
ATOM   342 N NE1 . TRP A 1 44 ? 1.229   -12.668 1.619   1.00 8.41  ? 413 TRP A NE1 1 
ATOM   343 C CE2 . TRP A 1 44 ? 0.143   -11.935 1.230   1.00 6.76  ? 413 TRP A CE2 1 
ATOM   344 C CE3 . TRP A 1 44 ? -0.596  -9.638  1.321   1.00 6.50  ? 413 TRP A CE3 1 
ATOM   345 C CZ2 . TRP A 1 44 ? -1.024  -12.333 0.581   1.00 8.08  ? 413 TRP A CZ2 1 
ATOM   346 C CZ3 . TRP A 1 44 ? -1.750  -10.038 0.679   1.00 7.79  ? 413 TRP A CZ3 1 
ATOM   347 C CH2 . TRP A 1 44 ? -1.958  -11.373 0.320   1.00 11.15 ? 413 TRP A CH2 1 
ATOM   348 N N   . HIS A 1 45 ? 3.362   -6.249  1.969   1.00 8.88  ? 414 HIS A N   1 
ATOM   349 C CA  . HIS A 1 45 ? 3.652   -4.979  2.616   1.00 7.18  ? 414 HIS A CA  1 
ATOM   350 C C   . HIS A 1 45 ? 2.380   -4.435  3.259   1.00 9.04  ? 414 HIS A C   1 
ATOM   351 O O   . HIS A 1 45 ? 1.295   -4.963  3.044   1.00 8.45  ? 414 HIS A O   1 
ATOM   352 C CB  . HIS A 1 45 ? 4.240   -3.973  1.624   1.00 8.82  ? 414 HIS A CB  1 
ATOM   353 C CG  . HIS A 1 45 ? 5.387   -3.186  2.181   1.00 12.04 ? 414 HIS A CG  1 
ATOM   354 N ND1 . HIS A 1 45 ? 5.308   -2.501  3.375   1.00 11.41 ? 414 HIS A ND1 1 
ATOM   355 C CD2 . HIS A 1 45 ? 6.636   -2.969  1.708   1.00 10.18 ? 414 HIS A CD2 1 
ATOM   356 C CE1 . HIS A 1 45 ? 6.459   -1.907  3.617   1.00 13.66 ? 414 HIS A CE1 1 
ATOM   357 N NE2 . HIS A 1 45 ? 7.284   -2.174  2.621   1.00 13.65 ? 414 HIS A NE2 1 
ATOM   358 N N   . TYR A 1 46 ? 2.523   -3.380  4.050   1.00 8.19  ? 415 TYR A N   1 
ATOM   359 C CA  . TYR A 1 46 ? 1.418   -2.815  4.803   1.00 6.46  ? 415 TYR A CA  1 
ATOM   360 C C   . TYR A 1 46 ? 1.424   -1.303  4.643   1.00 10.59 ? 415 TYR A C   1 
ATOM   361 O O   . TYR A 1 46 ? 2.455   -0.667  4.840   1.00 10.03 ? 415 TYR A O   1 
ATOM   362 C CB  . TYR A 1 46 ? 1.571   -3.173  6.278   1.00 10.26 ? 415 TYR A CB  1 
ATOM   363 C CG  . TYR A 1 46 ? 0.498   -2.577  7.151   1.00 8.56  ? 415 TYR A CG  1 
ATOM   364 C CD1 . TYR A 1 46 ? -0.683  -3.256  7.384   1.00 8.68  ? 415 TYR A CD1 1 
ATOM   365 C CD2 . TYR A 1 46 ? 0.663   -1.328  7.731   1.00 11.99 ? 415 TYR A CD2 1 
ATOM   366 C CE1 . TYR A 1 46 ? -1.667  -2.717  8.178   1.00 7.68  ? 415 TYR A CE1 1 
ATOM   367 C CE2 . TYR A 1 46 ? -0.313  -0.779  8.522   1.00 12.41 ? 415 TYR A CE2 1 
ATOM   368 C CZ  . TYR A 1 46 ? -1.482  -1.476  8.739   1.00 11.02 ? 415 TYR A CZ  1 
ATOM   369 O OH  . TYR A 1 46 ? -2.464  -0.933  9.533   1.00 13.43 ? 415 TYR A OH  1 
ATOM   370 N N   . GLY A 1 47 ? 0.286   -0.721  4.281   1.00 7.76  ? 416 GLY A N   1 
ATOM   371 C CA  . GLY A 1 47 ? 0.213   0.722   4.154   1.00 7.71  ? 416 GLY A CA  1 
ATOM   372 C C   . GLY A 1 47 ? -1.182  1.295   4.057   1.00 9.09  ? 416 GLY A C   1 
ATOM   373 O O   . GLY A 1 47 ? -2.170  0.618   4.332   1.00 10.96 ? 416 GLY A O   1 
ATOM   374 N N   . GLU A 1 48 ? -1.245  2.559   3.650   1.00 7.40  ? 417 GLU A N   1 
ATOM   375 C CA  . GLU A 1 48 ? -2.490  3.306   3.604   1.00 7.20  ? 417 GLU A CA  1 
ATOM   376 C C   . GLU A 1 48 ? -2.747  3.861   2.212   1.00 6.74  ? 417 GLU A C   1 
ATOM   377 O O   . GLU A 1 48 ? -1.888  4.510   1.623   1.00 10.78 ? 417 GLU A O   1 
ATOM   378 C CB  . GLU A 1 48 ? -2.442  4.467   4.595   1.00 9.07  ? 417 GLU A CB  1 
ATOM   379 C CG  . GLU A 1 48 ? -3.689  5.333   4.566   1.00 11.14 ? 417 GLU A CG  1 
ATOM   380 C CD  . GLU A 1 48 ? -3.627  6.489   5.547   1.00 15.66 ? 417 GLU A CD  1 
ATOM   381 O OE1 . GLU A 1 48 ? -3.219  6.270   6.705   1.00 14.76 ? 417 GLU A OE1 1 
ATOM   382 O OE2 . GLU A 1 48 ? -3.987  7.617   5.154   1.00 15.30 ? 417 GLU A OE2 1 
ATOM   383 N N   . SER A 1 49 ? -3.944  3.609   1.701   1.00 6.34  ? 418 SER A N   1 
ATOM   384 C CA  . SER A 1 49 ? -4.362  4.125   0.408   1.00 7.91  ? 418 SER A CA  1 
ATOM   385 C C   . SER A 1 49 ? -4.565  5.640   0.423   1.00 10.25 ? 418 SER A C   1 
ATOM   386 O O   . SER A 1 49 ? -5.230  6.180   1.305   1.00 9.45  ? 418 SER A O   1 
ATOM   387 C CB  . SER A 1 49 ? -5.660  3.433   -0.012  1.00 8.32  ? 418 SER A CB  1 
ATOM   388 O OG  . SER A 1 49 ? -6.241  4.050   -1.144  1.00 10.29 ? 418 SER A OG  1 
ATOM   389 N N   . GLU A 1 50 ? -3.966  6.312   -0.555  1.00 8.76  ? 419 GLU A N   1 
ATOM   390 C CA  A GLU A 1 50 ? -4.148  7.747   -0.696  0.52 8.10  ? 419 GLU A CA  1 
ATOM   391 C CA  B GLU A 1 50 ? -4.140  7.743   -0.803  0.48 9.01  ? 419 GLU A CA  1 
ATOM   392 C C   . GLU A 1 50 ? -5.607  8.055   -1.042  1.00 7.56  ? 419 GLU A C   1 
ATOM   393 O O   . GLU A 1 50 ? -6.169  9.022   -0.527  1.00 12.61 ? 419 GLU A O   1 
ATOM   394 C CB  A GLU A 1 50 ? -3.200  8.316   -1.755  0.52 12.08 ? 419 GLU A CB  1 
ATOM   395 C CB  B GLU A 1 50 ? -3.337  8.116   -2.056  0.48 11.64 ? 419 GLU A CB  1 
ATOM   396 C CG  A GLU A 1 50 ? -3.221  9.825   -1.841  0.52 12.15 ? 419 GLU A CG  1 
ATOM   397 C CG  B GLU A 1 50 ? -3.746  9.403   -2.758  0.48 11.10 ? 419 GLU A CG  1 
ATOM   398 C CD  A GLU A 1 50 ? -4.395  10.317  -2.641  0.52 8.63  ? 419 GLU A CD  1 
ATOM   399 C CD  B GLU A 1 50 ? -3.479  10.641  -1.935  0.48 8.96  ? 419 GLU A CD  1 
ATOM   400 O OE1 A GLU A 1 50 ? -4.783  9.613   -3.598  0.52 9.07  ? 419 GLU A OE1 1 
ATOM   401 O OE1 B GLU A 1 50 ? -2.577  10.610  -1.072  0.48 12.74 ? 419 GLU A OE1 1 
ATOM   402 O OE2 A GLU A 1 50 ? -4.938  11.389  -2.306  0.52 9.76  ? 419 GLU A OE2 1 
ATOM   403 O OE2 B GLU A 1 50 ? -4.174  11.651  -2.159  0.48 14.24 ? 419 GLU A OE2 1 
ATOM   404 N N   . LYS A 1 51 ? -6.217  7.211   -1.869  1.00 6.61  ? 420 LYS A N   1 
ATOM   405 C CA  . LYS A 1 51 ? -7.599  7.388   -2.307  1.00 9.25  ? 420 LYS A CA  1 
ATOM   406 C C   . LYS A 1 51 ? -8.633  7.155   -1.199  1.00 8.26  ? 420 LYS A C   1 
ATOM   407 O O   . LYS A 1 51 ? -9.493  8.002   -0.963  1.00 9.16  ? 420 LYS A O   1 
ATOM   408 C CB  . LYS A 1 51 ? -7.886  6.460   -3.495  1.00 10.10 ? 420 LYS A CB  1 
ATOM   409 C CG  . LYS A 1 51 ? -9.329  6.440   -3.945  1.00 22.03 ? 420 LYS A CG  1 
ATOM   410 C CD  . LYS A 1 51 ? -9.818  7.839   -4.230  1.00 36.40 ? 420 LYS A CD  1 
ATOM   411 C CE  . LYS A 1 51 ? -11.200 7.816   -4.828  1.00 47.00 ? 420 LYS A CE  1 
ATOM   412 N NZ  . LYS A 1 51 ? -11.601 9.162   -5.294  1.00 52.44 ? 420 LYS A NZ  1 
ATOM   413 N N   . THR A 1 52 ? -8.542  6.018   -0.513  1.00 10.20 ? 421 THR A N   1 
ATOM   414 C CA  . THR A 1 52 ? -9.580  5.594   0.429   1.00 8.73  ? 421 THR A CA  1 
ATOM   415 C C   . THR A 1 52 ? -9.215  5.821   1.893   1.00 8.16  ? 421 THR A C   1 
ATOM   416 O O   . THR A 1 52 ? -10.086 5.781   2.761   1.00 9.23  ? 421 THR A O   1 
ATOM   417 C CB  . THR A 1 52 ? -9.874  4.097   0.261   1.00 8.95  ? 421 THR A CB  1 
ATOM   418 O OG1 . THR A 1 52 ? -8.735  3.339   0.685   1.00 11.59 ? 421 THR A OG1 1 
ATOM   419 C CG2 . THR A 1 52 ? -10.186 3.774   -1.192  1.00 13.04 ? 421 THR A CG2 1 
ATOM   420 N N   . LYS A 1 53 ? -7.932  6.045   2.161   1.00 9.00  ? 422 LYS A N   1 
ATOM   421 C CA  . LYS A 1 53 ? -7.429  6.189   3.529   1.00 8.35  ? 422 LYS A CA  1 
ATOM   422 C C   . LYS A 1 53 ? -7.600  4.914   4.364   1.00 9.77  ? 422 LYS A C   1 
ATOM   423 O O   . LYS A 1 53 ? -7.456  4.942   5.582   1.00 10.02 ? 422 LYS A O   1 
ATOM   424 C CB  . LYS A 1 53 ? -8.094  7.372   4.241   1.00 11.87 ? 422 LYS A CB  1 
ATOM   425 C CG  . LYS A 1 53 ? -7.506  8.728   3.883   1.00 13.27 ? 422 LYS A CG  1 
ATOM   426 C CD  . LYS A 1 53 ? -7.890  9.180   2.485   1.00 22.45 ? 422 LYS A CD  1 
ATOM   427 C CE  . LYS A 1 53 ? -9.387  9.405   2.337   1.00 21.84 ? 422 LYS A CE  1 
ATOM   428 N NZ  . LYS A 1 53 ? -9.664  10.232  1.136   1.00 16.84 ? 422 LYS A NZ  1 
ATOM   429 N N   . MET A 1 54 ? -7.906  3.796   3.717   1.00 7.80  ? 423 MET A N   1 
ATOM   430 C CA  . MET A 1 54 ? -7.942  2.519   4.421   1.00 5.17  ? 423 MET A CA  1 
ATOM   431 C C   . MET A 1 54 ? -6.528  1.972   4.554   1.00 8.28  ? 423 MET A C   1 
ATOM   432 O O   . MET A 1 54 ? -5.622  2.391   3.839   1.00 9.55  ? 423 MET A O   1 
ATOM   433 C CB  . MET A 1 54 ? -8.838  1.512   3.698   1.00 6.98  ? 423 MET A CB  1 
ATOM   434 C CG  . MET A 1 54 ? -10.256 2.009   3.436   1.00 10.02 ? 423 MET A CG  1 
ATOM   435 S SD  . MET A 1 54 ? -11.031 2.787   4.873   1.00 11.37 ? 423 MET A SD  1 
ATOM   436 C CE  . MET A 1 54 ? -11.254 1.378   5.954   1.00 6.44  ? 423 MET A CE  1 
ATOM   437 N N   . ARG A 1 55 ? -6.348  1.034   5.479   1.00 9.27  ? 424 ARG A N   1 
ATOM   438 C CA  . ARG A 1 55 ? -5.036  0.473   5.768   1.00 8.95  ? 424 ARG A CA  1 
ATOM   439 C C   . ARG A 1 55 ? -5.085  -1.045  5.710   1.00 7.86  ? 424 ARG A C   1 
ATOM   440 O O   . ARG A 1 55 ? -6.125  -1.644  5.981   1.00 7.69  ? 424 ARG A O   1 
ATOM   441 C CB  . ARG A 1 55 ? -4.577  0.920   7.160   1.00 12.73 ? 424 ARG A CB  1 
ATOM   442 C CG  . ARG A 1 55 ? -4.214  2.390   7.245   1.00 15.18 ? 424 ARG A CG  1 
ATOM   443 C CD  . ARG A 1 55 ? -3.823  2.785   8.653   1.00 18.10 ? 424 ARG A CD  1 
ATOM   444 N NE  . ARG A 1 55 ? -3.326  4.154   8.662   1.00 17.14 ? 424 ARG A NE  1 
ATOM   445 C CZ  . ARG A 1 55 ? -2.757  4.745   9.703   1.00 19.79 ? 424 ARG A CZ  1 
ATOM   446 N NH1 . ARG A 1 55 ? -2.339  5.995   9.595   1.00 19.94 ? 424 ARG A NH1 1 
ATOM   447 N NH2 . ARG A 1 55 ? -2.608  4.099   10.849  1.00 25.52 ? 424 ARG A NH2 1 
ATOM   448 N N   . GLY A 1 56 ? -3.965  -1.664  5.359   1.00 8.31  ? 425 GLY A N   1 
ATOM   449 C CA  . GLY A 1 56 ? -3.889  -3.112  5.366   1.00 7.53  ? 425 GLY A CA  1 
ATOM   450 C C   . GLY A 1 56 ? -2.708  -3.693  4.622   1.00 9.16  ? 425 GLY A C   1 
ATOM   451 O O   . GLY A 1 56 ? -1.875  -2.968  4.070   1.00 9.44  ? 425 GLY A O   1 
ATOM   452 N N   . TRP A 1 57 ? -2.645  -5.019  4.619   1.00 6.93  ? 426 TRP A N   1 
ATOM   453 C CA  . TRP A 1 57 ? -1.583  -5.753  3.962   1.00 6.84  ? 426 TRP A CA  1 
ATOM   454 C C   . TRP A 1 57 ? -1.936  -6.031  2.508   1.00 5.85  ? 426 TRP A C   1 
ATOM   455 O O   . TRP A 1 57 ? -3.098  -6.219  2.155   1.00 7.72  ? 426 TRP A O   1 
ATOM   456 C CB  . TRP A 1 57 ? -1.327  -7.066  4.703   1.00 8.43  ? 426 TRP A CB  1 
ATOM   457 C CG  . TRP A 1 57 ? -0.783  -6.859  6.076   1.00 7.43  ? 426 TRP A CG  1 
ATOM   458 C CD1 . TRP A 1 57 ? -1.496  -6.730  7.231   1.00 9.56  ? 426 TRP A CD1 1 
ATOM   459 C CD2 . TRP A 1 57 ? 0.598   -6.737  6.445   1.00 6.42  ? 426 TRP A CD2 1 
ATOM   460 N NE1 . TRP A 1 57 ? -0.645  -6.541  8.294   1.00 10.75 ? 426 TRP A NE1 1 
ATOM   461 C CE2 . TRP A 1 57 ? 0.644   -6.540  7.834   1.00 8.31  ? 426 TRP A CE2 1 
ATOM   462 C CE3 . TRP A 1 57 ? 1.796   -6.777  5.724   1.00 7.80  ? 426 TRP A CE3 1 
ATOM   463 C CZ2 . TRP A 1 57 ? 1.845   -6.386  8.525   1.00 9.62  ? 426 TRP A CZ2 1 
ATOM   464 C CZ3 . TRP A 1 57 ? 2.983   -6.630  6.415   1.00 10.74 ? 426 TRP A CZ3 1 
ATOM   465 C CH2 . TRP A 1 57 ? 2.999   -6.436  7.800   1.00 9.90  ? 426 TRP A CH2 1 
ATOM   466 N N   . PHE A 1 58 ? -0.920  -6.035  1.659   1.00 8.41  ? 427 PHE A N   1 
ATOM   467 C CA  . PHE A 1 58 ? -1.118  -6.272  0.241   1.00 10.50 ? 427 PHE A CA  1 
ATOM   468 C C   . PHE A 1 58 ? 0.131   -6.902  -0.346  1.00 7.29  ? 427 PHE A C   1 
ATOM   469 O O   . PHE A 1 58 ? 1.210   -6.804  0.231   1.00 7.87  ? 427 PHE A O   1 
ATOM   470 C CB  . PHE A 1 58 ? -1.428  -4.958  -0.475  1.00 9.71  ? 427 PHE A CB  1 
ATOM   471 C CG  . PHE A 1 58 ? -0.366  -3.906  -0.297  1.00 8.50  ? 427 PHE A CG  1 
ATOM   472 C CD1 . PHE A 1 58 ? 0.659   -3.779  -1.213  1.00 8.14  ? 427 PHE A CD1 1 
ATOM   473 C CD2 . PHE A 1 58 ? -0.396  -3.042  0.781   1.00 8.61  ? 427 PHE A CD2 1 
ATOM   474 C CE1 . PHE A 1 58 ? 1.637   -2.817  -1.055  1.00 7.69  ? 427 PHE A CE1 1 
ATOM   475 C CE2 . PHE A 1 58 ? 0.581   -2.082  0.947   1.00 9.15  ? 427 PHE A CE2 1 
ATOM   476 C CZ  . PHE A 1 58 ? 1.595   -1.965  0.025   1.00 11.66 ? 427 PHE A CZ  1 
ATOM   477 N N   . PRO A 1 59 ? -0.014  -7.567  -1.493  1.00 10.79 ? 428 PRO A N   1 
ATOM   478 C CA  . PRO A 1 59 ? 1.155   -8.126  -2.172  1.00 9.92  ? 428 PRO A CA  1 
ATOM   479 C C   . PRO A 1 59 ? 2.050   -7.010  -2.702  1.00 10.87 ? 428 PRO A C   1 
ATOM   480 O O   . PRO A 1 59 ? 1.621   -6.204  -3.524  1.00 10.96 ? 428 PRO A O   1 
ATOM   481 C CB  . PRO A 1 59 ? 0.556   -8.939  -3.327  1.00 13.01 ? 428 PRO A CB  1 
ATOM   482 C CG  . PRO A 1 59 ? -0.927  -8.955  -3.111  1.00 16.90 ? 428 PRO A CG  1 
ATOM   483 C CD  . PRO A 1 59 ? -1.269  -7.821  -2.213  1.00 11.33 ? 428 PRO A CD  1 
ATOM   484 N N   . PHE A 1 60 ? 3.283   -6.965  -2.211  1.00 9.22  ? 429 PHE A N   1 
ATOM   485 C CA  . PHE A 1 60 ? 4.249   -5.949  -2.610  1.00 10.32 ? 429 PHE A CA  1 
ATOM   486 C C   . PHE A 1 60 ? 4.473   -6.016  -4.117  1.00 9.48  ? 429 PHE A C   1 
ATOM   487 O O   . PHE A 1 60 ? 4.744   -4.999  -4.754  1.00 7.97  ? 429 PHE A O   1 
ATOM   488 C CB  . PHE A 1 60 ? 5.559   -6.180  -1.851  1.00 8.83  ? 429 PHE A CB  1 
ATOM   489 C CG  . PHE A 1 60 ? 6.526   -5.019  -1.892  1.00 13.52 ? 429 PHE A CG  1 
ATOM   490 C CD1 . PHE A 1 60 ? 6.109   -3.741  -2.213  1.00 16.54 ? 429 PHE A CD1 1 
ATOM   491 C CD2 . PHE A 1 60 ? 7.863   -5.220  -1.592  1.00 13.63 ? 429 PHE A CD2 1 
ATOM   492 C CE1 . PHE A 1 60 ? 7.014   -2.688  -2.241  1.00 17.45 ? 429 PHE A CE1 1 
ATOM   493 C CE2 . PHE A 1 60 ? 8.767   -4.176  -1.619  1.00 16.86 ? 429 PHE A CE2 1 
ATOM   494 C CZ  . PHE A 1 60 ? 8.341   -2.907  -1.941  1.00 17.20 ? 429 PHE A CZ  1 
ATOM   495 N N   . SER A 1 61 ? 4.337   -7.215  -4.679  1.00 8.42  ? 430 SER A N   1 
ATOM   496 C CA  . SER A 1 61 ? 4.530   -7.450  -6.111  1.00 7.93  ? 430 SER A CA  1 
ATOM   497 C C   . SER A 1 61 ? 3.498   -6.747  -6.992  1.00 11.86 ? 430 SER A C   1 
ATOM   498 O O   . SER A 1 61 ? 3.687   -6.625  -8.200  1.00 10.80 ? 430 SER A O   1 
ATOM   499 C CB  . SER A 1 61 ? 4.460   -8.946  -6.391  1.00 11.32 ? 430 SER A CB  1 
ATOM   500 O OG  . SER A 1 61 ? 3.215   -9.452  -5.951  1.00 9.94  ? 430 SER A OG  1 
ATOM   501 N N   . TYR A 1 62 ? 2.398   -6.305  -6.396  1.00 9.68  ? 431 TYR A N   1 
ATOM   502 C CA  . TYR A 1 62 ? 1.341   -5.645  -7.154  1.00 8.16  ? 431 TYR A CA  1 
ATOM   503 C C   . TYR A 1 62 ? 1.632   -4.162  -7.305  1.00 10.64 ? 431 TYR A C   1 
ATOM   504 O O   . TYR A 1 62 ? 0.832   -3.429  -7.882  1.00 11.18 ? 431 TYR A O   1 
ATOM   505 C CB  . TYR A 1 62 ? -0.008  -5.795  -6.455  1.00 10.08 ? 431 TYR A CB  1 
ATOM   506 C CG  . TYR A 1 62 ? -0.716  -7.115  -6.669  1.00 7.34  ? 431 TYR A CG  1 
ATOM   507 C CD1 . TYR A 1 62 ? -0.015  -8.312  -6.756  1.00 8.86  ? 431 TYR A CD1 1 
ATOM   508 C CD2 . TYR A 1 62 ? -2.098  -7.161  -6.769  1.00 12.09 ? 431 TYR A CD2 1 
ATOM   509 C CE1 . TYR A 1 62 ? -0.679  -9.515  -6.938  1.00 12.71 ? 431 TYR A CE1 1 
ATOM   510 C CE2 . TYR A 1 62 ? -2.769  -8.353  -6.948  1.00 13.58 ? 431 TYR A CE2 1 
ATOM   511 C CZ  . TYR A 1 62 ? -2.062  -9.526  -7.036  1.00 14.61 ? 431 TYR A CZ  1 
ATOM   512 O OH  . TYR A 1 62 ? -2.753  -10.704 -7.218  1.00 16.50 ? 431 TYR A OH  1 
ATOM   513 N N   . THR A 1 63 ? 2.767   -3.720  -6.774  1.00 8.55  ? 432 THR A N   1 
ATOM   514 C CA  . THR A 1 63 ? 3.092   -2.307  -6.744  1.00 8.04  ? 432 THR A CA  1 
ATOM   515 C C   . THR A 1 63 ? 4.534   -2.077  -7.158  1.00 11.18 ? 432 THR A C   1 
ATOM   516 O O   . THR A 1 63 ? 5.322   -3.014  -7.268  1.00 9.87  ? 432 THR A O   1 
ATOM   517 C CB  . THR A 1 63 ? 2.896   -1.723  -5.328  1.00 11.56 ? 432 THR A CB  1 
ATOM   518 O OG1 . THR A 1 63 ? 3.989   -2.109  -4.482  1.00 9.96  ? 432 THR A OG1 1 
ATOM   519 C CG2 . THR A 1 63 ? 1.591   -2.213  -4.721  1.00 11.02 ? 432 THR A CG2 1 
ATOM   520 N N   . ARG A 1 64 ? 4.874   -0.818  -7.399  1.00 11.08 ? 433 ARG A N   1 
ATOM   521 C CA  . ARG A 1 64 ? 6.255   -0.442  -7.622  1.00 11.91 ? 433 ARG A CA  1 
ATOM   522 C C   . ARG A 1 64 ? 6.578   0.803   -6.818  1.00 11.13 ? 433 ARG A C   1 
ATOM   523 O O   . ARG A 1 64 ? 5.751   1.692   -6.643  1.00 11.75 ? 433 ARG A O   1 
ATOM   524 C CB  . ARG A 1 64 ? 6.541   -0.202  -9.103  1.00 16.96 ? 433 ARG A CB  1 
ATOM   525 C CG  . ARG A 1 64 ? 5.944   1.067   -9.664  1.00 22.43 ? 433 ARG A CG  1 
ATOM   526 C CD  . ARG A 1 64 ? 6.667   1.472   -10.926 1.00 27.14 ? 433 ARG A CD  1 
ATOM   527 N NE  . ARG A 1 64 ? 5.997   2.590   -11.573 1.00 19.68 ? 433 ARG A NE  1 
ATOM   528 C CZ  . ARG A 1 64 ? 6.355   3.862   -11.457 1.00 15.40 ? 433 ARG A CZ  1 
ATOM   529 N NH1 . ARG A 1 64 ? 7.398   4.210   -10.716 1.00 16.43 ? 433 ARG A NH1 1 
ATOM   530 N NH2 . ARG A 1 64 ? 5.670   4.794   -12.102 1.00 13.60 ? 433 ARG A NH2 1 
ATOM   531 N N   . VAL A 1 65 ? 7.807   0.852   -6.336  1.00 13.17 ? 434 VAL A N   1 
ATOM   532 C CA  . VAL A 1 65 ? 8.260   1.923   -5.473  1.00 15.22 ? 434 VAL A CA  1 
ATOM   533 C C   . VAL A 1 65 ? 8.440   3.207   -6.266  1.00 13.43 ? 434 VAL A C   1 
ATOM   534 O O   . VAL A 1 65 ? 9.047   3.219   -7.336  1.00 16.75 ? 434 VAL A O   1 
ATOM   535 C CB  . VAL A 1 65 ? 9.576   1.518   -4.796  1.00 17.41 ? 434 VAL A CB  1 
ATOM   536 C CG1 . VAL A 1 65 ? 10.128  2.645   -3.938  1.00 23.04 ? 434 VAL A CG1 1 
ATOM   537 C CG2 . VAL A 1 65 ? 9.347   0.263   -3.966  1.00 20.26 ? 434 VAL A CG2 1 
ATOM   538 N N   . LEU A 1 66 ? 7.870   4.289   -5.751  1.00 11.60 ? 435 LEU A N   1 
ATOM   539 C CA  . LEU A 1 66 ? 7.959   5.578   -6.414  1.00 15.51 ? 435 LEU A CA  1 
ATOM   540 C C   . LEU A 1 66 ? 9.269   6.246   -6.041  1.00 21.32 ? 435 LEU A C   1 
ATOM   541 O O   . LEU A 1 66 ? 9.643   6.296   -4.872  1.00 21.04 ? 435 LEU A O   1 
ATOM   542 C CB  . LEU A 1 66 ? 6.781   6.484   -6.025  1.00 14.38 ? 435 LEU A CB  1 
ATOM   543 C CG  . LEU A 1 66 ? 5.420   6.136   -6.633  1.00 13.40 ? 435 LEU A CG  1 
ATOM   544 C CD1 . LEU A 1 66 ? 4.312   6.821   -5.858  1.00 19.39 ? 435 LEU A CD1 1 
ATOM   545 C CD2 . LEU A 1 66 ? 5.361   6.517   -8.107  1.00 13.98 ? 435 LEU A CD2 1 
ATOM   546 N N   . ASP A 1 67 ? 9.951   6.787   -7.042  1.00 27.30 ? 436 ASP A N   1 
ATOM   547 C CA  . ASP A 1 67 ? 11.185  7.520   -6.797  1.00 39.25 ? 436 ASP A CA  1 
ATOM   548 C C   . ASP A 1 67 ? 11.060  8.969   -7.270  0.53 44.71 ? 436 ASP A C   1 
ATOM   549 O O   . ASP A 1 67 ? 11.035  9.886   -6.431  0.78 44.39 ? 436 ASP A O   1 
ATOM   550 C CB  . ASP A 1 67 ? 12.370  6.819   -7.470  0.89 45.36 ? 436 ASP A CB  1 
ATOM   551 C CG  . ASP A 1 67 ? 12.245  6.758   -8.987  0.42 47.63 ? 436 ASP A CG  1 
ATOM   552 O OD1 . ASP A 1 67 ? 11.205  7.183   -9.534  0.53 46.91 ? 436 ASP A OD1 1 
ATOM   553 O OD2 . ASP A 1 67 ? 13.190  6.267   -9.644  0.55 50.43 ? 436 ASP A OD2 1 
ATOM   554 O OXT . ASP A 1 67 ? 10.981  9.264   -8.460  1.00 47.80 ? 436 ASP A OXT 1 
HETATM 555 O O20 . EDT B 2 .  ? 8.712   9.615   -13.747 1.00 12.35 ? 1   EDT A O20 1 
HETATM 556 C C5  . EDT B 2 .  ? 8.734   10.793  -13.308 1.00 16.86 ? 1   EDT A C5  1 
HETATM 557 O O19 . EDT B 2 .  ? 9.412   11.703  -13.913 1.00 14.47 ? 1   EDT A O19 1 
HETATM 558 C C4  . EDT B 2 .  ? 7.953   11.118  -12.068 1.00 14.74 ? 1   EDT A C4  1 
HETATM 559 N N3  . EDT B 2 .  ? 7.260   10.015  -11.445 1.00 14.89 ? 1   EDT A N3  1 
HETATM 560 C C2  . EDT B 2 .  ? 8.192   9.086   -10.782 1.00 13.55 ? 1   EDT A C2  1 
HETATM 561 C C1  . EDT B 2 .  ? 7.787   7.648   -10.754 1.00 12.24 ? 1   EDT A C1  1 
HETATM 562 O O18 . EDT B 2 .  ? 6.866   7.269   -11.515 1.00 12.02 ? 1   EDT A O18 1 
HETATM 563 O O17 . EDT B 2 .  ? 8.355   6.859   -9.982  1.00 16.16 ? 1   EDT A O17 1 
HETATM 564 C C6  . EDT B 2 .  ? 6.210   10.429  -10.572 1.00 11.27 ? 1   EDT A C6  1 
HETATM 565 C C7  . EDT B 2 .  ? 4.931   10.774  -11.251 1.00 10.95 ? 1   EDT A C7  1 
HETATM 566 N N8  . EDT B 2 .  ? 4.511   9.807   -12.254 1.00 10.20 ? 1   EDT A N8  1 
HETATM 567 C C9  . EDT B 2 .  ? 3.732   10.455  -13.279 1.00 12.93 ? 1   EDT A C9  1 
HETATM 568 C C10 . EDT B 2 .  ? 4.528   11.036  -14.425 1.00 15.27 ? 1   EDT A C10 1 
HETATM 569 O O16 . EDT B 2 .  ? 5.788   11.157  -14.319 1.00 16.64 ? 1   EDT A O16 1 
HETATM 570 O O15 . EDT B 2 .  ? 3.938   11.423  -15.471 1.00 12.18 ? 1   EDT A O15 1 
HETATM 571 C C11 . EDT B 2 .  ? 3.766   8.773   -11.611 1.00 10.14 ? 1   EDT A C11 1 
HETATM 572 C C12 . EDT B 2 .  ? 3.288   7.579   -12.457 1.00 14.66 ? 1   EDT A C12 1 
HETATM 573 O O13 . EDT B 2 .  ? 2.134   7.088   -12.252 1.00 13.40 ? 1   EDT A O13 1 
HETATM 574 O O14 . EDT B 2 .  ? 4.043   7.101   -13.367 1.00 16.20 ? 1   EDT A O14 1 
HETATM 575 C C1  . EDO C 3 .  ? 6.703   14.696  -16.201 1.00 12.97 ? 437 EDO A C1  1 
HETATM 576 O O1  . EDO C 3 .  ? 6.605   13.784  -15.103 1.00 22.03 ? 437 EDO A O1  1 
HETATM 577 C C2  . EDO C 3 .  ? 5.318   14.919  -16.790 1.00 15.35 ? 437 EDO A C2  1 
HETATM 578 O O2  . EDO C 3 .  ? 4.721   13.647  -17.046 1.00 17.24 ? 437 EDO A O2  1 
HETATM 579 C C1  . EDO D 3 .  ? 7.815   -3.758  -5.407  1.00 40.79 ? 2   EDO A C1  1 
HETATM 580 O O1  . EDO D 3 .  ? 9.024   -3.197  -5.930  1.00 41.41 ? 2   EDO A O1  1 
HETATM 581 C C2  . EDO D 3 .  ? 7.470   -5.025  -6.178  1.00 39.92 ? 2   EDO A C2  1 
HETATM 582 O O2  . EDO D 3 .  ? 8.362   -6.078  -5.796  1.00 47.83 ? 2   EDO A O2  1 
HETATM 583 C C1  . EDO E 3 .  ? 0.111   8.511   -10.629 1.00 31.04 ? 3   EDO A C1  1 
HETATM 584 O O1  . EDO E 3 .  ? -0.422  8.778   -11.927 1.00 28.88 ? 3   EDO A O1  1 
HETATM 585 C C2  . EDO E 3 .  ? -0.435  7.173   -10.164 1.00 31.36 ? 3   EDO A C2  1 
HETATM 586 O O2  . EDO E 3 .  ? -1.600  6.880   -10.936 1.00 36.80 ? 3   EDO A O2  1 
HETATM 587 C C1  . IPA F 4 .  ? 1.883   -2.326  12.133  1.00 32.77 ? 438 IPA A C1  1 
HETATM 588 C C2  . IPA F 4 .  ? 0.886   -3.217  11.401  1.00 31.16 ? 438 IPA A C2  1 
HETATM 589 C C3  . IPA F 4 .  ? -0.339  -3.483  12.270  1.00 31.12 ? 438 IPA A C3  1 
HETATM 590 O O2  . IPA F 4 .  ? 1.515   -4.431  11.075  1.00 36.03 ? 438 IPA A O2  1 
HETATM 591 O O   . HOH G 5 .  ? 6.271   5.709   4.887   1.00 18.66 ? 4   HOH A O   1 
HETATM 592 O O   . HOH G 5 .  ? -13.381 -7.200  9.972   1.00 8.77  ? 5   HOH A O   1 
HETATM 593 O O   . HOH G 5 .  ? -7.857  -11.454 -1.442  1.00 19.51 ? 6   HOH A O   1 
HETATM 594 O O   . HOH G 5 .  ? -10.582 -4.661  3.667   1.00 11.25 ? 7   HOH A O   1 
HETATM 595 O O   . HOH G 5 .  ? 10.570  18.366  13.285  1.00 22.38 ? 8   HOH A O   1 
HETATM 596 O O   . HOH G 5 .  ? -11.888 -9.406  8.358   1.00 22.06 ? 9   HOH A O   1 
HETATM 597 O O   . HOH G 5 .  ? 8.441   6.990   -2.435  1.00 16.76 ? 10  HOH A O   1 
HETATM 598 O O   . HOH G 5 .  ? 7.859   -17.735 5.642   1.00 21.28 ? 11  HOH A O   1 
HETATM 599 O O   . HOH G 5 .  ? 7.870   -4.907  8.504   1.00 21.35 ? 12  HOH A O   1 
HETATM 600 O O   . HOH G 5 .  ? 9.711   -1.169  -7.520  0.97 24.76 ? 13  HOH A O   1 
HETATM 601 O O   . HOH G 5 .  ? -3.019  8.658   3.023   1.00 24.74 ? 14  HOH A O   1 
HETATM 602 O O   . HOH G 5 .  ? -9.062  0.506   0.036   1.00 12.14 ? 15  HOH A O   1 
HETATM 603 O O   . HOH G 5 .  ? -0.092  9.896   -0.902  1.00 20.94 ? 16  HOH A O   1 
HETATM 604 O O   . HOH G 5 .  ? 4.952   7.697   6.507   1.00 29.47 ? 17  HOH A O   1 
HETATM 605 O O   . HOH G 5 .  ? 6.730   9.068   -2.792  1.00 15.22 ? 18  HOH A O   1 
HETATM 606 O O   . HOH G 5 .  ? -4.490  7.530   -5.352  1.00 18.31 ? 19  HOH A O   1 
HETATM 607 O O   . HOH G 5 .  ? 0.896   10.143  2.027   1.00 24.69 ? 20  HOH A O   1 
HETATM 608 O O   . HOH G 5 .  ? -6.821  4.269   -9.658  1.00 26.03 ? 21  HOH A O   1 
HETATM 609 O O   . HOH G 5 .  ? -2.499  -6.087  10.682  1.00 16.97 ? 22  HOH A O   1 
HETATM 610 O O   . HOH G 5 .  ? -3.742  7.828   -7.838  1.00 20.33 ? 23  HOH A O   1 
HETATM 611 O O   . HOH G 5 .  ? -6.127  -3.484  8.386   1.00 21.05 ? 24  HOH A O   1 
HETATM 612 O O   . HOH G 5 .  ? 3.802   10.977  -17.990 0.99 21.04 ? 25  HOH A O   1 
HETATM 613 O O   . HOH G 5 .  ? -5.809  11.272  0.787   1.00 18.86 ? 26  HOH A O   1 
HETATM 614 O O   . HOH G 5 .  ? -5.093  -11.535 -1.653  1.00 22.18 ? 27  HOH A O   1 
HETATM 615 O O   . HOH G 5 .  ? 10.248  -1.545  2.222   1.00 30.71 ? 28  HOH A O   1 
HETATM 616 O O   . HOH G 5 .  ? 13.951  11.436  7.178   1.00 37.16 ? 29  HOH A O   1 
HETATM 617 O O   . HOH G 5 .  ? 9.191   -10.267 2.039   1.00 21.79 ? 30  HOH A O   1 
HETATM 618 O O   . HOH G 5 .  ? -11.611 -12.264 6.806   1.00 20.87 ? 31  HOH A O   1 
HETATM 619 O O   . HOH G 5 .  ? -0.150  1.209   -14.145 1.00 26.43 ? 32  HOH A O   1 
HETATM 620 O O   . HOH G 5 .  ? -14.058 -12.499 0.785   1.00 27.74 ? 33  HOH A O   1 
HETATM 621 O O   . HOH G 5 .  ? 10.729  8.371   -14.892 1.00 20.28 ? 34  HOH A O   1 
HETATM 622 O O   . HOH G 5 .  ? 9.352   11.630  -16.570 1.00 17.08 ? 35  HOH A O   1 
HETATM 623 O O   . HOH G 5 .  ? -3.982  -5.047  8.686   0.93 20.69 ? 36  HOH A O   1 
HETATM 624 O O   . HOH G 5 .  ? 0.412   1.657   11.462  1.00 32.40 ? 37  HOH A O   1 
HETATM 625 O O   . HOH G 5 .  ? 8.395   12.299  -8.773  1.00 28.57 ? 38  HOH A O   1 
HETATM 626 O O   . HOH G 5 .  ? 6.692   10.661  -4.899  1.00 20.08 ? 39  HOH A O   1 
HETATM 627 O O   . HOH G 5 .  ? 8.620   12.432  3.444   1.00 25.52 ? 40  HOH A O   1 
HETATM 628 O O   . HOH G 5 .  ? -5.281  -8.125  -10.143 0.98 30.73 ? 41  HOH A O   1 
HETATM 629 O O   . HOH G 5 .  ? -2.023  0.796   11.563  1.00 21.52 ? 42  HOH A O   1 
HETATM 630 O O   . HOH G 5 .  ? 6.966   -3.682  -9.479  0.94 26.16 ? 43  HOH A O   1 
HETATM 631 O O   . HOH G 5 .  ? -4.950  -1.810  9.848   0.96 21.59 ? 44  HOH A O   1 
HETATM 632 O O   . HOH G 5 .  ? 7.391   10.008  -0.335  0.97 25.30 ? 45  HOH A O   1 
HETATM 633 O O   . HOH G 5 .  ? 4.559   12.193  5.892   0.99 35.95 ? 46  HOH A O   1 
HETATM 634 O O   . HOH G 5 .  ? -7.400  2.004   -2.748  0.79 17.59 ? 47  HOH A O   1 
HETATM 635 O O   . HOH G 5 .  ? 8.067   10.145  -7.143  1.00 22.07 ? 48  HOH A O   1 
HETATM 636 O O   . HOH G 5 .  ? 11.988  12.180  3.182   1.00 24.01 ? 49  HOH A O   1 
HETATM 637 O O   . HOH G 5 .  ? -12.748 -13.667 4.453   1.00 32.82 ? 50  HOH A O   1 
HETATM 638 O O   . HOH G 5 .  ? 3.519   -15.928 4.352   0.98 21.39 ? 51  HOH A O   1 
HETATM 639 O O   . HOH G 5 .  ? -0.257  7.272   -0.648  0.88 32.79 ? 52  HOH A O   1 
HETATM 640 O O   . HOH G 5 .  ? -1.485  7.310   1.578   1.00 24.32 ? 53  HOH A O   1 
HETATM 641 O O   . HOH G 5 .  ? -7.853  2.092   -12.023 1.00 24.17 ? 54  HOH A O   1 
HETATM 642 O O   . HOH G 5 .  ? -15.244 -10.064 7.492   1.00 29.08 ? 55  HOH A O   1 
HETATM 643 O O   . HOH G 5 .  ? 10.755  -4.744  1.692   1.00 36.19 ? 56  HOH A O   1 
HETATM 644 O O   . HOH G 5 .  ? 7.627   9.003   7.869   1.00 38.31 ? 57  HOH A O   1 
HETATM 645 O O   . HOH G 5 .  ? -19.965 -8.615  7.855   1.00 36.42 ? 58  HOH A O   1 
HETATM 646 O O   . HOH G 5 .  ? -6.562  6.781   -7.473  1.00 29.17 ? 59  HOH A O   1 
HETATM 647 O O   . HOH G 5 .  ? 8.748   -8.825  -1.197  1.00 30.01 ? 60  HOH A O   1 
HETATM 648 O O   . HOH G 5 .  ? 9.770   2.013   -9.446  0.98 33.43 ? 61  HOH A O   1 
HETATM 649 O O   . HOH G 5 .  ? 11.644  19.816  11.492  0.93 34.01 ? 62  HOH A O   1 
HETATM 650 O O   . HOH G 5 .  ? 9.756   14.136  -12.839 0.97 33.51 ? 63  HOH A O   1 
HETATM 651 O O   . HOH G 5 .  ? 10.998  -0.064  -9.951  0.86 38.83 ? 64  HOH A O   1 
HETATM 652 O O   . HOH G 5 .  ? 11.244  9.793   1.263   1.00 37.13 ? 65  HOH A O   1 
HETATM 653 O O   . HOH G 5 .  ? 10.923  14.272  2.791   1.00 24.47 ? 66  HOH A O   1 
HETATM 654 O O   . HOH G 5 .  ? 8.626   18.130  15.349  1.00 30.99 ? 67  HOH A O   1 
HETATM 655 O O   . HOH G 5 .  ? -14.022 -9.790  9.614   0.96 39.25 ? 68  HOH A O   1 
HETATM 656 O O   . HOH G 5 .  ? -0.936  4.697   -14.648 0.99 34.29 ? 69  HOH A O   1 
HETATM 657 O O   . HOH G 5 .  ? 12.195  -2.789  -2.686  0.95 35.93 ? 70  HOH A O   1 
HETATM 658 O O   . HOH G 5 .  ? 5.030   -15.741 8.209   0.93 30.00 ? 71  HOH A O   1 
HETATM 659 O O   . HOH G 5 .  ? 11.579  -2.592  -0.086  1.00 36.84 ? 72  HOH A O   1 
HETATM 660 O O   . HOH G 5 .  ? -9.121  4.035   -6.256  1.00 36.99 ? 73  HOH A O   1 
HETATM 661 O O   . HOH G 5 .  ? 6.927   11.816  -16.453 0.92 37.46 ? 74  HOH A O   1 
HETATM 662 O O   . HOH G 5 .  ? 7.716   12.659  -1.205  0.97 39.07 ? 75  HOH A O   1 
HETATM 663 O O   . HOH G 5 .  ? -15.610 -14.638 2.297   1.00 37.49 ? 76  HOH A O   1 
HETATM 664 O O   . HOH G 5 .  ? -12.773 -12.648 -1.788  0.96 33.97 ? 77  HOH A O   1 
HETATM 665 O O   . HOH G 5 .  ? -10.131 -3.855  -5.949  1.00 27.74 ? 78  HOH A O   1 
HETATM 666 O O   . HOH G 5 .  ? -5.150  -5.885  -12.205 1.00 33.40 ? 79  HOH A O   1 
HETATM 667 O O   . HOH G 5 .  ? 9.008   2.054   4.395   1.00 34.62 ? 80  HOH A O   1 
HETATM 668 O O   . HOH G 5 .  ? -5.006  -11.279 -5.364  0.97 37.34 ? 81  HOH A O   1 
HETATM 669 O O   . HOH G 5 .  ? -19.774 -11.195 6.832   0.98 40.41 ? 82  HOH A O   1 
HETATM 670 O O   . HOH G 5 .  ? 9.927   -11.723 5.386   1.00 34.69 ? 83  HOH A O   1 
HETATM 671 O O   . HOH G 5 .  ? -4.032  10.837  2.452   1.00 34.63 ? 84  HOH A O   1 
HETATM 672 O O   . HOH G 5 .  ? -11.463 -11.049 -3.328  1.00 33.52 ? 85  HOH A O   1 
HETATM 673 O O   . HOH G 5 .  ? 0.058   8.076   6.293   1.00 34.08 ? 86  HOH A O   1 
HETATM 674 O O   . HOH G 5 .  ? -9.268  -1.713  1.944   1.00 20.84 ? 439 HOH A O   1 
HETATM 675 O O   . HOH G 5 .  ? -7.049  -9.466  -5.925  1.00 19.70 ? 440 HOH A O   1 
HETATM 676 O O   . HOH G 5 .  ? -8.177  -2.487  4.439   1.00 9.92  ? 441 HOH A O   1 
# 
loop_
_atom_site_anisotrop.id 
_atom_site_anisotrop.type_symbol 
_atom_site_anisotrop.pdbx_label_atom_id 
_atom_site_anisotrop.pdbx_label_alt_id 
_atom_site_anisotrop.pdbx_label_comp_id 
_atom_site_anisotrop.pdbx_label_asym_id 
_atom_site_anisotrop.pdbx_label_seq_id 
_atom_site_anisotrop.pdbx_PDB_ins_code 
_atom_site_anisotrop.U[1][1] 
_atom_site_anisotrop.U[2][2] 
_atom_site_anisotrop.U[3][3] 
_atom_site_anisotrop.U[1][2] 
_atom_site_anisotrop.U[1][3] 
_atom_site_anisotrop.U[2][3] 
_atom_site_anisotrop.pdbx_auth_seq_id 
_atom_site_anisotrop.pdbx_auth_comp_id 
_atom_site_anisotrop.pdbx_auth_asym_id 
_atom_site_anisotrop.pdbx_auth_atom_id 
1   N N   . GLY A 1  ? 0.0790 0.1813 0.1139 -0.0178 0.0063  -0.0449 370 GLY A N   
2   C CA  . GLY A 1  ? 0.1043 0.2061 0.1403 -0.0182 0.0060  -0.0445 370 GLY A CA  
3   C C   . GLY A 1  ? 0.0953 0.1974 0.1351 -0.0183 0.0058  -0.0431 370 GLY A C   
4   O O   . GLY A 1  ? 0.0971 0.1995 0.1386 -0.0181 0.0057  -0.0423 370 GLY A O   
5   N N   . PRO A 2  ? 0.1128 0.2146 0.1535 -0.0186 0.0057  -0.0428 371 PRO A N   
6   C CA  . PRO A 2  ? 0.1712 0.2730 0.2154 -0.0188 0.0055  -0.0414 371 PRO A CA  
7   C C   . PRO A 2  ? 0.1931 0.2953 0.2412 -0.0188 0.0047  -0.0393 371 PRO A C   
8   O O   . PRO A 2  ? 0.1741 0.2761 0.2226 -0.0190 0.0038  -0.0386 371 PRO A O   
9   C CB  . PRO A 2  ? 0.1792 0.2807 0.2240 -0.0191 0.0052  -0.0411 371 PRO A CB  
10  C CG  . PRO A 2  ? 0.1379 0.2392 0.1785 -0.0191 0.0058  -0.0430 371 PRO A CG  
11  C CD  . PRO A 2  ? 0.1001 0.2014 0.1389 -0.0189 0.0056  -0.0435 371 PRO A CD  
12  N N   . LEU A 3  ? 0.2037 0.3062 0.2542 -0.0187 0.0048  -0.0384 372 LEU A N   
13  C CA  . LEU A 3  ? 0.2426 0.3454 0.2969 -0.0186 0.0041  -0.0364 372 LEU A CA  
14  C C   . LEU A 3  ? 0.2325 0.3352 0.2892 -0.0191 0.0028  -0.0348 372 LEU A C   
15  O O   . LEU A 3  ? 0.2329 0.3355 0.2906 -0.0194 0.0027  -0.0344 372 LEU A O   
16  C CB  . LEU A 3  ? 0.3362 0.4396 0.3933 -0.0184 0.0046  -0.0355 372 LEU A CB  
17  C CG  . LEU A 3  ? 0.4648 0.5685 0.5253 -0.0183 0.0039  -0.0336 372 LEU A CG  
18  C CD1 . LEU A 3  ? 0.4929 0.5969 0.5518 -0.0179 0.0044  -0.0343 372 LEU A CD1 
19  C CD2 . LEU A 3  ? 0.5393 0.6433 0.6034 -0.0183 0.0040  -0.0322 372 LEU A CD2 
20  N N   . GLY A 4  ? 0.2774 0.3801 0.3352 -0.0193 0.0020  -0.0340 373 GLY A N   
21  C CA  . GLY A 4  ? 0.2999 0.4024 0.3599 -0.0198 0.0007  -0.0325 373 GLY A CA  
22  C C   . GLY A 4  ? 0.2654 0.3675 0.3228 -0.0201 0.0002  -0.0334 373 GLY A C   
23  O O   . GLY A 4  ? 0.2994 0.4016 0.3584 -0.0206 -0.0009 -0.0324 373 GLY A O   
24  N N   . SER A 5  ? 0.2141 0.3160 0.2675 -0.0198 0.0011  -0.0354 374 SER A N   
25  C CA  . SER A 5  ? 0.1461 0.2475 0.1969 -0.0201 0.0009  -0.0364 374 SER A CA  
26  C C   . SER A 5  ? 0.1583 0.2597 0.2089 -0.0201 0.0006  -0.0364 374 SER A C   
27  O O   . SER A 5  ? 0.2217 0.3235 0.2738 -0.0197 0.0007  -0.0359 374 SER A O   
28  C CB  . SER A 5  ? 0.1509 0.2523 0.1977 -0.0197 0.0021  -0.0384 374 SER A CB  
29  O OG  . SER A 5  ? 0.1748 0.2763 0.2197 -0.0192 0.0031  -0.0396 374 SER A OG  
30  N N   . GLY A 6  ? 0.1478 0.2490 0.1966 -0.0203 0.0003  -0.0370 375 GLY A N   
31  C CA  . GLY A 6  ? 0.2169 0.3179 0.2653 -0.0203 0.0001  -0.0372 375 GLY A CA  
32  C C   . GLY A 6  ? 0.2286 0.3298 0.2804 -0.0208 -0.0013 -0.0356 375 GLY A C   
33  O O   . GLY A 6  ? 0.2124 0.3135 0.2643 -0.0209 -0.0016 -0.0357 375 GLY A O   
34  N N   . ARG A 7  ? 0.2089 0.3102 0.2632 -0.0213 -0.0023 -0.0343 376 ARG A N   
35  C CA  . ARG A 7  ? 0.1488 0.2502 0.2063 -0.0219 -0.0036 -0.0327 376 ARG A CA  
36  C C   . ARG A 7  ? 0.1204 0.2216 0.1766 -0.0225 -0.0043 -0.0333 376 ARG A C   
37  O O   . ARG A 7  ? 0.1552 0.2562 0.2090 -0.0226 -0.0042 -0.0342 376 ARG A O   
38  C CB  . ARG A 7  ? 0.1261 0.2278 0.1863 -0.0223 -0.0045 -0.0312 376 ARG A CB  
39  C CG  . ARG A 7  ? 0.1578 0.2599 0.2215 -0.0230 -0.0060 -0.0296 376 ARG A CG  
40  C CD  . ARG A 7  ? 0.1423 0.2449 0.2086 -0.0234 -0.0069 -0.0280 376 ARG A CD  
41  N NE  . ARG A 7  ? 0.1687 0.2713 0.2333 -0.0238 -0.0073 -0.0284 376 ARG A NE  
42  C CZ  . ARG A 7  ? 0.1873 0.2904 0.2538 -0.0243 -0.0082 -0.0272 376 ARG A CZ  
43  N NH1 . ARG A 7  ? 0.1544 0.2581 0.2247 -0.0244 -0.0090 -0.0254 376 ARG A NH1 
44  N NH2 . ARG A 7  ? 0.2345 0.3375 0.2993 -0.0246 -0.0085 -0.0276 376 ARG A NH2 
45  N N   . MET A 8  ? 0.1581 0.1738 0.1747 -0.0071 -0.0087 0.0130  377 MET A N   
46  C CA  A MET A 8  ? 0.1748 0.1933 0.1936 -0.0048 -0.0070 0.0130  377 MET A CA  
47  C CA  B MET A 8  ? 0.1749 0.1934 0.1937 -0.0048 -0.0070 0.0130  377 MET A CA  
48  C C   . MET A 8  ? 0.1352 0.1527 0.1500 -0.0039 -0.0053 0.0112  377 MET A C   
49  O O   . MET A 8  ? 0.1843 0.1992 0.1956 -0.0046 -0.0060 0.0100  377 MET A O   
50  C CB  A MET A 8  ? 0.2571 0.2760 0.2782 -0.0041 -0.0082 0.0136  377 MET A CB  
51  C CB  B MET A 8  ? 0.2935 0.3123 0.3147 -0.0042 -0.0083 0.0136  377 MET A CB  
52  C CG  A MET A 8  ? 0.3964 0.4177 0.4229 -0.0043 -0.0095 0.0156  377 MET A CG  
53  C CG  B MET A 8  ? 0.4374 0.4579 0.4632 -0.0051 -0.0101 0.0156  377 MET A CG  
54  S SD  A MET A 8  ? 1.1982 1.2210 1.2287 -0.0026 -0.0101 0.0164  377 MET A SD  
55  S SD  B MET A 8  ? 1.1968 1.2221 1.2280 -0.0039 -0.0081 0.0171  377 MET A SD  
56  C CE  A MET A 8  ? 0.8114 0.8352 0.8405 0.0001  -0.0068 0.0148  377 MET A CE  
57  C CE  B MET A 8  ? 0.8226 0.8495 0.8590 -0.0054 -0.0109 0.0194  377 MET A CE  
58  N N   . ARG A 9  ? 0.1034 0.1232 0.1192 -0.0024 -0.0031 0.0110  378 ARG A N   
59  C CA  . ARG A 9  ? 0.1095 0.1289 0.1218 -0.0015 -0.0016 0.0095  378 ARG A CA  
60  C C   . ARG A 9  ? 0.1245 0.1458 0.1381 0.0004  -0.0001 0.0092  378 ARG A C   
61  O O   . ARG A 9  ? 0.1448 0.1684 0.1621 0.0015  0.0005  0.0103  378 ARG A O   
62  C CB  . ARG A 9  ? 0.1457 0.1657 0.1569 -0.0016 -0.0004 0.0094  378 ARG A CB  
63  C CG  . ARG A 9  ? 0.1402 0.1580 0.1500 -0.0034 -0.0014 0.0095  378 ARG A CG  
64  C CD  . ARG A 9  ? 0.1476 0.1657 0.1557 -0.0030 0.0000  0.0092  378 ARG A CD  
65  N NE  . ARG A 9  ? 0.1185 0.1390 0.1292 -0.0022 0.0012  0.0105  378 ARG A NE  
66  C CZ  . ARG A 9  ? 0.1264 0.1473 0.1364 -0.0018 0.0024  0.0107  378 ARG A CZ  
67  N NH1 . ARG A 9  ? 0.1362 0.1593 0.1485 -0.0011 0.0035  0.0120  378 ARG A NH1 
68  N NH2 . ARG A 9  ? 0.1087 0.1280 0.1158 -0.0020 0.0025  0.0097  378 ARG A NH2 
69  N N   . VAL A 10 ? 0.1145 0.1348 0.1250 0.0010  0.0005  0.0077  379 VAL A N   
70  C CA  . VAL A 10 ? 0.1273 0.1488 0.1378 0.0027  0.0021  0.0071  379 VAL A CA  
71  C C   . VAL A 10 ? 0.0878 0.1098 0.0952 0.0029  0.0034  0.0060  379 VAL A C   
72  O O   . VAL A 10 ? 0.1107 0.1315 0.1158 0.0019  0.0029  0.0055  379 VAL A O   
73  C CB  . VAL A 10 ? 0.1377 0.1573 0.1473 0.0031  0.0015  0.0062  379 VAL A CB  
74  C CG1 . VAL A 10 ? 0.1335 0.1530 0.1465 0.0030  -0.0001 0.0075  379 VAL A CG1 
75  C CG2 . VAL A 10 ? 0.1907 0.2075 0.1963 0.0017  0.0004  0.0050  379 VAL A CG2 
76  N N   . LYS A 11 ? 0.1196 0.1431 0.1269 0.0045  0.0051  0.0057  380 LYS A N   
77  C CA  . LYS A 11 ? 0.0806 0.1046 0.0850 0.0048  0.0062  0.0048  380 LYS A CA  
78  C C   . LYS A 11 ? 0.0908 0.1133 0.0925 0.0052  0.0064  0.0032  380 LYS A C   
79  O O   . LYS A 11 ? 0.1312 0.1536 0.1339 0.0062  0.0069  0.0030  380 LYS A O   
80  C CB  . LYS A 11 ? 0.1028 0.1292 0.1082 0.0059  0.0080  0.0057  380 LYS A CB  
81  C CG  . LYS A 11 ? 0.0903 0.1174 0.0925 0.0063  0.0089  0.0047  380 LYS A CG  
82  C CD  . LYS A 11 ? 0.1160 0.1453 0.1189 0.0074  0.0107  0.0056  380 LYS A CD  
83  C CE  . LYS A 11 ? 0.1418 0.1715 0.1410 0.0079  0.0116  0.0047  380 LYS A CE  
84  N NZ  . LYS A 11 ? 0.1357 0.1673 0.1350 0.0089  0.0133  0.0056  380 LYS A NZ  
85  N N   . ALA A 12 ? 0.0986 0.1203 0.0971 0.0044  0.0060  0.0020  381 ALA A N   
86  C CA  . ALA A 12 ? 0.1143 0.1345 0.1100 0.0045  0.0062  0.0005  381 ALA A CA  
87  C C   . ALA A 12 ? 0.1513 0.1730 0.1459 0.0059  0.0078  0.0001  381 ALA A C   
88  O O   . ALA A 12 ? 0.1544 0.1780 0.1485 0.0060  0.0085  0.0005  381 ALA A O   
89  C CB  . ALA A 12 ? 0.1349 0.1543 0.1278 0.0031  0.0053  -0.0006 381 ALA A CB  
90  N N   . ILE A 13 ? 0.1330 0.1537 0.1272 0.0068  0.0086  -0.0006 382 ILE A N   
91  C CA  . ILE A 13 ? 0.1786 0.2000 0.1710 0.0080  0.0102  -0.0011 382 ILE A CA  
92  C C   . ILE A 13 ? 0.1573 0.1765 0.1457 0.0077  0.0101  -0.0030 382 ILE A C   
93  O O   . ILE A 13 ? 0.1905 0.2097 0.1765 0.0083  0.0112  -0.0038 382 ILE A O   
94  C CB  . ILE A 13 ? 0.1401 0.1625 0.1353 0.0097  0.0118  -0.0003 382 ILE A CB  
95  C CG1 . ILE A 13 ? 0.1550 0.1752 0.1518 0.0101  0.0112  -0.0006 382 ILE A CG1 
96  C CG2 . ILE A 13 ? 0.1314 0.1563 0.1301 0.0098  0.0120  0.0017  382 ILE A CG2 
97  C CD1 . ILE A 13 ? 0.2264 0.2474 0.2262 0.0121  0.0128  0.0000  382 ILE A CD1 
98  N N   . PHE A 14 ? 0.1192 0.1363 0.1068 0.0064  0.0085  -0.0037 383 PHE A N   
99  C CA  . PHE A 14 ? 0.1148 0.1298 0.0984 0.0054  0.0080  -0.0054 383 PHE A CA  
100 C C   . PHE A 14 ? 0.1141 0.1291 0.0976 0.0036  0.0064  -0.0053 383 PHE A C   
101 O O   . PHE A 14 ? 0.1955 0.2106 0.1813 0.0033  0.0057  -0.0044 383 PHE A O   
102 C CB  . PHE A 14 ? 0.1336 0.1453 0.1160 0.0058  0.0079  -0.0065 383 PHE A CB  
103 C CG  . PHE A 14 ? 0.1331 0.1444 0.1161 0.0078  0.0097  -0.0066 383 PHE A CG  
104 C CD1 . PHE A 14 ? 0.1374 0.1476 0.1168 0.0083  0.0108  -0.0080 383 PHE A CD1 
105 C CD2 . PHE A 14 ? 0.1687 0.1808 0.1558 0.0092  0.0103  -0.0053 383 PHE A CD2 
106 C CE1 . PHE A 14 ? 0.1175 0.1272 0.0971 0.0102  0.0127  -0.0082 383 PHE A CE1 
107 C CE2 . PHE A 14 ? 0.1385 0.1504 0.1263 0.0111  0.0121  -0.0054 383 PHE A CE2 
108 C CZ  . PHE A 14 ? 0.1381 0.1488 0.1221 0.0117  0.0135  -0.0070 383 PHE A CZ  
109 N N   . SER A 15 ? 0.1541 0.1692 0.1347 0.0024  0.0059  -0.0064 384 SER A N   
110 C CA  A SER A 15 ? 0.1379 0.1528 0.1183 0.0007  0.0046  -0.0065 384 SER A CA  
111 C CA  B SER A 15 ? 0.1375 0.1524 0.1178 0.0006  0.0047  -0.0066 384 SER A CA  
112 C C   . SER A 15 ? 0.1704 0.1818 0.1496 -0.0004 0.0037  -0.0073 384 SER A C   
113 O O   . SER A 15 ? 0.1318 0.1410 0.1094 0.0001  0.0039  -0.0082 384 SER A O   
114 C CB  A SER A 15 ? 0.1637 0.1804 0.1421 -0.0004 0.0044  -0.0071 384 SER A CB  
115 C CB  B SER A 15 ? 0.1667 0.1834 0.1450 -0.0003 0.0044  -0.0072 384 SER A CB  
116 O OG  A SER A 15 ? 0.1940 0.2097 0.1695 -0.0006 0.0045  -0.0085 384 SER A OG  
117 O OG  B SER A 15 ? 0.1567 0.1764 0.1359 0.0006  0.0051  -0.0063 384 SER A OG  
118 N N   . HIS A 16 ? 0.1248 0.1357 0.1047 -0.0016 0.0028  -0.0069 385 HIS A N   
119 C CA  . HIS A 16 ? 0.1167 0.1244 0.0953 -0.0028 0.0019  -0.0074 385 HIS A CA  
120 C C   . HIS A 16 ? 0.1468 0.1547 0.1242 -0.0048 0.0012  -0.0078 385 HIS A C   
121 O O   . HIS A 16 ? 0.1413 0.1512 0.1200 -0.0051 0.0012  -0.0071 385 HIS A O   
122 C CB  . HIS A 16 ? 0.1434 0.1497 0.1243 -0.0023 0.0013  -0.0063 385 HIS A CB  
123 C CG  . HIS A 16 ? 0.1401 0.1429 0.1199 -0.0033 0.0002  -0.0065 385 HIS A CG  
124 N ND1 . HIS A 16 ? 0.1495 0.1514 0.1293 -0.0047 -0.0008 -0.0059 385 HIS A ND1 
125 C CD2 . HIS A 16 ? 0.1783 0.1778 0.1563 -0.0032 0.0000  -0.0073 385 HIS A CD2 
126 C CE1 . HIS A 16 ? 0.1573 0.1555 0.1354 -0.0055 -0.0018 -0.0062 385 HIS A CE1 
127 N NE2 . HIS A 16 ? 0.1522 0.1490 0.1294 -0.0046 -0.0013 -0.0070 385 HIS A NE2 
128 N N   . ALA A 17 ? 0.1708 0.1767 0.1457 -0.0062 0.0007  -0.0090 386 ALA A N   
129 C CA  . ALA A 17 ? 0.1869 0.1933 0.1607 -0.0082 0.0002  -0.0093 386 ALA A CA  
130 C C   . ALA A 17 ? 0.2013 0.2040 0.1739 -0.0096 -0.0007 -0.0093 386 ALA A C   
131 O O   . ALA A 17 ? 0.1978 0.1974 0.1687 -0.0098 -0.0010 -0.0099 386 ALA A O   
132 C CB  . ALA A 17 ? 0.2244 0.2317 0.1962 -0.0091 0.0003  -0.0105 386 ALA A CB  
133 N N   . ALA A 18 ? 0.1509 0.1541 0.1241 -0.0106 -0.0009 -0.0086 387 ALA A N   
134 C CA  . ALA A 18 ? 0.1785 0.1785 0.1505 -0.0120 -0.0016 -0.0084 387 ALA A CA  
135 C C   . ALA A 18 ? 0.1987 0.1973 0.1681 -0.0141 -0.0019 -0.0094 387 ALA A C   
136 O O   . ALA A 18 ? 0.1852 0.1801 0.1527 -0.0152 -0.0027 -0.0094 387 ALA A O   
137 C CB  . ALA A 18 ? 0.2152 0.2160 0.1880 -0.0125 -0.0016 -0.0077 387 ALA A CB  
138 N N   . GLY A 19 ? 0.2072 0.2087 0.1764 -0.0148 -0.0014 -0.0101 388 GLY A N   
139 C CA  . GLY A 19 ? 0.2449 0.2459 0.2124 -0.0171 -0.0015 -0.0108 388 GLY A CA  
140 C C   . GLY A 19 ? 0.2318 0.2325 0.1991 -0.0185 -0.0014 -0.0103 388 GLY A C   
141 O O   . GLY A 19 ? 0.2647 0.2671 0.2337 -0.0178 -0.0009 -0.0096 388 GLY A O   
142 N N   . ASP A 20 ? 0.2259 0.2244 0.1910 -0.0208 -0.0018 -0.0107 389 ASP A N   
143 C CA  A ASP A 20 ? 0.2332 0.2310 0.1974 -0.0225 -0.0014 -0.0103 389 ASP A CA  
144 C CA  B ASP A 20 ? 0.2283 0.2261 0.1926 -0.0224 -0.0014 -0.0103 389 ASP A CA  
145 C C   . ASP A 20 ? 0.2401 0.2334 0.2028 -0.0224 -0.0022 -0.0095 389 ASP A C   
146 O O   . ASP A 20 ? 0.2868 0.2765 0.2470 -0.0240 -0.0029 -0.0095 389 ASP A O   
147 C CB  A ASP A 20 ? 0.2519 0.2493 0.2143 -0.0250 -0.0014 -0.0109 389 ASP A CB  
148 C CB  B ASP A 20 ? 0.2646 0.2626 0.2274 -0.0249 -0.0012 -0.0108 389 ASP A CB  
149 C CG  A ASP A 20 ? 0.2514 0.2479 0.2127 -0.0270 -0.0009 -0.0105 389 ASP A CG  
150 C CG  B ASP A 20 ? 0.3506 0.3537 0.3155 -0.0251 -0.0005 -0.0114 389 ASP A CG  
151 O OD1 A ASP A 20 ? 0.2460 0.2434 0.2081 -0.0263 -0.0002 -0.0100 389 ASP A OD1 
152 O OD1 B ASP A 20 ? 0.3043 0.3109 0.2716 -0.0234 0.0002  -0.0110 389 ASP A OD1 
153 O OD2 A ASP A 20 ? 0.2945 0.2891 0.2535 -0.0293 -0.0010 -0.0108 389 ASP A OD2 
154 O OD2 B ASP A 20 ? 0.4405 0.4440 0.4045 -0.0268 -0.0007 -0.0120 389 ASP A OD2 
155 N N   . ASN A 21 ? 0.1797 0.1733 0.1441 -0.0205 -0.0024 -0.0088 390 ASN A N   
156 C CA  . ASN A 21 ? 0.1521 0.1422 0.1157 -0.0201 -0.0035 -0.0079 390 ASN A CA  
157 C C   . ASN A 21 ? 0.1314 0.1231 0.0969 -0.0188 -0.0033 -0.0071 390 ASN A C   
158 O O   . ASN A 21 ? 0.1346 0.1283 0.1026 -0.0169 -0.0031 -0.0069 390 ASN A O   
159 C CB  . ASN A 21 ? 0.1457 0.1336 0.1095 -0.0188 -0.0043 -0.0079 390 ASN A CB  
160 C CG  . ASN A 21 ? 0.1347 0.1191 0.0982 -0.0183 -0.0056 -0.0069 390 ASN A CG  
161 O OD1 . ASN A 21 ? 0.1487 0.1329 0.1125 -0.0185 -0.0060 -0.0060 390 ASN A OD1 
162 N ND2 . ASN A 21 ? 0.1487 0.1301 0.1116 -0.0177 -0.0063 -0.0069 390 ASN A ND2 
163 N N   . SER A 22 ? 0.1332 0.1237 0.0975 -0.0201 -0.0033 -0.0067 391 SER A N   
164 C CA  . SER A 22 ? 0.1196 0.1113 0.0853 -0.0193 -0.0031 -0.0061 391 SER A CA  
165 C C   . SER A 22 ? 0.1425 0.1321 0.1089 -0.0182 -0.0046 -0.0050 391 SER A C   
166 O O   . SER A 22 ? 0.1268 0.1171 0.0946 -0.0176 -0.0047 -0.0044 391 SER A O   
167 C CB  . SER A 22 ? 0.0952 0.0860 0.0587 -0.0210 -0.0024 -0.0062 391 SER A CB  
168 O OG  . SER A 22 ? 0.1282 0.1149 0.0883 -0.0229 -0.0034 -0.0059 391 SER A OG  
169 N N   . THR A 23 ? 0.1332 0.1201 0.0989 -0.0181 -0.0057 -0.0048 392 THR A N   
170 C CA  . THR A 23 ? 0.0967 0.0821 0.0638 -0.0170 -0.0072 -0.0036 392 THR A CA  
171 C C   . THR A 23 ? 0.0939 0.0822 0.0645 -0.0146 -0.0067 -0.0035 392 THR A C   
172 O O   . THR A 23 ? 0.1191 0.1076 0.0921 -0.0134 -0.0075 -0.0025 392 THR A O   
173 C CB  . THR A 23 ? 0.1496 0.1310 0.1148 -0.0175 -0.0086 -0.0032 392 THR A CB  
174 O OG1 . THR A 23 ? 0.1520 0.1304 0.1136 -0.0199 -0.0091 -0.0031 392 THR A OG1 
175 C CG2 . THR A 23 ? 0.1292 0.1094 0.0965 -0.0160 -0.0101 -0.0020 392 THR A CG2 
176 N N   . LEU A 24 ? 0.1030 0.0935 0.0742 -0.0140 -0.0055 -0.0045 393 LEU A N   
177 C CA  . LEU A 24 ? 0.1117 0.1047 0.0856 -0.0118 -0.0049 -0.0046 393 LEU A CA  
178 C C   . LEU A 24 ? 0.1084 0.1053 0.0841 -0.0113 -0.0037 -0.0047 393 LEU A C   
179 O O   . LEU A 24 ? 0.1308 0.1286 0.1051 -0.0125 -0.0030 -0.0052 393 LEU A O   
180 C CB  . LEU A 24 ? 0.1258 0.1183 0.0990 -0.0114 -0.0044 -0.0056 393 LEU A CB  
181 C CG  . LEU A 24 ? 0.1500 0.1383 0.1211 -0.0119 -0.0055 -0.0056 393 LEU A CG  
182 C CD1 . LEU A 24 ? 0.1450 0.1327 0.1151 -0.0115 -0.0049 -0.0068 393 LEU A CD1 
183 C CD2 . LEU A 24 ? 0.1826 0.1693 0.1556 -0.0107 -0.0066 -0.0043 393 LEU A CD2 
184 N N   . LEU A 25 ? 0.1046 0.1037 0.0830 -0.0095 -0.0033 -0.0041 394 LEU A N   
185 C CA  . LEU A 25 ? 0.1078 0.1101 0.0877 -0.0088 -0.0022 -0.0040 394 LEU A CA  
186 C C   . LEU A 25 ? 0.0992 0.1039 0.0795 -0.0076 -0.0012 -0.0047 394 LEU A C   
187 O O   . LEU A 25 ? 0.1232 0.1277 0.1043 -0.0064 -0.0011 -0.0047 394 LEU A O   
188 C CB  . LEU A 25 ? 0.1176 0.1206 0.1001 -0.0078 -0.0025 -0.0028 394 LEU A CB  
189 C CG  . LEU A 25 ? 0.1329 0.1389 0.1171 -0.0069 -0.0015 -0.0024 394 LEU A CG  
190 C CD1 . LEU A 25 ? 0.1381 0.1442 0.1211 -0.0082 -0.0012 -0.0027 394 LEU A CD1 
191 C CD2 . LEU A 25 ? 0.1235 0.1300 0.1105 -0.0060 -0.0019 -0.0011 394 LEU A CD2 
192 N N   . SER A 26 ? 0.1329 0.1399 0.1129 -0.0080 -0.0004 -0.0053 395 SER A N   
193 C CA  . SER A 26 ? 0.1270 0.1367 0.1073 -0.0071 0.0005  -0.0057 395 SER A CA  
194 C C   . SER A 26 ? 0.1451 0.1572 0.1276 -0.0055 0.0011  -0.0048 395 SER A C   
195 O O   . SER A 26 ? 0.1763 0.1889 0.1600 -0.0056 0.0012  -0.0041 395 SER A O   
196 C CB  . SER A 26 ? 0.1562 0.1674 0.1353 -0.0083 0.0008  -0.0065 395 SER A CB  
197 O OG  . SER A 26 ? 0.1600 0.1690 0.1369 -0.0098 0.0002  -0.0073 395 SER A OG  
198 N N   . PHE A 27 ? 0.1031 0.1167 0.0863 -0.0042 0.0017  -0.0048 396 PHE A N   
199 C CA  . PHE A 27 ? 0.1419 0.1582 0.1269 -0.0029 0.0025  -0.0040 396 PHE A CA  
200 C C   . PHE A 27 ? 0.1547 0.1725 0.1390 -0.0019 0.0031  -0.0044 396 PHE A C   
201 O O   . PHE A 27 ? 0.1659 0.1824 0.1486 -0.0019 0.0031  -0.0053 396 PHE A O   
202 C CB  . PHE A 27 ? 0.1782 0.1939 0.1654 -0.0021 0.0024  -0.0028 396 PHE A CB  
203 C CG  . PHE A 27 ? 0.1034 0.1172 0.0909 -0.0015 0.0021  -0.0029 396 PHE A CG  
204 C CD1 . PHE A 27 ? 0.0984 0.1130 0.0860 -0.0002 0.0029  -0.0031 396 PHE A CD1 
205 C CD2 . PHE A 27 ? 0.1440 0.1554 0.1318 -0.0022 0.0010  -0.0025 396 PHE A CD2 
206 C CE1 . PHE A 27 ? 0.1056 0.1183 0.0936 0.0006  0.0028  -0.0031 396 PHE A CE1 
207 C CE2 . PHE A 27 ? 0.1308 0.1406 0.1193 -0.0015 0.0007  -0.0024 396 PHE A CE2 
208 C CZ  . PHE A 27 ? 0.1463 0.1567 0.1351 0.0000  0.0017  -0.0027 396 PHE A CZ  
209 N N   . LYS A 28 ? 0.1896 0.1747 0.1729 0.0031  0.0093  -0.0013 397 LYS A N   
210 C CA  . LYS A 28 ? 0.2275 0.2124 0.2108 0.0027  0.0095  -0.0017 397 LYS A CA  
211 C C   . LYS A 28 ? 0.1418 0.1287 0.1254 0.0022  0.0096  -0.0028 397 LYS A C   
212 O O   . LYS A 28 ? 0.1674 0.1552 0.1507 0.0018  0.0097  -0.0031 397 LYS A O   
213 C CB  . LYS A 28 ? 0.2876 0.2701 0.2700 0.0022  0.0095  -0.0010 397 LYS A CB  
214 C CG  . LYS A 28 ? 0.3695 0.3499 0.3515 0.0027  0.0093  0.0001  397 LYS A CG  
215 C CD  . LYS A 28 ? 0.4171 0.3976 0.3997 0.0032  0.0093  0.0005  397 LYS A CD  
216 C CE  . LYS A 28 ? 0.5101 0.4890 0.4922 0.0034  0.0090  0.0015  397 LYS A CE  
217 N NZ  . LYS A 28 ? 0.5592 0.5394 0.5423 0.0040  0.0086  0.0018  397 LYS A NZ  
218 N N   . GLU A 29 ? 0.1629 0.1507 0.1471 0.0022  0.0098  -0.0033 398 GLU A N   
219 C CA  . GLU A 29 ? 0.1529 0.1425 0.1373 0.0017  0.0100  -0.0042 398 GLU A CA  
220 C C   . GLU A 29 ? 0.1471 0.1356 0.1304 0.0007  0.0103  -0.0041 398 GLU A C   
221 O O   . GLU A 29 ? 0.1694 0.1556 0.1519 0.0003  0.0102  -0.0034 398 GLU A O   
222 C CB  . GLU A 29 ? 0.1558 0.1457 0.1408 0.0018  0.0101  -0.0047 398 GLU A CB  
223 C CG  . GLU A 29 ? 0.2064 0.1978 0.1912 0.0012  0.0104  -0.0055 398 GLU A CG  
224 C CD  . GLU A 29 ? 0.2777 0.2698 0.2632 0.0015  0.0105  -0.0061 398 GLU A CD  
225 O OE1 . GLU A 29 ? 0.2440 0.2355 0.2302 0.0020  0.0103  -0.0058 398 GLU A OE1 
226 O OE2 . GLU A 29 ? 0.3068 0.2999 0.2923 0.0011  0.0108  -0.0066 398 GLU A OE2 
227 N N   . GLY A 30 ? 0.1283 0.1183 0.1114 0.0003  0.0104  -0.0046 399 GLY A N   
228 C CA  . GLY A 30 ? 0.1414 0.1305 0.1235 -0.0007 0.0106  -0.0046 399 GLY A CA  
229 C C   . GLY A 30 ? 0.1344 0.1233 0.1161 -0.0008 0.0104  -0.0043 399 GLY A C   
230 O O   . GLY A 30 ? 0.1840 0.1725 0.1651 -0.0016 0.0106  -0.0044 399 GLY A O   
231 N N   . ASP A 31 ? 0.1317 0.1204 0.1137 0.0000  0.0101  -0.0039 400 ASP A N   
232 C CA  A ASP A 31 ? 0.1262 0.1146 0.1077 0.0000  0.0099  -0.0035 400 ASP A CA  
233 C CA  B ASP A 31 ? 0.1258 0.1142 0.1073 0.0000  0.0099  -0.0035 400 ASP A CA  
234 C C   . ASP A 31 ? 0.1429 0.1341 0.1247 0.0000  0.0100  -0.0043 400 ASP A C   
235 O O   . ASP A 31 ? 0.1337 0.1270 0.1164 0.0005  0.0100  -0.0048 400 ASP A O   
236 C CB  A ASP A 31 ? 0.1100 0.0978 0.0918 0.0009  0.0096  -0.0029 400 ASP A CB  
237 C CB  B ASP A 31 ? 0.1288 0.1165 0.1106 0.0008  0.0096  -0.0028 400 ASP A CB  
238 C CG  A ASP A 31 ? 0.1453 0.1303 0.1267 0.0010  0.0095  -0.0021 400 ASP A CG  
239 C CG  B ASP A 31 ? 0.1769 0.1640 0.1580 0.0008  0.0094  -0.0025 400 ASP A CG  
240 O OD1 A ASP A 31 ? 0.1799 0.1634 0.1607 0.0003  0.0097  -0.0020 400 ASP A OD1 
241 O OD1 B ASP A 31 ? 0.1288 0.1156 0.1093 0.0000  0.0095  -0.0026 400 ASP A OD1 
242 O OD2 A ASP A 31 ? 0.1673 0.1516 0.1489 0.0018  0.0093  -0.0014 400 ASP A OD2 
243 O OD2 B ASP A 31 ? 0.1615 0.1484 0.1428 0.0016  0.0092  -0.0020 400 ASP A OD2 
244 N N   . LEU A 32 ? 0.1379 0.1291 0.1191 -0.0005 0.0100  -0.0043 401 LEU A N   
245 C CA  . LEU A 32 ? 0.0992 0.0928 0.0806 -0.0004 0.0100  -0.0048 401 LEU A CA  
246 C C   . LEU A 32 ? 0.1186 0.1132 0.1002 0.0004  0.0097  -0.0046 401 LEU A C   
247 O O   . LEU A 32 ? 0.1846 0.1775 0.1659 0.0005  0.0095  -0.0039 401 LEU A O   
248 C CB  . LEU A 32 ? 0.1659 0.1593 0.1466 -0.0014 0.0102  -0.0050 401 LEU A CB  
249 C CG  . LEU A 32 ? 0.1371 0.1294 0.1174 -0.0024 0.0106  -0.0053 401 LEU A CG  
250 C CD1 . LEU A 32 ? 0.1274 0.1200 0.1071 -0.0034 0.0109  -0.0057 401 LEU A CD1 
251 C CD2 . LEU A 32 ? 0.1545 0.1482 0.1355 -0.0020 0.0108  -0.0058 401 LEU A CD2 
252 N N   . ILE A 33 ? 0.1184 0.1156 0.1007 0.0011  0.0096  -0.0051 402 ILE A N   
253 C CA  . ILE A 33 ? 0.1306 0.1290 0.1131 0.0017  0.0093  -0.0050 402 ILE A CA  
254 C C   . ILE A 33 ? 0.1663 0.1671 0.1487 0.0019  0.0094  -0.0054 402 ILE A C   
255 O O   . ILE A 33 ? 0.1409 0.1427 0.1232 0.0024  0.0095  -0.0059 402 ILE A O   
256 C CB  . ILE A 33 ? 0.1415 0.1410 0.1253 0.0024  0.0093  -0.0052 402 ILE A CB  
257 C CG1 . ILE A 33 ? 0.1589 0.1556 0.1427 0.0025  0.0093  -0.0046 402 ILE A CG1 
258 C CG2 . ILE A 33 ? 0.1412 0.1409 0.1249 0.0028  0.0094  -0.0050 402 ILE A CG2 
259 C CD1 . ILE A 33 ? 0.2908 0.2880 0.2756 0.0032  0.0094  -0.0048 402 ILE A CD1 
260 N N   . THR A 34 ? 0.1415 0.1421 0.1232 0.0018  0.0091  -0.0051 403 THR A N   
261 C CA  . THR A 34 ? 0.1343 0.1367 0.1157 0.0023  0.0092  -0.0055 403 THR A CA  
262 C C   . THR A 34 ? 0.1466 0.1506 0.1289 0.0027  0.0091  -0.0057 403 THR A C   
263 O O   . THR A 34 ? 0.1279 0.1312 0.1103 0.0022  0.0091  -0.0055 403 THR A O   
264 C CB  . THR A 34 ? 0.1523 0.1538 0.1329 0.0017  0.0091  -0.0052 403 THR A CB  
265 O OG1 . THR A 34 ? 0.1761 0.1753 0.1559 0.0005  0.0093  -0.0051 403 THR A OG1 
266 C CG2 . THR A 34 ? 0.1559 0.1583 0.1358 0.0022  0.0091  -0.0054 403 THR A CG2 
267 N N   . LEU A 35 ? 0.1506 0.1549 0.1324 0.0037  0.0094  -0.0059 404 LEU A N   
268 C CA  . LEU A 35 ? 0.1657 0.1670 0.1475 0.0012  0.0111  -0.0067 404 LEU A CA  
269 C C   . LEU A 35 ? 0.1441 0.1455 0.1248 0.0017  0.0111  -0.0063 404 LEU A C   
270 O O   . LEU A 35 ? 0.1535 0.1536 0.1322 0.0031  0.0108  -0.0056 404 LEU A O   
271 C CB  . LEU A 35 ? 0.1735 0.1753 0.1547 0.0034  0.0115  -0.0066 404 LEU A CB  
272 C CG  . LEU A 35 ? 0.1684 0.1703 0.1501 0.0040  0.0115  -0.0066 404 LEU A CG  
273 C CD1 . LEU A 35 ? 0.1606 0.1650 0.1433 0.0037  0.0120  -0.0078 404 LEU A CD1 
274 C CD2 . LEU A 35 ? 0.1349 0.1365 0.1187 0.0023  0.0117  -0.0073 404 LEU A CD2 
275 N N   . LEU A 36 ? 0.1369 0.1402 0.1182 0.0028  0.0107  -0.0061 405 LEU A N   
276 C CA  . LEU A 36 ? 0.1973 0.2010 0.1779 0.0034  0.0103  -0.0056 405 LEU A CA  
277 C C   . LEU A 36 ? 0.1926 0.1987 0.1741 0.0053  0.0100  -0.0055 405 LEU A C   
278 O O   . LEU A 36 ? 0.1870 0.1941 0.1682 0.0059  0.0095  -0.0051 405 LEU A O   
279 C CB  . LEU A 36 ? 0.1652 0.1679 0.1458 0.0039  0.0096  -0.0046 405 LEU A CB  
280 C CG  . LEU A 36 ? 0.1955 0.1979 0.1761 0.0024  0.0093  -0.0047 405 LEU A CG  
281 C CD1 . LEU A 36 ? 0.2235 0.2238 0.2039 0.0031  0.0088  -0.0034 405 LEU A CD1 
282 C CD2 . LEU A 36 ? 0.2591 0.2627 0.2394 0.0012  0.0092  -0.0053 405 LEU A CD2 
283 N N   . VAL A 37 ? 0.1818 0.1893 0.1645 0.0060  0.0101  -0.0059 406 VAL A N   
284 C CA  . VAL A 37 ? 0.2080 0.2186 0.1920 0.0075  0.0097  -0.0061 406 VAL A CA  
285 C C   . VAL A 37 ? 0.2157 0.2280 0.2005 0.0069  0.0101  -0.0072 406 VAL A C   
286 O O   . VAL A 37 ? 0.2207 0.2315 0.2050 0.0058  0.0106  -0.0076 406 VAL A O   
287 C CB  . VAL A 37 ? 0.2420 0.2531 0.2272 0.0095  0.0094  -0.0052 406 VAL A CB  
288 C CG1 . VAL A 37 ? 0.2522 0.2615 0.2365 0.0102  0.0091  -0.0039 406 VAL A CG1 
289 C CG2 . VAL A 37 ? 0.2258 0.2359 0.2118 0.0094  0.0098  -0.0055 406 VAL A CG2 
290 N N   . PRO A 38 ? 0.2461 0.2618 0.2320 0.0076  0.0097  -0.0078 407 PRO A N   
291 C CA  . PRO A 38 ? 0.3220 0.3396 0.3087 0.0068  0.0099  -0.0089 407 PRO A CA  
292 C C   . PRO A 38 ? 0.2729 0.2911 0.2611 0.0074  0.0100  -0.0093 407 PRO A C   
293 O O   . PRO A 38 ? 0.2715 0.2903 0.2599 0.0064  0.0103  -0.0102 407 PRO A O   
294 C CB  . PRO A 38 ? 0.3560 0.3771 0.3435 0.0075  0.0093  -0.0094 407 PRO A CB  
295 C CG  . PRO A 38 ? 0.4113 0.4328 0.3989 0.0092  0.0089  -0.0083 407 PRO A CG  
296 C CD  . PRO A 38 ? 0.3592 0.3769 0.3453 0.0089  0.0090  -0.0073 407 PRO A CD  
297 N N   . GLU A 39 ? 0.2724 0.2907 0.2615 0.0089  0.0099  -0.0087 408 GLU A N   
298 C CA  . GLU A 39 ? 0.2784 0.2969 0.2689 0.0095  0.0100  -0.0090 408 GLU A CA  
299 C C   . GLU A 39 ? 0.2603 0.2765 0.2509 0.0105  0.0100  -0.0081 408 GLU A C   
300 O O   . GLU A 39 ? 0.2567 0.2719 0.2468 0.0112  0.0097  -0.0070 408 GLU A O   
301 C CB  . GLU A 39 ? 0.3372 0.3591 0.3294 0.0107  0.0095  -0.0096 408 GLU A CB  
302 C CG  . GLU A 39 ? 0.4777 0.5025 0.4702 0.0100  0.0094  -0.0106 408 GLU A CG  
303 C CD  . GLU A 39 ? 0.6299 0.6575 0.6234 0.0115  0.0087  -0.0104 408 GLU A CD  
304 O OE1 . GLU A 39 ? 0.7070 0.7341 0.7007 0.0130  0.0084  -0.0094 408 GLU A OE1 
305 O OE2 . GLU A 39 ? 0.7048 0.7351 0.6987 0.0110  0.0085  -0.0113 408 GLU A OE2 
306 N N   . ALA A 40 ? 0.2094 0.2250 0.2010 0.0105  0.0102  -0.0084 409 ALA A N   
307 C CA  . ALA A 40 ? 0.1771 0.1910 0.1693 0.0117  0.0101  -0.0076 409 ALA A CA  
308 C C   . ALA A 40 ? 0.1857 0.2013 0.1795 0.0136  0.0095  -0.0071 409 ALA A C   
309 O O   . ALA A 40 ? 0.2211 0.2395 0.2158 0.0140  0.0092  -0.0077 409 ALA A O   
310 C CB  . ALA A 40 ? 0.2056 0.2186 0.1985 0.0111  0.0104  -0.0082 409 ALA A CB  
311 N N   . ARG A 41 ? 0.1353 0.1305 0.1514 0.0088  -0.0095 0.0050  410 ARG A N   
312 C CA  . ARG A 41 ? 0.1275 0.1198 0.1434 0.0110  -0.0121 0.0051  410 ARG A CA  
313 C C   . ARG A 41 ? 0.1415 0.1314 0.1566 0.0124  -0.0113 0.0043  410 ARG A C   
314 O O   . ARG A 41 ? 0.1461 0.1330 0.1580 0.0113  -0.0100 0.0050  410 ARG A O   
315 C CB  . ARG A 41 ? 0.2190 0.2058 0.2302 0.0099  -0.0136 0.0068  410 ARG A CB  
316 C CG  . ARG A 41 ? 0.3557 0.3440 0.3672 0.0089  -0.0152 0.0073  410 ARG A CG  
317 C CD  . ARG A 41 ? 0.5018 0.4843 0.5083 0.0083  -0.0169 0.0089  410 ARG A CD  
318 N NE  . ARG A 41 ? 0.6061 0.5900 0.6124 0.0068  -0.0182 0.0092  410 ARG A NE  
319 C CZ  . ARG A 41 ? 0.6425 0.6281 0.6503 0.0078  -0.0211 0.0091  410 ARG A CZ  
320 N NH1 . ARG A 41 ? 0.5864 0.5725 0.5966 0.0107  -0.0231 0.0087  410 ARG A NH1 
321 N NH2 . ARG A 41 ? 0.7345 0.7215 0.7417 0.0058  -0.0222 0.0092  410 ARG A NH2 
322 N N   . ASP A 42 ? 0.1840 0.1754 0.2021 0.0151  -0.0123 0.0030  411 ASP A N   
323 C CA  . ASP A 42 ? 0.1880 0.1770 0.2054 0.0165  -0.0116 0.0018  411 ASP A CA  
324 C C   . ASP A 42 ? 0.1520 0.1430 0.1688 0.0151  -0.0087 0.0012  411 ASP A C   
325 O O   . ASP A 42 ? 0.1391 0.1269 0.1534 0.0149  -0.0080 0.0009  411 ASP A O   
326 C CB  . ASP A 42 ? 0.2431 0.2257 0.2556 0.0158  -0.0122 0.0031  411 ASP A CB  
327 C CG  . ASP A 42 ? 0.3437 0.3249 0.3556 0.0169  -0.0140 0.0034  411 ASP A CG  
328 O OD1 . ASP A 42 ? 0.3031 0.2800 0.3113 0.0162  -0.0139 0.0042  411 ASP A OD1 
329 O OD2 . ASP A 42 ? 0.3774 0.3622 0.3930 0.0186  -0.0153 0.0029  411 ASP A OD2 
330 N N   . GLY A 43 ? 0.1431 0.1392 0.1620 0.0139  -0.0071 0.0010  412 GLY A N   
331 C CA  . GLY A 43 ? 0.1338 0.1322 0.1523 0.0128  -0.0045 0.0004  412 GLY A CA  
332 C C   . GLY A 43 ? 0.1521 0.1486 0.1671 0.0103  -0.0034 0.0022  412 GLY A C   
333 O O   . GLY A 43 ? 0.1315 0.1295 0.1455 0.0093  -0.0014 0.0021  412 GLY A O   
334 N N   . TRP A 44 ? 0.1386 0.1316 0.1513 0.0094  -0.0048 0.0038  413 TRP A N   
335 C CA  . TRP A 44 ? 0.1364 0.1273 0.1459 0.0073  -0.0037 0.0055  413 TRP A CA  
336 C C   . TRP A 44 ? 0.1329 0.1250 0.1425 0.0058  -0.0034 0.0064  413 TRP A C   
337 O O   . TRP A 44 ? 0.1837 0.1761 0.1946 0.0060  -0.0051 0.0064  413 TRP A O   
338 C CB  . TRP A 44 ? 0.1343 0.1195 0.1404 0.0072  -0.0051 0.0066  413 TRP A CB  
339 C CG  . TRP A 44 ? 0.0809 0.0640 0.0863 0.0080  -0.0053 0.0059  413 TRP A CG  
340 C CD1 . TRP A 44 ? 0.1014 0.0828 0.1075 0.0098  -0.0066 0.0047  413 TRP A CD1 
341 C CD2 . TRP A 44 ? 0.0894 0.0713 0.0927 0.0070  -0.0040 0.0063  413 TRP A CD2 
342 N NE1 . TRP A 44 ? 0.1119 0.0910 0.1166 0.0098  -0.0062 0.0042  413 TRP A NE1 
343 C CE2 . TRP A 44 ? 0.0914 0.0712 0.0943 0.0079  -0.0048 0.0050  413 TRP A CE2 
344 C CE3 . TRP A 44 ? 0.0874 0.0702 0.0892 0.0054  -0.0025 0.0074  413 TRP A CE3 
345 C CZ2 . TRP A 44 ? 0.1091 0.0876 0.1104 0.0069  -0.0042 0.0049  413 TRP A CZ2 
346 C CZ3 . TRP A 44 ? 0.1046 0.0865 0.1049 0.0048  -0.0020 0.0075  413 TRP A CZ3 
347 C CH2 . TRP A 44 ? 0.1478 0.1279 0.1479 0.0054  -0.0029 0.0061  413 TRP A CH2 
348 N N   . HIS A 45 ? 0.1118 0.1051 0.1204 0.0043  -0.0014 0.0071  414 HIS A N   
349 C CA  . HIS A 45 ? 0.0905 0.0838 0.0985 0.0026  -0.0009 0.0081  414 HIS A CA  
350 C C   . HIS A 45 ? 0.1168 0.1059 0.1209 0.0015  -0.0003 0.0098  414 HIS A C   
351 O O   . HIS A 45 ? 0.1106 0.0976 0.1129 0.0018  0.0000  0.0102  414 HIS A O   
352 C CB  . HIS A 45 ? 0.1094 0.1068 0.1191 0.0016  0.0013  0.0077  414 HIS A CB  
353 C CG  . HIS A 45 ? 0.1486 0.1483 0.1606 0.0004  0.0009  0.0074  414 HIS A CG  
354 N ND1 . HIS A 45 ? 0.1421 0.1391 0.1522 -0.0009 0.0001  0.0083  414 HIS A ND1 
355 C CD2 . HIS A 45 ? 0.1221 0.1268 0.1380 0.0002  0.0013  0.0062  414 HIS A CD2 
356 C CE1 . HIS A 45 ? 0.1687 0.1688 0.1814 -0.0021 -0.0002 0.0076  414 HIS A CE1 
357 N NE2 . HIS A 45 ? 0.1657 0.1708 0.1822 -0.0014 0.0006  0.0063  414 HIS A NE2 
358 N N   . TYR A 46 ? 0.1069 0.0947 0.1096 0.0000  0.0000  0.0105  415 TYR A N   
359 C CA  . TYR A 46 ? 0.0876 0.0714 0.0863 -0.0009 0.0006  0.0116  415 TYR A CA  
360 C C   . TYR A 46 ? 0.1404 0.1246 0.1376 -0.0024 0.0023  0.0116  415 TYR A C   
361 O O   . TYR A 46 ? 0.1323 0.1174 0.1315 -0.0035 0.0025  0.0122  415 TYR A O   
362 C CB  . TYR A 46 ? 0.1372 0.1185 0.1340 -0.0009 -0.0010 0.0113  415 TYR A CB  
363 C CG  . TYR A 46 ? 0.1169 0.0974 0.1110 -0.0008 0.0010  0.0107  415 TYR A CG  
364 C CD1 . TYR A 46 ? 0.1173 0.0997 0.1127 0.0000  0.0016  0.0104  415 TYR A CD1 
365 C CD2 . TYR A 46 ? 0.1599 0.1411 0.1545 -0.0017 0.0018  0.0110  415 TYR A CD2 
366 C CE1 . TYR A 46 ? 0.1036 0.0878 0.1005 -0.0009 0.0010  0.0109  415 TYR A CE1 
367 C CE2 . TYR A 46 ? 0.1639 0.1473 0.1601 -0.0020 0.0017  0.0111  415 TYR A CE2 
368 C CZ  . TYR A 46 ? 0.1464 0.1300 0.1422 -0.0018 0.0012  0.0111  415 TYR A CZ  
369 O OH  . TYR A 46 ? 0.1781 0.1603 0.1718 -0.0023 0.0014  0.0112  415 TYR A OH  
370 N N   . GLY A 47 ? 0.1051 0.0896 0.1001 -0.0027 0.0027  0.0109  416 GLY A N   
371 C CA  . GLY A 47 ? 0.1044 0.0899 0.0988 -0.0039 0.0035  0.0108  416 GLY A CA  
372 C C   . GLY A 47 ? 0.1218 0.1081 0.1156 -0.0036 0.0035  0.0105  416 GLY A C   
373 O O   . GLY A 47 ? 0.1455 0.1316 0.1392 -0.0028 0.0032  0.0104  416 GLY A O   
374 N N   . GLU A 48 ? 0.1002 0.0870 0.0939 -0.0037 0.0048  0.0107  417 GLU A N   
375 C CA  . GLU A 48 ? 0.0980 0.0844 0.0912 -0.0027 0.0058  0.0106  417 GLU A CA  
376 C C   . GLU A 48 ? 0.0918 0.0793 0.0853 -0.0022 0.0070  0.0108  417 GLU A C   
377 O O   . GLU A 48 ? 0.1427 0.1307 0.1363 -0.0029 0.0075  0.0110  417 GLU A O   
378 C CB  . GLU A 48 ? 0.1226 0.1073 0.1148 -0.0031 0.0063  0.0107  417 GLU A CB  
379 C CG  . GLU A 48 ? 0.1493 0.1330 0.1407 -0.0020 0.0077  0.0106  417 GLU A CG  
380 C CD  . GLU A 48 ? 0.2080 0.1892 0.1978 -0.0024 0.0085  0.0104  417 GLU A CD  
381 O OE1 . GLU A 48 ? 0.1972 0.1773 0.1863 -0.0031 0.0078  0.0102  417 GLU A OE1 
382 O OE2 . GLU A 48 ? 0.2041 0.1841 0.1930 -0.0019 0.0098  0.0106  417 GLU A OE2 
383 N N   . SER A 49 ? 0.0861 0.0746 0.0800 -0.0010 0.0073  0.0109  418 SER A N   
384 C CA  . SER A 49 ? 0.1057 0.0952 0.0997 -0.0003 0.0082  0.0113  418 SER A CA  
385 C C   . SER A 49 ? 0.1361 0.1241 0.1291 0.0000  0.0094  0.0117  418 SER A C   
386 O O   . SER A 49 ? 0.1267 0.1132 0.1193 0.0004  0.0098  0.0116  418 SER A O   
387 C CB  . SER A 49 ? 0.1104 0.1009 0.1050 0.0007  0.0080  0.0115  418 SER A CB  
388 O OG  . SER A 49 ? 0.1350 0.1265 0.1295 0.0015  0.0088  0.0122  418 SER A OG  
389 N N   . GLU A 50 ? 0.1173 0.1056 0.1101 -0.0005 0.0100  0.0121  419 GLU A N   
390 C CA  A GLU A 50 ? 0.1099 0.0964 0.1015 -0.0002 0.0112  0.0127  419 GLU A CA  
391 C CA  B GLU A 50 ? 0.1214 0.1081 0.1131 -0.0001 0.0112  0.0127  419 GLU A CA  
392 C C   . GLU A 50 ? 0.1029 0.0896 0.0947 0.0016  0.0118  0.0132  419 GLU A C   
393 O O   . GLU A 50 ? 0.1679 0.1525 0.1588 0.0022  0.0127  0.0135  419 GLU A O   
394 C CB  A GLU A 50 ? 0.1603 0.1472 0.1514 -0.0010 0.0118  0.0131  419 GLU A CB  
395 C CB  B GLU A 50 ? 0.1545 0.1419 0.1458 -0.0008 0.0117  0.0132  419 GLU A CB  
396 C CG  A GLU A 50 ? 0.1624 0.1470 0.1521 -0.0011 0.0131  0.0137  419 GLU A CG  
397 C CG  B GLU A 50 ? 0.1486 0.1347 0.1386 -0.0002 0.0129  0.0141  419 GLU A CG  
398 C CD  A GLU A 50 ? 0.1180 0.1024 0.1073 0.0006  0.0137  0.0146  419 GLU A CD  
399 C CD  B GLU A 50 ? 0.1229 0.1059 0.1117 -0.0008 0.0138  0.0141  419 GLU A CD  
400 O OE1 A GLU A 50 ? 0.1228 0.1093 0.1126 0.0011  0.0133  0.0149  419 GLU A OE1 
401 O OE1 B GLU A 50 ? 0.1708 0.1535 0.1599 -0.0022 0.0135  0.0135  419 GLU A OE1 
402 O OE2 A GLU A 50 ? 0.1336 0.1156 0.1218 0.0013  0.0148  0.0150  419 GLU A OE2 
403 O OE2 B GLU A 50 ? 0.1907 0.1720 0.1785 0.0002  0.0149  0.0148  419 GLU A OE2 
404 N N   . LYS A 51 ? 0.0900 0.0787 0.0825 0.0022  0.0113  0.0135  420 LYS A N   
405 C CA  . LYS A 51 ? 0.1230 0.1126 0.1160 0.0038  0.0117  0.0143  420 LYS A CA  
406 C C   . LYS A 51 ? 0.1102 0.0996 0.1039 0.0046  0.0117  0.0141  420 LYS A C   
407 O O   . LYS A 51 ? 0.1220 0.1106 0.1156 0.0057  0.0127  0.0146  420 LYS A O   
408 C CB  . LYS A 51 ? 0.1326 0.1249 0.1262 0.0040  0.0108  0.0147  420 LYS A CB  
409 C CG  . LYS A 51 ? 0.2831 0.2769 0.2772 0.0053  0.0110  0.0156  420 LYS A CG  
410 C CD  . LYS A 51 ? 0.4655 0.4583 0.4590 0.0064  0.0121  0.0167  420 LYS A CD  
411 C CE  . LYS A 51 ? 0.5988 0.5937 0.5931 0.0078  0.0121  0.0179  420 LYS A CE  
412 N NZ  . LYS A 51 ? 0.6685 0.6623 0.6618 0.0090  0.0132  0.0191  420 LYS A NZ  
413 N N   . THR A 52 ? 0.1344 0.1244 0.1289 0.0038  0.0107  0.0133  421 THR A N   
414 C CA  . THR A 52 ? 0.1154 0.1056 0.1105 0.0043  0.0108  0.0132  421 THR A CA  
415 C C   . THR A 52 ? 0.1094 0.0972 0.1035 0.0038  0.0109  0.0125  421 THR A C   
416 O O   . THR A 52 ? 0.1230 0.1104 0.1172 0.0043  0.0114  0.0124  421 THR A O   
417 C CB  . THR A 52 ? 0.1174 0.1093 0.1134 0.0039  0.0095  0.0130  421 THR A CB  
418 O OG1 . THR A 52 ? 0.1512 0.1424 0.1467 0.0027  0.0086  0.0122  421 THR A OG1 
419 C CG2 . THR A 52 ? 0.1682 0.1624 0.1649 0.0042  0.0092  0.0137  421 THR A CG2 
420 N N   . LYS A 53 ? 0.1208 0.1073 0.1139 0.0027  0.0106  0.0119  422 LYS A N   
421 C CA  . LYS A 53 ? 0.1136 0.0981 0.1055 0.0018  0.0105  0.0112  422 LYS A CA  
422 C C   . LYS A 53 ? 0.1313 0.1162 0.1236 0.0014  0.0095  0.0109  422 LYS A C   
423 O O   . LYS A 53 ? 0.1355 0.1187 0.1265 0.0009  0.0093  0.0105  422 LYS A O   
424 C CB  . LYS A 53 ? 0.1595 0.1416 0.1501 0.0027  0.0119  0.0113  422 LYS A CB  
425 C CG  . LYS A 53 ? 0.1782 0.1585 0.1676 0.0026  0.0130  0.0116  422 LYS A CG  
426 C CD  . LYS A 53 ? 0.2938 0.2753 0.2840 0.0035  0.0136  0.0125  422 LYS A CD  
427 C CE  . LYS A 53 ? 0.2855 0.2677 0.2764 0.0053  0.0146  0.0131  422 LYS A CE  
428 N NZ  . LYS A 53 ? 0.2221 0.2046 0.2131 0.0063  0.0154  0.0142  422 LYS A NZ  
429 N N   . MET A 54 ? 0.1168 0.0819 0.0976 0.0135  0.0293  0.0128  423 MET A N   
430 C CA  . MET A 54 ? 0.0827 0.0492 0.0645 0.0118  0.0277  0.0126  423 MET A CA  
431 C C   . MET A 54 ? 0.1228 0.0881 0.1039 0.0091  0.0259  0.0109  423 MET A C   
432 O O   . MET A 54 ? 0.1392 0.1037 0.1200 0.0084  0.0256  0.0101  423 MET A O   
433 C CB  . MET A 54 ? 0.1025 0.0745 0.0882 0.0122  0.0267  0.0142  423 MET A CB  
434 C CG  . MET A 54 ? 0.1397 0.1141 0.1268 0.0149  0.0283  0.0163  423 MET A CG  
435 S SD  . MET A 54 ? 0.1589 0.1296 0.1435 0.0169  0.0305  0.0165  423 MET A SD  
436 C CE  . MET A 54 ? 0.0959 0.0680 0.0810 0.0150  0.0292  0.0163  423 MET A CE  
437 N N   . ARG A 55 ? 0.1355 0.1006 0.1163 0.0076  0.0247  0.0104  424 ARG A N   
438 C CA  . ARG A 55 ? 0.1319 0.0959 0.1124 0.0051  0.0227  0.0090  424 ARG A CA  
439 C C   . ARG A 55 ? 0.1161 0.0831 0.0994 0.0038  0.0208  0.0094  424 ARG A C   
440 O O   . ARG A 55 ? 0.1130 0.0818 0.0974 0.0044  0.0210  0.0104  424 ARG A O   
441 C CB  . ARG A 55 ? 0.1823 0.1423 0.1591 0.0044  0.0230  0.0080  424 ARG A CB  
442 C CG  . ARG A 55 ? 0.2157 0.1721 0.1892 0.0051  0.0247  0.0072  424 ARG A CG  
443 C CD  . ARG A 55 ? 0.2554 0.2076 0.2247 0.0043  0.0249  0.0062  424 ARG A CD  
444 N NE  . ARG A 55 ? 0.2455 0.1943 0.2116 0.0044  0.0264  0.0054  424 ARG A NE  
445 C CZ  . ARG A 55 ? 0.2817 0.2265 0.2436 0.0034  0.0267  0.0044  424 ARG A CZ  
446 N NH1 . ARG A 55 ? 0.2856 0.2273 0.2445 0.0036  0.0281  0.0038  424 ARG A NH1 
447 N NH2 . ARG A 55 ? 0.3552 0.2988 0.3156 0.0022  0.0255  0.0041  424 ARG A NH2 
448 N N   . GLY A 56 ? 0.1212 0.0885 0.1058 0.0020  0.0190  0.0084  425 GLY A N   
449 C CA  . GLY A 56 ? 0.1099 0.0793 0.0970 0.0007  0.0171  0.0085  425 GLY A CA  
450 C C   . GLY A 56 ? 0.1296 0.0997 0.1186 -0.0009 0.0154  0.0076  425 GLY A C   
451 O O   . GLY A 56 ? 0.1336 0.1028 0.1223 -0.0009 0.0156  0.0069  425 GLY A O   
452 N N   . TRP A 57 ? 0.1000 0.0718 0.0914 -0.0020 0.0139  0.0076  426 TRP A N   
453 C CA  . TRP A 57 ? 0.0979 0.0705 0.0917 -0.0033 0.0122  0.0066  426 TRP A CA  
454 C C   . TRP A 57 ? 0.0838 0.0587 0.0797 -0.0031 0.0130  0.0071  426 TRP A C   
455 O O   . TRP A 57 ? 0.1065 0.0835 0.1031 -0.0023 0.0140  0.0084  426 TRP A O   
456 C CB  . TRP A 57 ? 0.1174 0.0903 0.1125 -0.0045 0.0102  0.0063  426 TRP A CB  
457 C CG  . TRP A 57 ? 0.1063 0.0769 0.0995 -0.0049 0.0092  0.0059  426 TRP A CG  
458 C CD1 . TRP A 57 ? 0.1344 0.1036 0.1253 -0.0046 0.0098  0.0065  426 TRP A CD1 
459 C CD2 . TRP A 57 ? 0.0935 0.0632 0.0872 -0.0058 0.0076  0.0049  426 TRP A CD2 
460 N NE1 . TRP A 57 ? 0.1505 0.1178 0.1400 -0.0052 0.0087  0.0059  426 TRP A NE1 
461 C CE2 . TRP A 57 ? 0.1189 0.0866 0.1102 -0.0060 0.0073  0.0049  426 TRP A CE2 
462 C CE3 . TRP A 57 ? 0.1101 0.0806 0.1058 -0.0064 0.0066  0.0039  426 TRP A CE3 
463 C CZ2 . TRP A 57 ? 0.1359 0.1025 0.1273 -0.0069 0.0059  0.0042  426 TRP A CZ2 
464 C CZ3 . TRP A 57 ? 0.1475 0.1171 0.1434 -0.0072 0.0051  0.0032  426 TRP A CZ3 
465 C CH2 . TRP A 57 ? 0.1382 0.1059 0.1321 -0.0074 0.0048  0.0035  426 TRP A CH2 
466 N N   . PHE A 58 ? 0.1156 0.0910 0.1130 -0.0037 0.0125  0.0060  427 PHE A N   
467 C CA  . PHE A 58 ? 0.1408 0.1183 0.1400 -0.0037 0.0132  0.0063  427 PHE A CA  
468 C C   . PHE A 58 ? 0.0992 0.0771 0.1005 -0.0050 0.0119  0.0047  427 PHE A C   
469 O O   . PHE A 58 ? 0.1071 0.0838 0.1083 -0.0055 0.0106  0.0037  427 PHE A O   
470 C CB  . PHE A 58 ? 0.1314 0.1086 0.1290 -0.0023 0.0151  0.0071  427 PHE A CB  
471 C CG  . PHE A 58 ? 0.1174 0.0922 0.1133 -0.0023 0.0152  0.0061  427 PHE A CG  
472 C CD1 . PHE A 58 ? 0.1124 0.0874 0.1093 -0.0030 0.0152  0.0052  427 PHE A CD1 
473 C CD2 . PHE A 58 ? 0.1204 0.0930 0.1138 -0.0018 0.0156  0.0060  427 PHE A CD2 
474 C CE1 . PHE A 58 ? 0.1078 0.0809 0.1034 -0.0032 0.0153  0.0043  427 PHE A CE1 
475 C CE2 . PHE A 58 ? 0.1285 0.0989 0.1202 -0.0021 0.0157  0.0051  427 PHE A CE2 
476 C CZ  . PHE A 58 ? 0.1597 0.1306 0.1528 -0.0029 0.0155  0.0043  427 PHE A CZ  
477 N N   . PRO A 59 ? 0.1421 0.1222 0.1458 -0.0055 0.0121  0.0046  428 PRO A N   
478 C CA  . PRO A 59 ? 0.1302 0.1109 0.1360 -0.0064 0.0110  0.0030  428 PRO A CA  
479 C C   . PRO A 59 ? 0.1429 0.1225 0.1476 -0.0061 0.0119  0.0025  428 PRO A C   
480 O O   . PRO A 59 ? 0.1443 0.1240 0.1481 -0.0054 0.0138  0.0033  428 PRO A O   
481 C CB  . PRO A 59 ? 0.1678 0.1511 0.1756 -0.0070 0.0114  0.0030  428 PRO A CB  
482 C CG  . PRO A 59 ? 0.2167 0.2018 0.2235 -0.0061 0.0117  0.0047  428 PRO A CG  
483 C CD  . PRO A 59 ? 0.1479 0.1306 0.1521 -0.0050 0.0130  0.0060  428 PRO A CD  
484 N N   . PHE A 60 ? 0.1221 0.1010 0.1273 -0.0066 0.0107  0.0014  429 PHE A N   
485 C CA  . PHE A 60 ? 0.1364 0.1147 0.1411 -0.0065 0.0113  0.0010  429 PHE A CA  
486 C C   . PHE A 60 ? 0.1248 0.1043 0.1309 -0.0066 0.0125  0.0005  429 PHE A C   
487 O O   . PHE A 60 ? 0.1064 0.0851 0.1113 -0.0064 0.0140  0.0006  429 PHE A O   
488 C CB  . PHE A 60 ? 0.1174 0.0953 0.1228 -0.0072 0.0094  0.0001  429 PHE A CB  
489 C CG  . PHE A 60 ? 0.1774 0.1544 0.1820 -0.0074 0.0099  -0.0002 429 PHE A CG  
490 C CD1 . PHE A 60 ? 0.2170 0.1924 0.2192 -0.0069 0.0118  0.0003  429 PHE A CD1 
491 C CD2 . PHE A 60 ? 0.1783 0.1554 0.1842 -0.0082 0.0084  -0.0008 429 PHE A CD2 
492 C CE1 . PHE A 60 ? 0.2292 0.2034 0.2305 -0.0073 0.0122  0.0001  429 PHE A CE1 
493 C CE2 . PHE A 60 ? 0.2197 0.1958 0.2250 -0.0087 0.0088  -0.0011 429 PHE A CE2 
494 C CZ  . PHE A 60 ? 0.2253 0.2000 0.2284 -0.0082 0.0107  -0.0007 429 PHE A CZ  
495 N N   . SER A 61 ? 0.1101 0.0914 0.1183 -0.0072 0.0120  -0.0001 430 SER A N   
496 C CA  . SER A 61 ? 0.1029 0.0856 0.1126 -0.0075 0.0131  -0.0007 430 SER A CA  
497 C C   . SER A 61 ? 0.1533 0.1363 0.1611 -0.0070 0.0150  0.0006  430 SER A C   
498 O O   . SER A 61 ? 0.1394 0.1239 0.1471 -0.0070 0.0157  0.0003  430 SER A O   
499 C CB  . SER A 61 ? 0.1446 0.1290 0.1565 -0.0082 0.0119  -0.0016 430 SER A CB  
500 O OG  . SER A 61 ? 0.1272 0.1119 0.1387 -0.0083 0.0115  -0.0007 430 SER A OG  
501 N N   . TYR A 62 ? 0.1264 0.1092 0.1322 -0.0061 0.0151  0.0022  431 TYR A N   
502 C CA  . TYR A 62 ? 0.1071 0.0918 0.1111 -0.0049 0.0163  0.0037  431 TYR A CA  
503 C C   . TYR A 62 ? 0.1402 0.1223 0.1418 -0.0040 0.0181  0.0045  431 TYR A C   
504 O O   . TYR A 62 ? 0.1473 0.1304 0.1472 -0.0026 0.0193  0.0060  431 TYR A O   
505 C CB  . TYR A 62 ? 0.1313 0.1171 0.1347 -0.0040 0.0160  0.0052  431 TYR A CB  
506 C CG  . TYR A 62 ? 0.0949 0.0839 0.1000 -0.0047 0.0145  0.0050  431 TYR A CG  
507 C CD1 . TYR A 62 ? 0.1133 0.1027 0.1207 -0.0061 0.0132  0.0032  431 TYR A CD1 
508 C CD2 . TYR A 62 ? 0.1542 0.1462 0.1590 -0.0039 0.0146  0.0065  431 TYR A CD2 
509 C CE1 . TYR A 62 ? 0.1607 0.1526 0.1695 -0.0069 0.0120  0.0029  431 TYR A CE1 
510 C CE2 . TYR A 62 ? 0.1715 0.1667 0.1780 -0.0048 0.0132  0.0063  431 TYR A CE2 
511 C CZ  . TYR A 62 ? 0.1840 0.1789 0.1923 -0.0063 0.0120  0.0044  431 TYR A CZ  
512 O OH  . TYR A 62 ? 0.2066 0.2039 0.2162 -0.0074 0.0107  0.0042  431 TYR A OH  
513 N N   . THR A 63 ? 0.1147 0.0939 0.1163 -0.0046 0.0182  0.0035  432 THR A N   
514 C CA  . THR A 63 ? 0.1098 0.0869 0.1090 -0.0037 0.0192  0.0038  432 THR A CA  
515 C C   . THR A 63 ? 0.1494 0.1258 0.1496 -0.0047 0.0192  0.0024  432 THR A C   
516 O O   . THR A 63 ? 0.1314 0.1092 0.1343 -0.0058 0.0181  0.0011  432 THR A O   
517 C CB  . THR A 63 ? 0.1556 0.1306 0.1530 -0.0032 0.0187  0.0040  432 THR A CB  
518 O OG1 . THR A 63 ? 0.1351 0.1098 0.1338 -0.0044 0.0171  0.0026  432 THR A OG1 
519 C CG2 . THR A 63 ? 0.1485 0.1246 0.1456 -0.0024 0.0184  0.0053  432 THR A CG2 
520 N N   . ARG A 64 ? 0.1494 0.1241 0.1475 -0.0043 0.0204  0.0027  433 ARG A N   
521 C CA  . ARG A 64 ? 0.1597 0.1339 0.1588 -0.0053 0.0204  0.0015  433 ARG A CA  
522 C C   . ARG A 64 ? 0.1514 0.1232 0.1482 -0.0050 0.0206  0.0015  433 ARG A C   
523 O O   . ARG A 64 ? 0.1608 0.1309 0.1549 -0.0038 0.0217  0.0026  433 ARG A O   
524 C CB  . ARG A 64 ? 0.2236 0.1983 0.2227 -0.0052 0.0220  0.0015  433 ARG A CB  
525 C CG  . ARG A 64 ? 0.2944 0.2675 0.2903 -0.0039 0.0236  0.0029  433 ARG A CG  
526 C CD  . ARG A 64 ? 0.3540 0.3273 0.3500 -0.0043 0.0249  0.0026  433 ARG A CD  
527 N NE  . ARG A 64 ? 0.2608 0.2332 0.2539 -0.0028 0.0261  0.0040  433 ARG A NE  
528 C CZ  . ARG A 64 ? 0.2081 0.1777 0.1992 -0.0023 0.0269  0.0042  433 ARG A CZ  
529 N NH1 . ARG A 64 ? 0.2215 0.1895 0.2131 -0.0036 0.0268  0.0030  433 ARG A NH1 
530 N NH2 . ARG A 64 ? 0.1864 0.1552 0.1753 -0.0009 0.0278  0.0056  433 ARG A NH2 
531 N N   . VAL A 65 ? 0.1768 0.1485 0.1748 -0.0063 0.0197  0.0005  434 VAL A N   
532 C CA  . VAL A 65 ? 0.2043 0.1736 0.2003 -0.0066 0.0196  0.0004  434 VAL A CA  
533 C C   . VAL A 65 ? 0.1829 0.1505 0.1768 -0.0063 0.0216  0.0006  434 VAL A C   
534 O O   . VAL A 65 ? 0.2244 0.1927 0.2195 -0.0066 0.0224  0.0004  434 VAL A O   
535 C CB  . VAL A 65 ? 0.2309 0.2013 0.2293 -0.0082 0.0177  -0.0006 434 VAL A CB  
536 C CG1 . VAL A 65 ? 0.3037 0.2716 0.3000 -0.0088 0.0175  -0.0006 434 VAL A CG1 
537 C CG2 . VAL A 65 ? 0.2661 0.2378 0.2659 -0.0083 0.0155  -0.0007 434 VAL A CG2 
538 N N   . LEU A 66 ? 0.1617 0.1267 0.1524 -0.0055 0.0225  0.0013  435 LEU A N   
539 C CA  . LEU A 66 ? 0.2126 0.1755 0.2011 -0.0049 0.0244  0.0016  435 LEU A CA  
540 C C   . LEU A 66 ? 0.2867 0.2483 0.2752 -0.0066 0.0241  0.0008  435 LEU A C   
541 O O   . LEU A 66 ? 0.2834 0.2443 0.2716 -0.0075 0.0228  0.0003  435 LEU A O   
542 C CB  . LEU A 66 ? 0.2002 0.1608 0.1855 -0.0031 0.0256  0.0026  435 LEU A CB  
543 C CG  . LEU A 66 ? 0.1874 0.1492 0.1725 -0.0012 0.0263  0.0039  435 LEU A CG  
544 C CD1 . LEU A 66 ? 0.2646 0.2248 0.2473 0.0005  0.0270  0.0047  435 LEU A CD1 
545 C CD2 . LEU A 66 ? 0.1948 0.1568 0.1797 -0.0003 0.0275  0.0046  435 LEU A CD2 
546 N N   . ASP A 67 ? 0.3624 0.3236 0.3511 -0.0070 0.0253  0.0006  436 ASP A N   
547 C CA  . ASP A 67 ? 0.5142 0.4743 0.5030 -0.0086 0.0253  -0.0001 436 ASP A CA  
548 C C   . ASP A 67 ? 0.5855 0.5423 0.5711 -0.0081 0.0273  0.0004  436 ASP A C   
549 O O   . ASP A 67 ? 0.5832 0.5373 0.5660 -0.0083 0.0276  0.0003  436 ASP A O   
550 C CB  . ASP A 67 ? 0.5895 0.5521 0.5819 -0.0099 0.0247  -0.0008 436 ASP A CB  
551 C CG  . ASP A 67 ? 0.6179 0.5812 0.6107 -0.0093 0.0264  -0.0005 436 ASP A CG  
552 O OD1 . ASP A 67 ? 0.6100 0.5720 0.6004 -0.0077 0.0277  0.0004  436 ASP A OD1 
553 O OD2 . ASP A 67 ? 0.6517 0.6170 0.6473 -0.0103 0.0263  -0.0012 436 ASP A OD2 
554 O OXT . ASP A 67 ? 0.6247 0.5814 0.6099 -0.0074 0.0288  0.0008  436 ASP A OXT 
# 
loop_
_pdbx_poly_seq_scheme.asym_id 
_pdbx_poly_seq_scheme.entity_id 
_pdbx_poly_seq_scheme.seq_id 
_pdbx_poly_seq_scheme.mon_id 
_pdbx_poly_seq_scheme.ndb_seq_num 
_pdbx_poly_seq_scheme.pdb_seq_num 
_pdbx_poly_seq_scheme.auth_seq_num 
_pdbx_poly_seq_scheme.pdb_mon_id 
_pdbx_poly_seq_scheme.auth_mon_id 
_pdbx_poly_seq_scheme.pdb_strand_id 
_pdbx_poly_seq_scheme.pdb_ins_code 
_pdbx_poly_seq_scheme.hetero 
A 1 1  GLY 1  370 370 GLY GLY A . n 
A 1 2  PRO 2  371 371 PRO PRO A . n 
A 1 3  LEU 3  372 372 LEU LEU A . n 
A 1 4  GLY 4  373 373 GLY GLY A . n 
A 1 5  SER 5  374 374 SER SER A . n 
A 1 6  GLY 6  375 375 GLY GLY A . n 
A 1 7  ARG 7  376 376 ARG ARG A . n 
A 1 8  MET 8  377 377 MET MET A . n 
A 1 9  ARG 9  378 378 ARG ARG A . n 
A 1 10 VAL 10 379 379 VAL VAL A . n 
A 1 11 LYS 11 380 380 LYS LYS A . n 
A 1 12 ALA 12 381 381 ALA ALA A . n 
A 1 13 ILE 13 382 382 ILE ILE A . n 
A 1 14 PHE 14 383 383 PHE PHE A . n 
A 1 15 SER 15 384 384 SER SER A . n 
A 1 16 HIS 16 385 385 HIS HIS A . n 
A 1 17 ALA 17 386 386 ALA ALA A . n 
A 1 18 ALA 18 387 387 ALA ALA A . n 
A 1 19 GLY 19 388 388 GLY GLY A . n 
A 1 20 ASP 20 389 389 ASP ASP A . n 
A 1 21 ASN 21 390 390 ASN ASN A . n 
A 1 22 SER 22 391 391 SER SER A . n 
A 1 23 THR 23 392 392 THR THR A . n 
A 1 24 LEU 24 393 393 LEU LEU A . n 
A 1 25 LEU 25 394 394 LEU LEU A . n 
A 1 26 SER 26 395 395 SER SER A . n 
A 1 27 PHE 27 396 396 PHE PHE A . n 
A 1 28 LYS 28 397 397 LYS LYS A . n 
A 1 29 GLU 29 398 398 GLU GLU A . n 
A 1 30 GLY 30 399 399 GLY GLY A . n 
A 1 31 ASP 31 400 400 ASP ASP A . n 
A 1 32 LEU 32 401 401 LEU LEU A . n 
A 1 33 ILE 33 402 402 ILE ILE A . n 
A 1 34 THR 34 403 403 THR THR A . n 
A 1 35 LEU 35 404 404 LEU LEU A . n 
A 1 36 LEU 36 405 405 LEU LEU A . n 
A 1 37 VAL 37 406 406 VAL VAL A . n 
A 1 38 PRO 38 407 407 PRO PRO A . n 
A 1 39 GLU 39 408 408 GLU GLU A . n 
A 1 40 ALA 40 409 409 ALA ALA A . n 
A 1 41 ARG 41 410 410 ARG ARG A . n 
A 1 42 ASP 42 411 411 ASP ASP A . n 
A 1 43 GLY 43 412 412 GLY GLY A . n 
A 1 44 TRP 44 413 413 TRP TRP A . n 
A 1 45 HIS 45 414 414 HIS HIS A . n 
A 1 46 TYR 46 415 415 TYR TYR A . n 
A 1 47 GLY 47 416 416 GLY GLY A . n 
A 1 48 GLU 48 417 417 GLU GLU A . n 
A 1 49 SER 49 418 418 SER SER A . n 
A 1 50 GLU 50 419 419 GLU GLU A . n 
A 1 51 LYS 51 420 420 LYS LYS A . n 
A 1 52 THR 52 421 421 THR THR A . n 
A 1 53 LYS 53 422 422 LYS LYS A . n 
A 1 54 MET 54 423 423 MET MET A . n 
A 1 55 ARG 55 424 424 ARG ARG A . n 
A 1 56 GLY 56 425 425 GLY GLY A . n 
A 1 57 TRP 57 426 426 TRP TRP A . n 
A 1 58 PHE 58 427 427 PHE PHE A . n 
A 1 59 PRO 59 428 428 PRO PRO A . n 
A 1 60 PHE 60 429 429 PHE PHE A . n 
A 1 61 SER 61 430 430 SER SER A . n 
A 1 62 TYR 62 431 431 TYR TYR A . n 
A 1 63 THR 63 432 432 THR THR A . n 
A 1 64 ARG 64 433 433 ARG ARG A . n 
A 1 65 VAL 65 434 434 VAL VAL A . n 
A 1 66 LEU 66 435 435 LEU LEU A . n 
A 1 67 ASP 67 436 436 ASP ASP A . n 
# 
_pdbx_SG_project.id                    1 
_pdbx_SG_project.project_name          ? 
_pdbx_SG_project.full_name_of_center   'Structural Genomics Consortium' 
_pdbx_SG_project.initial_of_center     SGC 
# 
loop_
_pdbx_nonpoly_scheme.asym_id 
_pdbx_nonpoly_scheme.entity_id 
_pdbx_nonpoly_scheme.mon_id 
_pdbx_nonpoly_scheme.ndb_seq_num 
_pdbx_nonpoly_scheme.pdb_seq_num 
_pdbx_nonpoly_scheme.auth_seq_num 
_pdbx_nonpoly_scheme.pdb_mon_id 
_pdbx_nonpoly_scheme.auth_mon_id 
_pdbx_nonpoly_scheme.pdb_strand_id 
_pdbx_nonpoly_scheme.pdb_ins_code 
B 2 EDT 1  1   1  EDT EDT A . 
C 3 EDO 1  437 1  EDO EDO A . 
D 3 EDO 1  2   2  EDO EDO A . 
E 3 EDO 1  3   3  EDO EDO A . 
F 4 IPA 1  438 1  IPA IPA A . 
G 5 HOH 1  4   4  HOH HOH A . 
G 5 HOH 2  5   5  HOH HOH A . 
G 5 HOH 3  6   6  HOH HOH A . 
G 5 HOH 4  7   7  HOH HOH A . 
G 5 HOH 5  8   8  HOH HOH A . 
G 5 HOH 6  9   9  HOH HOH A . 
G 5 HOH 7  10  10 HOH HOH A . 
G 5 HOH 8  11  11 HOH HOH A . 
G 5 HOH 9  12  12 HOH HOH A . 
G 5 HOH 10 13  13 HOH HOH A . 
G 5 HOH 11 14  14 HOH HOH A . 
G 5 HOH 12 15  15 HOH HOH A . 
G 5 HOH 13 16  16 HOH HOH A . 
G 5 HOH 14 17  17 HOH HOH A . 
G 5 HOH 15 18  18 HOH HOH A . 
G 5 HOH 16 19  19 HOH HOH A . 
G 5 HOH 17 20  20 HOH HOH A . 
G 5 HOH 18 21  21 HOH HOH A . 
G 5 HOH 19 22  22 HOH HOH A . 
G 5 HOH 20 23  23 HOH HOH A . 
G 5 HOH 21 24  24 HOH HOH A . 
G 5 HOH 22 25  25 HOH HOH A . 
G 5 HOH 23 26  26 HOH HOH A . 
G 5 HOH 24 27  27 HOH HOH A . 
G 5 HOH 25 28  28 HOH HOH A . 
G 5 HOH 26 29  29 HOH HOH A . 
G 5 HOH 27 30  30 HOH HOH A . 
G 5 HOH 28 31  31 HOH HOH A . 
G 5 HOH 29 32  32 HOH HOH A . 
G 5 HOH 30 33  33 HOH HOH A . 
G 5 HOH 31 34  34 HOH HOH A . 
G 5 HOH 32 35  35 HOH HOH A . 
G 5 HOH 33 36  36 HOH HOH A . 
G 5 HOH 34 37  37 HOH HOH A . 
G 5 HOH 35 38  38 HOH HOH A . 
G 5 HOH 36 39  39 HOH HOH A . 
G 5 HOH 37 40  40 HOH HOH A . 
G 5 HOH 38 41  41 HOH HOH A . 
G 5 HOH 39 42  42 HOH HOH A . 
G 5 HOH 40 43  43 HOH HOH A . 
G 5 HOH 41 44  44 HOH HOH A . 
G 5 HOH 42 45  45 HOH HOH A . 
G 5 HOH 43 46  46 HOH HOH A . 
G 5 HOH 44 47  47 HOH HOH A . 
G 5 HOH 45 48  48 HOH HOH A . 
G 5 HOH 46 49  49 HOH HOH A . 
G 5 HOH 47 50  50 HOH HOH A . 
G 5 HOH 48 51  51 HOH HOH A . 
G 5 HOH 49 52  52 HOH HOH A . 
G 5 HOH 50 53  53 HOH HOH A . 
G 5 HOH 51 54  54 HOH HOH A . 
G 5 HOH 52 55  55 HOH HOH A . 
G 5 HOH 53 56  56 HOH HOH A . 
G 5 HOH 54 57  57 HOH HOH A . 
G 5 HOH 55 58  58 HOH HOH A . 
G 5 HOH 56 59  59 HOH HOH A . 
G 5 HOH 57 60  60 HOH HOH A . 
G 5 HOH 58 61  61 HOH HOH A . 
G 5 HOH 59 62  62 HOH HOH A . 
G 5 HOH 60 63  63 HOH HOH A . 
G 5 HOH 61 64  64 HOH HOH A . 
G 5 HOH 62 65  65 HOH HOH A . 
G 5 HOH 63 66  66 HOH HOH A . 
G 5 HOH 64 67  67 HOH HOH A . 
G 5 HOH 65 68  68 HOH HOH A . 
G 5 HOH 66 69  69 HOH HOH A . 
G 5 HOH 67 70  70 HOH HOH A . 
G 5 HOH 68 71  71 HOH HOH A . 
G 5 HOH 69 72  72 HOH HOH A . 
G 5 HOH 70 73  73 HOH HOH A . 
G 5 HOH 71 74  74 HOH HOH A . 
G 5 HOH 72 75  75 HOH HOH A . 
G 5 HOH 73 76  76 HOH HOH A . 
G 5 HOH 74 77  77 HOH HOH A . 
G 5 HOH 75 78  78 HOH HOH A . 
G 5 HOH 76 79  79 HOH HOH A . 
G 5 HOH 77 80  80 HOH HOH A . 
G 5 HOH 78 81  81 HOH HOH A . 
G 5 HOH 79 82  82 HOH HOH A . 
G 5 HOH 80 83  83 HOH HOH A . 
G 5 HOH 81 84  84 HOH HOH A . 
G 5 HOH 82 85  85 HOH HOH A . 
G 5 HOH 83 86  86 HOH HOH A . 
G 5 HOH 84 439 1  HOH HOH A . 
G 5 HOH 85 440 2  HOH HOH A . 
G 5 HOH 86 441 3  HOH HOH A . 
# 
_pdbx_struct_assembly.id                   1 
_pdbx_struct_assembly.details              author_and_software_defined_assembly 
_pdbx_struct_assembly.method_details       PISA 
_pdbx_struct_assembly.oligomeric_details   monomeric 
_pdbx_struct_assembly.oligomeric_count     1 
# 
_pdbx_struct_assembly_gen.assembly_id       1 
_pdbx_struct_assembly_gen.oper_expression   1 
_pdbx_struct_assembly_gen.asym_id_list      A,B,C,D,E,F,G 
# 
_pdbx_struct_oper_list.id                   1 
_pdbx_struct_oper_list.type                 'identity operation' 
_pdbx_struct_oper_list.name                 1_555 
_pdbx_struct_oper_list.symmetry_operation   x,y,z 
_pdbx_struct_oper_list.matrix[1][1]         1.0000000000 
_pdbx_struct_oper_list.matrix[1][2]         0.0000000000 
_pdbx_struct_oper_list.matrix[1][3]         0.0000000000 
_pdbx_struct_oper_list.vector[1]            0.0000000000 
_pdbx_struct_oper_list.matrix[2][1]         0.0000000000 
_pdbx_struct_oper_list.matrix[2][2]         1.0000000000 
_pdbx_struct_oper_list.matrix[2][3]         0.0000000000 
_pdbx_struct_oper_list.vector[2]            0.0000000000 
_pdbx_struct_oper_list.matrix[3][1]         0.0000000000 
_pdbx_struct_oper_list.matrix[3][2]         0.0000000000 
_pdbx_struct_oper_list.matrix[3][3]         1.0000000000 
_pdbx_struct_oper_list.vector[3]            0.0000000000 
# 
loop_
_pdbx_audit_revision_history.ordinal 
_pdbx_audit_revision_history.data_content_type 
_pdbx_audit_revision_history.major_revision 
_pdbx_audit_revision_history.minor_revision 
_pdbx_audit_revision_history.revision_date 
1 'Structure model' 1 0 2011-05-04 
2 'Structure model' 1 1 2011-07-13 
3 'Structure model' 1 2 2012-12-05 
4 'Structure model' 1 3 2018-01-24 
5 'Structure model' 1 4 2023-09-13 
# 
_pdbx_audit_revision_details.ordinal             1 
_pdbx_audit_revision_details.revision_ordinal    1 
_pdbx_audit_revision_details.data_content_type   'Structure model' 
_pdbx_audit_revision_details.provider            repository 
_pdbx_audit_revision_details.type                'Initial release' 
_pdbx_audit_revision_details.description         ? 
_pdbx_audit_revision_details.details             ? 
# 
loop_
_pdbx_audit_revision_group.ordinal 
_pdbx_audit_revision_group.revision_ordinal 
_pdbx_audit_revision_group.data_content_type 
_pdbx_audit_revision_group.group 
1 2 'Structure model' 'Version format compliance' 
2 3 'Structure model' 'Database references'       
3 4 'Structure model' 'Structure summary'         
4 5 'Structure model' 'Data collection'           
5 5 'Structure model' 'Database references'       
6 5 'Structure model' 'Derived calculations'      
7 5 'Structure model' 'Refinement description'    
# 
loop_
_pdbx_audit_revision_category.ordinal 
_pdbx_audit_revision_category.revision_ordinal 
_pdbx_audit_revision_category.data_content_type 
_pdbx_audit_revision_category.category 
1 4 'Structure model' audit_author                  
2 5 'Structure model' chem_comp_atom                
3 5 'Structure model' chem_comp_bond                
4 5 'Structure model' database_2                    
5 5 'Structure model' pdbx_initial_refinement_model 
6 5 'Structure model' struct_ref_seq_dif            
7 5 'Structure model' struct_site                   
# 
loop_
_pdbx_audit_revision_item.ordinal 
_pdbx_audit_revision_item.revision_ordinal 
_pdbx_audit_revision_item.data_content_type 
_pdbx_audit_revision_item.item 
1 4 'Structure model' '_audit_author.name'                  
2 5 'Structure model' '_database_2.pdbx_DOI'                
3 5 'Structure model' '_database_2.pdbx_database_accession' 
4 5 'Structure model' '_struct_ref_seq_dif.details'         
5 5 'Structure model' '_struct_site.pdbx_auth_asym_id'      
6 5 'Structure model' '_struct_site.pdbx_auth_comp_id'      
7 5 'Structure model' '_struct_site.pdbx_auth_seq_id'       
# 
loop_
_pdbx_refine_tls.pdbx_refine_id 
_pdbx_refine_tls.id 
_pdbx_refine_tls.details 
_pdbx_refine_tls.method 
_pdbx_refine_tls.origin_x 
_pdbx_refine_tls.origin_y 
_pdbx_refine_tls.origin_z 
_pdbx_refine_tls.T[1][1] 
_pdbx_refine_tls.T[2][2] 
_pdbx_refine_tls.T[3][3] 
_pdbx_refine_tls.T[1][2] 
_pdbx_refine_tls.T[1][3] 
_pdbx_refine_tls.T[2][3] 
_pdbx_refine_tls.L[1][1] 
_pdbx_refine_tls.L[2][2] 
_pdbx_refine_tls.L[3][3] 
_pdbx_refine_tls.L[1][2] 
_pdbx_refine_tls.L[1][3] 
_pdbx_refine_tls.L[2][3] 
_pdbx_refine_tls.S[1][1] 
_pdbx_refine_tls.S[1][2] 
_pdbx_refine_tls.S[1][3] 
_pdbx_refine_tls.S[2][1] 
_pdbx_refine_tls.S[2][2] 
_pdbx_refine_tls.S[2][3] 
_pdbx_refine_tls.S[3][1] 
_pdbx_refine_tls.S[3][2] 
_pdbx_refine_tls.S[3][3] 
'X-RAY DIFFRACTION' 1 ? refined 9.2380  13.0298 7.2456  -0.0187 0.1784 0.1075 -0.0406 -0.0046 -0.0542 0.1694 0.0013 0.0494 0.0135  -0.0912 -0.0073 -0.0054 -0.0010 0.0006  -0.0303 0.0425  0.0857  0.0007  -0.0029 -0.0422 
'X-RAY DIFFRACTION' 2 ? refined -3.7671 -3.0392 -1.9094 0.0752  0.0831 0.0613 -0.0032 -0.0001 -0.0030 0.1601 0.2926 0.2520 0.0610  -0.0060 -0.0677 0.0071  0.0286  -0.0248 0.0064  -0.0334 -0.0508 0.0365  -0.0082 0.0019  
'X-RAY DIFFRACTION' 3 ? refined 1.2592  1.1532  -0.6353 0.0361  0.0327 0.0110 0.0042  0.0153  -0.0077 0.0709 0.0199 0.0618 -0.0225 -0.0037 0.0187  0.0092  -0.0103 -0.0188 0.0013  0.0233  -0.0212 -0.0099 0.0625  -0.0158 
'X-RAY DIFFRACTION' 4 ? refined -1.0447 -0.5757 2.4294  0.0299  0.0140 0.0255 -0.0016 0.0069  0.0148  0.2420 0.3365 0.4145 0.0313  -0.0517 0.0091  0.0281  0.0385  -0.0108 0.0267  0.0099  -0.0416 -0.0202 0.0397  -0.0421 
'X-RAY DIFFRACTION' 5 ? refined 2.0794  -1.5815 -2.0050 0.0474  0.0136 0.0410 -0.0037 0.0196  0.0057  0.1618 0.2510 0.2807 0.0407  -0.0788 -0.0752 0.0402  0.0313  0.0082  0.0320  0.0162  -0.0196 -0.0631 -0.0307 -0.0456 
# 
loop_
_pdbx_refine_tls_group.pdbx_refine_id 
_pdbx_refine_tls_group.id 
_pdbx_refine_tls_group.refine_tls_id 
_pdbx_refine_tls_group.beg_auth_asym_id 
_pdbx_refine_tls_group.beg_auth_seq_id 
_pdbx_refine_tls_group.beg_label_asym_id 
_pdbx_refine_tls_group.beg_label_seq_id 
_pdbx_refine_tls_group.end_auth_asym_id 
_pdbx_refine_tls_group.end_auth_seq_id 
_pdbx_refine_tls_group.end_label_asym_id 
_pdbx_refine_tls_group.end_label_seq_id 
_pdbx_refine_tls_group.selection 
_pdbx_refine_tls_group.selection_details 
'X-RAY DIFFRACTION' 1 1 ? ? ? ? ? ? ? ? ? 
;chain 'A' and (resseq 370:376)
;
'X-RAY DIFFRACTION' 2 2 ? ? ? ? ? ? ? ? ? 
;chain 'A' and (resseq 377:396)
;
'X-RAY DIFFRACTION' 3 3 ? ? ? ? ? ? ? ? ? 
;chain 'A' and (resseq 397:409)
;
'X-RAY DIFFRACTION' 4 4 ? ? ? ? ? ? ? ? ? 
;chain 'A' and (resseq 410:422)
;
'X-RAY DIFFRACTION' 5 5 ? ? ? ? ? ? ? ? ? 
;chain 'A' and (resseq 423:436)
;
# 
loop_
_software.name 
_software.classification 
_software.version 
_software.citation_id 
_software.pdbx_ordinal 
ADSC   'data collection' Quantum                    ? 1 
PHASER phasing           .                          ? 2 
PHENIX refinement        '(phenix.refine: 1.7_650)' ? 3 
XDS    'data reduction'  .                          ? 4 
XSCALE 'data scaling'    .                          ? 5 
# 
loop_
_chem_comp_atom.comp_id 
_chem_comp_atom.atom_id 
_chem_comp_atom.type_symbol 
_chem_comp_atom.pdbx_aromatic_flag 
_chem_comp_atom.pdbx_stereo_config 
_chem_comp_atom.pdbx_ordinal 
ALA N    N N N 1   
ALA CA   C N S 2   
ALA C    C N N 3   
ALA O    O N N 4   
ALA CB   C N N 5   
ALA OXT  O N N 6   
ALA H    H N N 7   
ALA H2   H N N 8   
ALA HA   H N N 9   
ALA HB1  H N N 10  
ALA HB2  H N N 11  
ALA HB3  H N N 12  
ALA HXT  H N N 13  
ARG N    N N N 14  
ARG CA   C N S 15  
ARG C    C N N 16  
ARG O    O N N 17  
ARG CB   C N N 18  
ARG CG   C N N 19  
ARG CD   C N N 20  
ARG NE   N N N 21  
ARG CZ   C N N 22  
ARG NH1  N N N 23  
ARG NH2  N N N 24  
ARG OXT  O N N 25  
ARG H    H N N 26  
ARG H2   H N N 27  
ARG HA   H N N 28  
ARG HB2  H N N 29  
ARG HB3  H N N 30  
ARG HG2  H N N 31  
ARG HG3  H N N 32  
ARG HD2  H N N 33  
ARG HD3  H N N 34  
ARG HE   H N N 35  
ARG HH11 H N N 36  
ARG HH12 H N N 37  
ARG HH21 H N N 38  
ARG HH22 H N N 39  
ARG HXT  H N N 40  
ASN N    N N N 41  
ASN CA   C N S 42  
ASN C    C N N 43  
ASN O    O N N 44  
ASN CB   C N N 45  
ASN CG   C N N 46  
ASN OD1  O N N 47  
ASN ND2  N N N 48  
ASN OXT  O N N 49  
ASN H    H N N 50  
ASN H2   H N N 51  
ASN HA   H N N 52  
ASN HB2  H N N 53  
ASN HB3  H N N 54  
ASN HD21 H N N 55  
ASN HD22 H N N 56  
ASN HXT  H N N 57  
ASP N    N N N 58  
ASP CA   C N S 59  
ASP C    C N N 60  
ASP O    O N N 61  
ASP CB   C N N 62  
ASP CG   C N N 63  
ASP OD1  O N N 64  
ASP OD2  O N N 65  
ASP OXT  O N N 66  
ASP H    H N N 67  
ASP H2   H N N 68  
ASP HA   H N N 69  
ASP HB2  H N N 70  
ASP HB3  H N N 71  
ASP HD2  H N N 72  
ASP HXT  H N N 73  
EDO C1   C N N 74  
EDO O1   O N N 75  
EDO C2   C N N 76  
EDO O2   O N N 77  
EDO H11  H N N 78  
EDO H12  H N N 79  
EDO HO1  H N N 80  
EDO H21  H N N 81  
EDO H22  H N N 82  
EDO HO2  H N N 83  
EDT O20  O N N 84  
EDT C5   C N N 85  
EDT O19  O N N 86  
EDT C4   C N N 87  
EDT N3   N N N 88  
EDT C2   C N N 89  
EDT C1   C N N 90  
EDT O18  O N N 91  
EDT O17  O N N 92  
EDT C6   C N N 93  
EDT C7   C N N 94  
EDT N8   N N N 95  
EDT C9   C N N 96  
EDT C10  C N N 97  
EDT O16  O N N 98  
EDT O15  O N N 99  
EDT C11  C N N 100 
EDT C12  C N N 101 
EDT O13  O N N 102 
EDT O14  O N N 103 
EDT H20  H N N 104 
EDT H041 H N N 105 
EDT H042 H N N 106 
EDT H021 H N N 107 
EDT H022 H N N 108 
EDT H17  H N N 109 
EDT H061 H N N 110 
EDT H062 H N N 111 
EDT H071 H N N 112 
EDT H072 H N N 113 
EDT H091 H N N 114 
EDT H092 H N N 115 
EDT H16  H N N 116 
EDT H111 H N N 117 
EDT H112 H N N 118 
EDT H14  H N N 119 
GLU N    N N N 120 
GLU CA   C N S 121 
GLU C    C N N 122 
GLU O    O N N 123 
GLU CB   C N N 124 
GLU CG   C N N 125 
GLU CD   C N N 126 
GLU OE1  O N N 127 
GLU OE2  O N N 128 
GLU OXT  O N N 129 
GLU H    H N N 130 
GLU H2   H N N 131 
GLU HA   H N N 132 
GLU HB2  H N N 133 
GLU HB3  H N N 134 
GLU HG2  H N N 135 
GLU HG3  H N N 136 
GLU HE2  H N N 137 
GLU HXT  H N N 138 
GLY N    N N N 139 
GLY CA   C N N 140 
GLY C    C N N 141 
GLY O    O N N 142 
GLY OXT  O N N 143 
GLY H    H N N 144 
GLY H2   H N N 145 
GLY HA2  H N N 146 
GLY HA3  H N N 147 
GLY HXT  H N N 148 
HIS N    N N N 149 
HIS CA   C N S 150 
HIS C    C N N 151 
HIS O    O N N 152 
HIS CB   C N N 153 
HIS CG   C Y N 154 
HIS ND1  N Y N 155 
HIS CD2  C Y N 156 
HIS CE1  C Y N 157 
HIS NE2  N Y N 158 
HIS OXT  O N N 159 
HIS H    H N N 160 
HIS H2   H N N 161 
HIS HA   H N N 162 
HIS HB2  H N N 163 
HIS HB3  H N N 164 
HIS HD1  H N N 165 
HIS HD2  H N N 166 
HIS HE1  H N N 167 
HIS HE2  H N N 168 
HIS HXT  H N N 169 
HOH O    O N N 170 
HOH H1   H N N 171 
HOH H2   H N N 172 
ILE N    N N N 173 
ILE CA   C N S 174 
ILE C    C N N 175 
ILE O    O N N 176 
ILE CB   C N S 177 
ILE CG1  C N N 178 
ILE CG2  C N N 179 
ILE CD1  C N N 180 
ILE OXT  O N N 181 
ILE H    H N N 182 
ILE H2   H N N 183 
ILE HA   H N N 184 
ILE HB   H N N 185 
ILE HG12 H N N 186 
ILE HG13 H N N 187 
ILE HG21 H N N 188 
ILE HG22 H N N 189 
ILE HG23 H N N 190 
ILE HD11 H N N 191 
ILE HD12 H N N 192 
ILE HD13 H N N 193 
ILE HXT  H N N 194 
IPA C1   C N N 195 
IPA C2   C N N 196 
IPA C3   C N N 197 
IPA O2   O N N 198 
IPA H11  H N N 199 
IPA H12  H N N 200 
IPA H13  H N N 201 
IPA H2   H N N 202 
IPA H31  H N N 203 
IPA H32  H N N 204 
IPA H33  H N N 205 
IPA HO2  H N N 206 
LEU N    N N N 207 
LEU CA   C N S 208 
LEU C    C N N 209 
LEU O    O N N 210 
LEU CB   C N N 211 
LEU CG   C N N 212 
LEU CD1  C N N 213 
LEU CD2  C N N 214 
LEU OXT  O N N 215 
LEU H    H N N 216 
LEU H2   H N N 217 
LEU HA   H N N 218 
LEU HB2  H N N 219 
LEU HB3  H N N 220 
LEU HG   H N N 221 
LEU HD11 H N N 222 
LEU HD12 H N N 223 
LEU HD13 H N N 224 
LEU HD21 H N N 225 
LEU HD22 H N N 226 
LEU HD23 H N N 227 
LEU HXT  H N N 228 
LYS N    N N N 229 
LYS CA   C N S 230 
LYS C    C N N 231 
LYS O    O N N 232 
LYS CB   C N N 233 
LYS CG   C N N 234 
LYS CD   C N N 235 
LYS CE   C N N 236 
LYS NZ   N N N 237 
LYS OXT  O N N 238 
LYS H    H N N 239 
LYS H2   H N N 240 
LYS HA   H N N 241 
LYS HB2  H N N 242 
LYS HB3  H N N 243 
LYS HG2  H N N 244 
LYS HG3  H N N 245 
LYS HD2  H N N 246 
LYS HD3  H N N 247 
LYS HE2  H N N 248 
LYS HE3  H N N 249 
LYS HZ1  H N N 250 
LYS HZ2  H N N 251 
LYS HZ3  H N N 252 
LYS HXT  H N N 253 
MET N    N N N 254 
MET CA   C N S 255 
MET C    C N N 256 
MET O    O N N 257 
MET CB   C N N 258 
MET CG   C N N 259 
MET SD   S N N 260 
MET CE   C N N 261 
MET OXT  O N N 262 
MET H    H N N 263 
MET H2   H N N 264 
MET HA   H N N 265 
MET HB2  H N N 266 
MET HB3  H N N 267 
MET HG2  H N N 268 
MET HG3  H N N 269 
MET HE1  H N N 270 
MET HE2  H N N 271 
MET HE3  H N N 272 
MET HXT  H N N 273 
PHE N    N N N 274 
PHE CA   C N S 275 
PHE C    C N N 276 
PHE O    O N N 277 
PHE CB   C N N 278 
PHE CG   C Y N 279 
PHE CD1  C Y N 280 
PHE CD2  C Y N 281 
PHE CE1  C Y N 282 
PHE CE2  C Y N 283 
PHE CZ   C Y N 284 
PHE OXT  O N N 285 
PHE H    H N N 286 
PHE H2   H N N 287 
PHE HA   H N N 288 
PHE HB2  H N N 289 
PHE HB3  H N N 290 
PHE HD1  H N N 291 
PHE HD2  H N N 292 
PHE HE1  H N N 293 
PHE HE2  H N N 294 
PHE HZ   H N N 295 
PHE HXT  H N N 296 
PRO N    N N N 297 
PRO CA   C N S 298 
PRO C    C N N 299 
PRO O    O N N 300 
PRO CB   C N N 301 
PRO CG   C N N 302 
PRO CD   C N N 303 
PRO OXT  O N N 304 
PRO H    H N N 305 
PRO HA   H N N 306 
PRO HB2  H N N 307 
PRO HB3  H N N 308 
PRO HG2  H N N 309 
PRO HG3  H N N 310 
PRO HD2  H N N 311 
PRO HD3  H N N 312 
PRO HXT  H N N 313 
SER N    N N N 314 
SER CA   C N S 315 
SER C    C N N 316 
SER O    O N N 317 
SER CB   C N N 318 
SER OG   O N N 319 
SER OXT  O N N 320 
SER H    H N N 321 
SER H2   H N N 322 
SER HA   H N N 323 
SER HB2  H N N 324 
SER HB3  H N N 325 
SER HG   H N N 326 
SER HXT  H N N 327 
THR N    N N N 328 
THR CA   C N S 329 
THR C    C N N 330 
THR O    O N N 331 
THR CB   C N R 332 
THR OG1  O N N 333 
THR CG2  C N N 334 
THR OXT  O N N 335 
THR H    H N N 336 
THR H2   H N N 337 
THR HA   H N N 338 
THR HB   H N N 339 
THR HG1  H N N 340 
THR HG21 H N N 341 
THR HG22 H N N 342 
THR HG23 H N N 343 
THR HXT  H N N 344 
TRP N    N N N 345 
TRP CA   C N S 346 
TRP C    C N N 347 
TRP O    O N N 348 
TRP CB   C N N 349 
TRP CG   C Y N 350 
TRP CD1  C Y N 351 
TRP CD2  C Y N 352 
TRP NE1  N Y N 353 
TRP CE2  C Y N 354 
TRP CE3  C Y N 355 
TRP CZ2  C Y N 356 
TRP CZ3  C Y N 357 
TRP CH2  C Y N 358 
TRP OXT  O N N 359 
TRP H    H N N 360 
TRP H2   H N N 361 
TRP HA   H N N 362 
TRP HB2  H N N 363 
TRP HB3  H N N 364 
TRP HD1  H N N 365 
TRP HE1  H N N 366 
TRP HE3  H N N 367 
TRP HZ2  H N N 368 
TRP HZ3  H N N 369 
TRP HH2  H N N 370 
TRP HXT  H N N 371 
TYR N    N N N 372 
TYR CA   C N S 373 
TYR C    C N N 374 
TYR O    O N N 375 
TYR CB   C N N 376 
TYR CG   C Y N 377 
TYR CD1  C Y N 378 
TYR CD2  C Y N 379 
TYR CE1  C Y N 380 
TYR CE2  C Y N 381 
TYR CZ   C Y N 382 
TYR OH   O N N 383 
TYR OXT  O N N 384 
TYR H    H N N 385 
TYR H2   H N N 386 
TYR HA   H N N 387 
TYR HB2  H N N 388 
TYR HB3  H N N 389 
TYR HD1  H N N 390 
TYR HD2  H N N 391 
TYR HE1  H N N 392 
TYR HE2  H N N 393 
TYR HH   H N N 394 
TYR HXT  H N N 395 
VAL N    N N N 396 
VAL CA   C N S 397 
VAL C    C N N 398 
VAL O    O N N 399 
VAL CB   C N N 400 
VAL CG1  C N N 401 
VAL CG2  C N N 402 
VAL OXT  O N N 403 
VAL H    H N N 404 
VAL H2   H N N 405 
VAL HA   H N N 406 
VAL HB   H N N 407 
VAL HG11 H N N 408 
VAL HG12 H N N 409 
VAL HG13 H N N 410 
VAL HG21 H N N 411 
VAL HG22 H N N 412 
VAL HG23 H N N 413 
VAL HXT  H N N 414 
# 
loop_
_chem_comp_bond.comp_id 
_chem_comp_bond.atom_id_1 
_chem_comp_bond.atom_id_2 
_chem_comp_bond.value_order 
_chem_comp_bond.pdbx_aromatic_flag 
_chem_comp_bond.pdbx_stereo_config 
_chem_comp_bond.pdbx_ordinal 
ALA N   CA   sing N N 1   
ALA N   H    sing N N 2   
ALA N   H2   sing N N 3   
ALA CA  C    sing N N 4   
ALA CA  CB   sing N N 5   
ALA CA  HA   sing N N 6   
ALA C   O    doub N N 7   
ALA C   OXT  sing N N 8   
ALA CB  HB1  sing N N 9   
ALA CB  HB2  sing N N 10  
ALA CB  HB3  sing N N 11  
ALA OXT HXT  sing N N 12  
ARG N   CA   sing N N 13  
ARG N   H    sing N N 14  
ARG N   H2   sing N N 15  
ARG CA  C    sing N N 16  
ARG CA  CB   sing N N 17  
ARG CA  HA   sing N N 18  
ARG C   O    doub N N 19  
ARG C   OXT  sing N N 20  
ARG CB  CG   sing N N 21  
ARG CB  HB2  sing N N 22  
ARG CB  HB3  sing N N 23  
ARG CG  CD   sing N N 24  
ARG CG  HG2  sing N N 25  
ARG CG  HG3  sing N N 26  
ARG CD  NE   sing N N 27  
ARG CD  HD2  sing N N 28  
ARG CD  HD3  sing N N 29  
ARG NE  CZ   sing N N 30  
ARG NE  HE   sing N N 31  
ARG CZ  NH1  sing N N 32  
ARG CZ  NH2  doub N N 33  
ARG NH1 HH11 sing N N 34  
ARG NH1 HH12 sing N N 35  
ARG NH2 HH21 sing N N 36  
ARG NH2 HH22 sing N N 37  
ARG OXT HXT  sing N N 38  
ASN N   CA   sing N N 39  
ASN N   H    sing N N 40  
ASN N   H2   sing N N 41  
ASN CA  C    sing N N 42  
ASN CA  CB   sing N N 43  
ASN CA  HA   sing N N 44  
ASN C   O    doub N N 45  
ASN C   OXT  sing N N 46  
ASN CB  CG   sing N N 47  
ASN CB  HB2  sing N N 48  
ASN CB  HB3  sing N N 49  
ASN CG  OD1  doub N N 50  
ASN CG  ND2  sing N N 51  
ASN ND2 HD21 sing N N 52  
ASN ND2 HD22 sing N N 53  
ASN OXT HXT  sing N N 54  
ASP N   CA   sing N N 55  
ASP N   H    sing N N 56  
ASP N   H2   sing N N 57  
ASP CA  C    sing N N 58  
ASP CA  CB   sing N N 59  
ASP CA  HA   sing N N 60  
ASP C   O    doub N N 61  
ASP C   OXT  sing N N 62  
ASP CB  CG   sing N N 63  
ASP CB  HB2  sing N N 64  
ASP CB  HB3  sing N N 65  
ASP CG  OD1  doub N N 66  
ASP CG  OD2  sing N N 67  
ASP OD2 HD2  sing N N 68  
ASP OXT HXT  sing N N 69  
EDO C1  O1   sing N N 70  
EDO C1  C2   sing N N 71  
EDO C1  H11  sing N N 72  
EDO C1  H12  sing N N 73  
EDO O1  HO1  sing N N 74  
EDO C2  O2   sing N N 75  
EDO C2  H21  sing N N 76  
EDO C2  H22  sing N N 77  
EDO O2  HO2  sing N N 78  
EDT O20 C5   sing N N 79  
EDT O20 H20  sing N N 80  
EDT C5  O19  doub N N 81  
EDT C5  C4   sing N N 82  
EDT C4  N3   sing N N 83  
EDT C4  H041 sing N N 84  
EDT C4  H042 sing N N 85  
EDT N3  C2   sing N N 86  
EDT N3  C6   sing N N 87  
EDT C2  C1   sing N N 88  
EDT C2  H021 sing N N 89  
EDT C2  H022 sing N N 90  
EDT C1  O18  doub N N 91  
EDT C1  O17  sing N N 92  
EDT O17 H17  sing N N 93  
EDT C6  C7   sing N N 94  
EDT C6  H061 sing N N 95  
EDT C6  H062 sing N N 96  
EDT C7  N8   sing N N 97  
EDT C7  H071 sing N N 98  
EDT C7  H072 sing N N 99  
EDT N8  C9   sing N N 100 
EDT N8  C11  sing N N 101 
EDT C9  C10  sing N N 102 
EDT C9  H091 sing N N 103 
EDT C9  H092 sing N N 104 
EDT C10 O16  sing N N 105 
EDT C10 O15  doub N N 106 
EDT O16 H16  sing N N 107 
EDT C11 C12  sing N N 108 
EDT C11 H111 sing N N 109 
EDT C11 H112 sing N N 110 
EDT C12 O13  doub N N 111 
EDT C12 O14  sing N N 112 
EDT O14 H14  sing N N 113 
GLU N   CA   sing N N 114 
GLU N   H    sing N N 115 
GLU N   H2   sing N N 116 
GLU CA  C    sing N N 117 
GLU CA  CB   sing N N 118 
GLU CA  HA   sing N N 119 
GLU C   O    doub N N 120 
GLU C   OXT  sing N N 121 
GLU CB  CG   sing N N 122 
GLU CB  HB2  sing N N 123 
GLU CB  HB3  sing N N 124 
GLU CG  CD   sing N N 125 
GLU CG  HG2  sing N N 126 
GLU CG  HG3  sing N N 127 
GLU CD  OE1  doub N N 128 
GLU CD  OE2  sing N N 129 
GLU OE2 HE2  sing N N 130 
GLU OXT HXT  sing N N 131 
GLY N   CA   sing N N 132 
GLY N   H    sing N N 133 
GLY N   H2   sing N N 134 
GLY CA  C    sing N N 135 
GLY CA  HA2  sing N N 136 
GLY CA  HA3  sing N N 137 
GLY C   O    doub N N 138 
GLY C   OXT  sing N N 139 
GLY OXT HXT  sing N N 140 
HIS N   CA   sing N N 141 
HIS N   H    sing N N 142 
HIS N   H2   sing N N 143 
HIS CA  C    sing N N 144 
HIS CA  CB   sing N N 145 
HIS CA  HA   sing N N 146 
HIS C   O    doub N N 147 
HIS C   OXT  sing N N 148 
HIS CB  CG   sing N N 149 
HIS CB  HB2  sing N N 150 
HIS CB  HB3  sing N N 151 
HIS CG  ND1  sing Y N 152 
HIS CG  CD2  doub Y N 153 
HIS ND1 CE1  doub Y N 154 
HIS ND1 HD1  sing N N 155 
HIS CD2 NE2  sing Y N 156 
HIS CD2 HD2  sing N N 157 
HIS CE1 NE2  sing Y N 158 
HIS CE1 HE1  sing N N 159 
HIS NE2 HE2  sing N N 160 
HIS OXT HXT  sing N N 161 
HOH O   H1   sing N N 162 
HOH O   H2   sing N N 163 
ILE N   CA   sing N N 164 
ILE N   H    sing N N 165 
ILE N   H2   sing N N 166 
ILE CA  C    sing N N 167 
ILE CA  CB   sing N N 168 
ILE CA  HA   sing N N 169 
ILE C   O    doub N N 170 
ILE C   OXT  sing N N 171 
ILE CB  CG1  sing N N 172 
ILE CB  CG2  sing N N 173 
ILE CB  HB   sing N N 174 
ILE CG1 CD1  sing N N 175 
ILE CG1 HG12 sing N N 176 
ILE CG1 HG13 sing N N 177 
ILE CG2 HG21 sing N N 178 
ILE CG2 HG22 sing N N 179 
ILE CG2 HG23 sing N N 180 
ILE CD1 HD11 sing N N 181 
ILE CD1 HD12 sing N N 182 
ILE CD1 HD13 sing N N 183 
ILE OXT HXT  sing N N 184 
IPA C1  C2   sing N N 185 
IPA C1  H11  sing N N 186 
IPA C1  H12  sing N N 187 
IPA C1  H13  sing N N 188 
IPA C2  C3   sing N N 189 
IPA C2  O2   sing N N 190 
IPA C2  H2   sing N N 191 
IPA C3  H31  sing N N 192 
IPA C3  H32  sing N N 193 
IPA C3  H33  sing N N 194 
IPA O2  HO2  sing N N 195 
LEU N   CA   sing N N 196 
LEU N   H    sing N N 197 
LEU N   H2   sing N N 198 
LEU CA  C    sing N N 199 
LEU CA  CB   sing N N 200 
LEU CA  HA   sing N N 201 
LEU C   O    doub N N 202 
LEU C   OXT  sing N N 203 
LEU CB  CG   sing N N 204 
LEU CB  HB2  sing N N 205 
LEU CB  HB3  sing N N 206 
LEU CG  CD1  sing N N 207 
LEU CG  CD2  sing N N 208 
LEU CG  HG   sing N N 209 
LEU CD1 HD11 sing N N 210 
LEU CD1 HD12 sing N N 211 
LEU CD1 HD13 sing N N 212 
LEU CD2 HD21 sing N N 213 
LEU CD2 HD22 sing N N 214 
LEU CD2 HD23 sing N N 215 
LEU OXT HXT  sing N N 216 
LYS N   CA   sing N N 217 
LYS N   H    sing N N 218 
LYS N   H2   sing N N 219 
LYS CA  C    sing N N 220 
LYS CA  CB   sing N N 221 
LYS CA  HA   sing N N 222 
LYS C   O    doub N N 223 
LYS C   OXT  sing N N 224 
LYS CB  CG   sing N N 225 
LYS CB  HB2  sing N N 226 
LYS CB  HB3  sing N N 227 
LYS CG  CD   sing N N 228 
LYS CG  HG2  sing N N 229 
LYS CG  HG3  sing N N 230 
LYS CD  CE   sing N N 231 
LYS CD  HD2  sing N N 232 
LYS CD  HD3  sing N N 233 
LYS CE  NZ   sing N N 234 
LYS CE  HE2  sing N N 235 
LYS CE  HE3  sing N N 236 
LYS NZ  HZ1  sing N N 237 
LYS NZ  HZ2  sing N N 238 
LYS NZ  HZ3  sing N N 239 
LYS OXT HXT  sing N N 240 
MET N   CA   sing N N 241 
MET N   H    sing N N 242 
MET N   H2   sing N N 243 
MET CA  C    sing N N 244 
MET CA  CB   sing N N 245 
MET CA  HA   sing N N 246 
MET C   O    doub N N 247 
MET C   OXT  sing N N 248 
MET CB  CG   sing N N 249 
MET CB  HB2  sing N N 250 
MET CB  HB3  sing N N 251 
MET CG  SD   sing N N 252 
MET CG  HG2  sing N N 253 
MET CG  HG3  sing N N 254 
MET SD  CE   sing N N 255 
MET CE  HE1  sing N N 256 
MET CE  HE2  sing N N 257 
MET CE  HE3  sing N N 258 
MET OXT HXT  sing N N 259 
PHE N   CA   sing N N 260 
PHE N   H    sing N N 261 
PHE N   H2   sing N N 262 
PHE CA  C    sing N N 263 
PHE CA  CB   sing N N 264 
PHE CA  HA   sing N N 265 
PHE C   O    doub N N 266 
PHE C   OXT  sing N N 267 
PHE CB  CG   sing N N 268 
PHE CB  HB2  sing N N 269 
PHE CB  HB3  sing N N 270 
PHE CG  CD1  doub Y N 271 
PHE CG  CD2  sing Y N 272 
PHE CD1 CE1  sing Y N 273 
PHE CD1 HD1  sing N N 274 
PHE CD2 CE2  doub Y N 275 
PHE CD2 HD2  sing N N 276 
PHE CE1 CZ   doub Y N 277 
PHE CE1 HE1  sing N N 278 
PHE CE2 CZ   sing Y N 279 
PHE CE2 HE2  sing N N 280 
PHE CZ  HZ   sing N N 281 
PHE OXT HXT  sing N N 282 
PRO N   CA   sing N N 283 
PRO N   CD   sing N N 284 
PRO N   H    sing N N 285 
PRO CA  C    sing N N 286 
PRO CA  CB   sing N N 287 
PRO CA  HA   sing N N 288 
PRO C   O    doub N N 289 
PRO C   OXT  sing N N 290 
PRO CB  CG   sing N N 291 
PRO CB  HB2  sing N N 292 
PRO CB  HB3  sing N N 293 
PRO CG  CD   sing N N 294 
PRO CG  HG2  sing N N 295 
PRO CG  HG3  sing N N 296 
PRO CD  HD2  sing N N 297 
PRO CD  HD3  sing N N 298 
PRO OXT HXT  sing N N 299 
SER N   CA   sing N N 300 
SER N   H    sing N N 301 
SER N   H2   sing N N 302 
SER CA  C    sing N N 303 
SER CA  CB   sing N N 304 
SER CA  HA   sing N N 305 
SER C   O    doub N N 306 
SER C   OXT  sing N N 307 
SER CB  OG   sing N N 308 
SER CB  HB2  sing N N 309 
SER CB  HB3  sing N N 310 
SER OG  HG   sing N N 311 
SER OXT HXT  sing N N 312 
THR N   CA   sing N N 313 
THR N   H    sing N N 314 
THR N   H2   sing N N 315 
THR CA  C    sing N N 316 
THR CA  CB   sing N N 317 
THR CA  HA   sing N N 318 
THR C   O    doub N N 319 
THR C   OXT  sing N N 320 
THR CB  OG1  sing N N 321 
THR CB  CG2  sing N N 322 
THR CB  HB   sing N N 323 
THR OG1 HG1  sing N N 324 
THR CG2 HG21 sing N N 325 
THR CG2 HG22 sing N N 326 
THR CG2 HG23 sing N N 327 
THR OXT HXT  sing N N 328 
TRP N   CA   sing N N 329 
TRP N   H    sing N N 330 
TRP N   H2   sing N N 331 
TRP CA  C    sing N N 332 
TRP CA  CB   sing N N 333 
TRP CA  HA   sing N N 334 
TRP C   O    doub N N 335 
TRP C   OXT  sing N N 336 
TRP CB  CG   sing N N 337 
TRP CB  HB2  sing N N 338 
TRP CB  HB3  sing N N 339 
TRP CG  CD1  doub Y N 340 
TRP CG  CD2  sing Y N 341 
TRP CD1 NE1  sing Y N 342 
TRP CD1 HD1  sing N N 343 
TRP CD2 CE2  doub Y N 344 
TRP CD2 CE3  sing Y N 345 
TRP NE1 CE2  sing Y N 346 
TRP NE1 HE1  sing N N 347 
TRP CE2 CZ2  sing Y N 348 
TRP CE3 CZ3  doub Y N 349 
TRP CE3 HE3  sing N N 350 
TRP CZ2 CH2  doub Y N 351 
TRP CZ2 HZ2  sing N N 352 
TRP CZ3 CH2  sing Y N 353 
TRP CZ3 HZ3  sing N N 354 
TRP CH2 HH2  sing N N 355 
TRP OXT HXT  sing N N 356 
TYR N   CA   sing N N 357 
TYR N   H    sing N N 358 
TYR N   H2   sing N N 359 
TYR CA  C    sing N N 360 
TYR CA  CB   sing N N 361 
TYR CA  HA   sing N N 362 
TYR C   O    doub N N 363 
TYR C   OXT  sing N N 364 
TYR CB  CG   sing N N 365 
TYR CB  HB2  sing N N 366 
TYR CB  HB3  sing N N 367 
TYR CG  CD1  doub Y N 368 
TYR CG  CD2  sing Y N 369 
TYR CD1 CE1  sing Y N 370 
TYR CD1 HD1  sing N N 371 
TYR CD2 CE2  doub Y N 372 
TYR CD2 HD2  sing N N 373 
TYR CE1 CZ   doub Y N 374 
TYR CE1 HE1  sing N N 375 
TYR CE2 CZ   sing Y N 376 
TYR CE2 HE2  sing N N 377 
TYR CZ  OH   sing N N 378 
TYR OH  HH   sing N N 379 
TYR OXT HXT  sing N N 380 
VAL N   CA   sing N N 381 
VAL N   H    sing N N 382 
VAL N   H2   sing N N 383 
VAL CA  C    sing N N 384 
VAL CA  CB   sing N N 385 
VAL CA  HA   sing N N 386 
VAL C   O    doub N N 387 
VAL C   OXT  sing N N 388 
VAL CB  CG1  sing N N 389 
VAL CB  CG2  sing N N 390 
VAL CB  HB   sing N N 391 
VAL CG1 HG11 sing N N 392 
VAL CG1 HG12 sing N N 393 
VAL CG1 HG13 sing N N 394 
VAL CG2 HG21 sing N N 395 
VAL CG2 HG22 sing N N 396 
VAL CG2 HG23 sing N N 397 
VAL OXT HXT  sing N N 398 
# 
loop_
_pdbx_entity_nonpoly.entity_id 
_pdbx_entity_nonpoly.name 
_pdbx_entity_nonpoly.comp_id 
2 '{[-(BIS-CARBOXYMETHYL-AMINO)-ETHYL]-CARBOXYMETHYL-AMINO}-ACETIC ACID' EDT 
3 1,2-ETHANEDIOL                                                         EDO 
4 'ISOPROPYL ALCOHOL'                                                    IPA 
5 water                                                                  HOH 
# 
loop_
_pdbx_initial_refinement_model.id 
_pdbx_initial_refinement_model.entity_id_list 
_pdbx_initial_refinement_model.type 
_pdbx_initial_refinement_model.source_name 
_pdbx_initial_refinement_model.accession_code 
_pdbx_initial_refinement_model.details 
1 ? 'experimental model' PDB 1BG5 '1BG5, 1Y6E, 1GNE, 1DUG and 3QMZ' 
2 ? 'experimental model' PDB 1Y6E '1BG5, 1Y6E, 1GNE, 1DUG and 3QMZ' 
3 ? 'experimental model' PDB 1GNE '1BG5, 1Y6E, 1GNE, 1DUG and 3QMZ' 
4 ? 'experimental model' PDB 1DUG '1BG5, 1Y6E, 1GNE, 1DUG and 3QMZ' 
5 ? 'experimental model' PDB 3QMZ '1BG5, 1Y6E, 1GNE, 1DUG and 3QMZ' 
# 
